data_9U9N
#
_entry.id   9U9N
#
_cell.length_a   1.000
_cell.length_b   1.000
_cell.length_c   1.000
_cell.angle_alpha   90.00
_cell.angle_beta   90.00
_cell.angle_gamma   90.00
#
_symmetry.space_group_name_H-M   'P 1'
#
_entity_poly.entity_id   1
_entity_poly.type   'polypeptide(L)'
_entity_poly.pdbx_seq_one_letter_code
;MLLCYSCKAQVSNEDCLQVENCTQLGEQCWTARIRAVGLLTVISKGCSLNCVDDSQDYYVGKKNITCCDTDLCNAS
;
_entity_poly.pdbx_strand_id   A
#
# COMPACT_ATOMS: atom_id res chain seq x y z
N MET A 1 -5.87 -11.00 -12.90
CA MET A 1 -6.13 -9.91 -11.98
C MET A 1 -5.67 -10.26 -10.57
N LEU A 2 -4.99 -9.33 -9.92
CA LEU A 2 -4.49 -9.55 -8.57
C LEU A 2 -5.43 -8.93 -7.53
N LEU A 3 -5.59 -9.60 -6.40
CA LEU A 3 -6.45 -9.11 -5.33
C LEU A 3 -5.63 -8.48 -4.21
N CYS A 4 -5.95 -7.23 -3.88
CA CYS A 4 -5.26 -6.52 -2.82
C CYS A 4 -6.19 -5.56 -2.09
N TYR A 5 -5.87 -5.26 -0.85
CA TYR A 5 -6.68 -4.37 -0.03
C TYR A 5 -6.70 -2.95 -0.62
N SER A 6 -7.59 -2.11 -0.12
CA SER A 6 -7.70 -0.74 -0.60
C SER A 6 -8.16 0.19 0.53
N CYS A 7 -7.20 0.90 1.12
CA CYS A 7 -7.51 1.82 2.21
C CYS A 7 -6.60 3.05 2.13
N LYS A 8 -7.16 4.16 1.65
CA LYS A 8 -6.41 5.40 1.53
C LYS A 8 -6.74 6.34 2.68
N ALA A 9 -5.73 7.05 3.17
CA ALA A 9 -5.91 7.99 4.26
C ALA A 9 -6.66 7.34 5.43
N GLN A 10 -6.21 6.16 5.83
CA GLN A 10 -6.84 5.44 6.93
C GLN A 10 -5.86 5.27 8.09
N VAL A 11 -6.37 5.40 9.31
CA VAL A 11 -5.55 5.26 10.51
C VAL A 11 -6.00 4.06 11.34
N SER A 12 -7.21 3.60 11.09
CA SER A 12 -7.76 2.46 11.81
C SER A 12 -7.69 1.18 10.96
N ASN A 13 -6.87 0.23 11.39
CA ASN A 13 -6.72 -1.03 10.68
C ASN A 13 -8.04 -1.80 10.65
N GLU A 14 -8.77 -1.74 11.75
CA GLU A 14 -10.05 -2.44 11.86
C GLU A 14 -10.97 -2.07 10.70
N ASP A 15 -10.83 -0.84 10.22
CA ASP A 15 -11.65 -0.34 9.12
C ASP A 15 -11.01 -0.70 7.78
N CYS A 16 -9.70 -0.93 7.79
CA CYS A 16 -8.98 -1.27 6.57
C CYS A 16 -9.11 -2.75 6.26
N LEU A 17 -10.32 -3.17 5.87
CA LEU A 17 -10.58 -4.56 5.55
C LEU A 17 -11.39 -4.67 4.26
N GLN A 18 -11.18 -3.72 3.36
CA GLN A 18 -11.89 -3.71 2.08
C GLN A 18 -11.00 -4.24 0.97
N VAL A 19 -11.15 -5.53 0.67
CA VAL A 19 -10.36 -6.17 -0.38
C VAL A 19 -11.02 -5.98 -1.75
N GLU A 20 -10.25 -5.46 -2.70
CA GLU A 20 -10.76 -5.23 -4.05
C GLU A 20 -9.80 -5.80 -5.09
N ASN A 21 -10.36 -6.31 -6.18
CA ASN A 21 -9.55 -6.89 -7.25
C ASN A 21 -9.05 -5.81 -8.20
N CYS A 22 -7.80 -5.94 -8.63
CA CYS A 22 -7.20 -4.97 -9.54
C CYS A 22 -7.91 -4.98 -10.89
N THR A 23 -7.42 -4.17 -11.83
CA THR A 23 -8.01 -4.08 -13.15
C THR A 23 -7.63 -5.30 -14.00
N GLN A 24 -6.35 -5.40 -14.34
CA GLN A 24 -5.86 -6.51 -15.14
C GLN A 24 -4.61 -7.12 -14.52
N LEU A 25 -4.24 -8.31 -14.99
CA LEU A 25 -3.07 -9.00 -14.49
C LEU A 25 -1.79 -8.25 -14.85
N GLY A 26 -0.76 -8.40 -14.03
CA GLY A 26 0.51 -7.73 -14.29
C GLY A 26 0.77 -6.60 -13.32
N GLU A 27 -0.30 -5.92 -12.89
CA GLU A 27 -0.17 -4.81 -11.96
C GLU A 27 0.29 -5.30 -10.59
N GLN A 28 1.12 -4.49 -9.93
CA GLN A 28 1.63 -4.84 -8.61
C GLN A 28 1.03 -3.96 -7.53
N CYS A 29 0.97 -4.48 -6.31
CA CYS A 29 0.42 -3.72 -5.19
C CYS A 29 1.51 -3.22 -4.27
N TRP A 30 1.24 -2.15 -3.54
CA TRP A 30 2.20 -1.57 -2.62
C TRP A 30 1.51 -1.00 -1.39
N THR A 31 2.25 -0.93 -0.29
CA THR A 31 1.71 -0.40 0.96
C THR A 31 2.57 0.73 1.51
N ALA A 32 1.94 1.86 1.82
CA ALA A 32 2.66 3.01 2.35
C ALA A 32 2.39 3.17 3.84
N ARG A 33 3.43 3.50 4.59
CA ARG A 33 3.31 3.69 6.03
C ARG A 33 3.72 5.11 6.44
N ILE A 34 2.80 5.82 7.07
CA ILE A 34 3.06 7.19 7.51
C ILE A 34 3.03 7.29 9.03
N ARG A 35 4.15 7.73 9.60
CA ARG A 35 4.27 7.88 11.04
C ARG A 35 5.03 9.15 11.40
N ALA A 36 4.28 10.21 11.71
CA ALA A 36 4.88 11.49 12.08
C ALA A 36 5.45 11.44 13.50
N VAL A 37 6.09 12.54 13.90
CA VAL A 37 6.68 12.62 15.23
C VAL A 37 5.66 12.25 16.30
N GLY A 38 4.40 12.59 16.06
CA GLY A 38 3.36 12.29 17.02
C GLY A 38 3.08 10.80 17.14
N LEU A 39 1.82 10.43 17.22
CA LEU A 39 1.42 9.04 17.34
C LEU A 39 0.55 8.61 16.17
N LEU A 40 -0.19 9.56 15.61
CA LEU A 40 -1.06 9.28 14.48
C LEU A 40 -0.32 8.52 13.38
N THR A 41 -1.00 7.58 12.74
CA THR A 41 -0.40 6.80 11.67
C THR A 41 -1.42 6.48 10.58
N VAL A 42 -1.08 6.83 9.34
CA VAL A 42 -1.97 6.57 8.21
C VAL A 42 -1.48 5.39 7.39
N ILE A 43 -2.37 4.87 6.54
CA ILE A 43 -2.02 3.73 5.69
C ILE A 43 -2.64 3.88 4.30
N SER A 44 -1.81 3.66 3.27
CA SER A 44 -2.28 3.77 1.90
C SER A 44 -1.75 2.62 1.05
N LYS A 45 -2.41 2.35 -0.06
CA LYS A 45 -2.01 1.28 -0.96
C LYS A 45 -2.46 1.56 -2.40
N GLY A 46 -1.72 1.03 -3.36
CA GLY A 46 -2.06 1.24 -4.76
C GLY A 46 -1.85 -0.01 -5.60
N CYS A 47 -2.28 0.04 -6.86
CA CYS A 47 -2.15 -1.09 -7.77
C CYS A 47 -1.93 -0.61 -9.19
N SER A 48 -0.73 -0.81 -9.71
CA SER A 48 -0.39 -0.41 -11.06
C SER A 48 0.91 -1.05 -11.53
N LEU A 49 1.26 -0.83 -12.79
CA LEU A 49 2.47 -1.39 -13.37
C LEU A 49 3.71 -0.72 -12.78
N ASN A 50 3.65 0.60 -12.64
CA ASN A 50 4.77 1.37 -12.10
C ASN A 50 4.90 1.15 -10.59
N CYS A 51 5.64 0.11 -10.21
CA CYS A 51 5.83 -0.21 -8.80
C CYS A 51 7.25 -0.69 -8.54
N VAL A 52 8.16 0.26 -8.30
CA VAL A 52 9.55 -0.08 -8.04
C VAL A 52 9.68 -1.07 -6.89
N ASP A 53 10.50 -2.10 -7.08
CA ASP A 53 10.70 -3.12 -6.06
C ASP A 53 11.08 -2.48 -4.73
N ASP A 54 11.85 -1.40 -4.79
CA ASP A 54 12.27 -0.69 -3.59
C ASP A 54 12.38 0.81 -3.85
N SER A 55 11.58 1.59 -3.12
CA SER A 55 11.59 3.04 -3.28
C SER A 55 12.58 3.69 -2.31
N GLN A 56 13.78 3.96 -2.81
CA GLN A 56 14.82 4.58 -2.00
C GLN A 56 15.10 6.01 -2.46
N ASP A 57 15.09 6.21 -3.77
CA ASP A 57 15.34 7.53 -4.35
C ASP A 57 14.23 8.50 -3.97
N TYR A 58 13.00 8.00 -3.91
CA TYR A 58 11.86 8.83 -3.57
C TYR A 58 10.90 8.09 -2.64
N TYR A 59 9.81 8.75 -2.27
CA TYR A 59 8.82 8.15 -1.39
C TYR A 59 9.45 7.66 -0.09
N VAL A 60 10.18 8.55 0.57
CA VAL A 60 10.85 8.22 1.83
C VAL A 60 10.70 9.34 2.84
N GLY A 61 11.28 9.14 4.03
CA GLY A 61 11.21 10.15 5.07
C GLY A 61 10.08 9.87 6.06
N LYS A 62 8.85 10.18 5.65
CA LYS A 62 7.69 9.97 6.50
C LYS A 62 6.80 8.87 5.94
N LYS A 63 6.70 8.81 4.61
CA LYS A 63 5.89 7.79 3.95
C LYS A 63 6.75 6.88 3.09
N ASN A 64 6.80 5.60 3.47
CA ASN A 64 7.60 4.62 2.73
C ASN A 64 6.69 3.62 2.01
N ILE A 65 6.82 3.57 0.69
CA ILE A 65 6.02 2.65 -0.12
C ILE A 65 6.77 1.35 -0.39
N THR A 66 6.13 0.23 -0.05
CA THR A 66 6.73 -1.08 -0.26
C THR A 66 5.98 -1.88 -1.32
N CYS A 67 6.67 -2.22 -2.40
CA CYS A 67 6.06 -2.99 -3.48
C CYS A 67 5.97 -4.47 -3.11
N CYS A 68 5.08 -5.18 -3.80
CA CYS A 68 4.90 -6.61 -3.55
C CYS A 68 4.03 -7.24 -4.64
N ASP A 69 4.37 -8.48 -5.02
CA ASP A 69 3.62 -9.19 -6.04
C ASP A 69 2.94 -10.42 -5.45
N THR A 70 2.22 -10.22 -4.34
CA THR A 70 1.52 -11.31 -3.68
C THR A 70 0.07 -10.93 -3.40
N ASP A 71 -0.80 -11.93 -3.40
CA ASP A 71 -2.22 -11.70 -3.15
C ASP A 71 -2.44 -11.14 -1.75
N LEU A 72 -3.09 -10.00 -1.66
CA LEU A 72 -3.37 -9.35 -0.38
C LEU A 72 -2.06 -9.06 0.37
N CYS A 73 -1.02 -8.73 -0.38
CA CYS A 73 0.27 -8.43 0.21
C CYS A 73 0.19 -7.20 1.11
N ASN A 74 -0.75 -6.32 0.80
CA ASN A 74 -0.94 -5.10 1.58
C ASN A 74 -2.00 -5.29 2.66
N ALA A 75 -2.11 -6.53 3.15
CA ALA A 75 -3.09 -6.84 4.18
C ALA A 75 -2.69 -6.22 5.51
N SER A 76 -1.40 -6.28 5.83
CA SER A 76 -0.90 -5.72 7.08
C SER A 76 -0.68 -4.22 6.96
N MET A 1 -6.07 -9.11 -12.70
CA MET A 1 -7.12 -8.91 -11.72
C MET A 1 -6.61 -9.22 -10.31
N LEU A 2 -5.36 -8.87 -10.04
CA LEU A 2 -4.75 -9.11 -8.74
C LEU A 2 -5.58 -8.47 -7.64
N LEU A 3 -5.87 -9.25 -6.60
CA LEU A 3 -6.65 -8.75 -5.46
C LEU A 3 -5.75 -8.24 -4.37
N CYS A 4 -6.00 -7.01 -3.92
CA CYS A 4 -5.21 -6.40 -2.87
C CYS A 4 -6.07 -5.47 -2.00
N TYR A 5 -5.65 -5.28 -0.75
CA TYR A 5 -6.38 -4.43 0.17
C TYR A 5 -6.35 -2.97 -0.29
N SER A 6 -7.25 -2.16 0.25
CA SER A 6 -7.33 -0.75 -0.10
C SER A 6 -7.97 0.07 1.02
N CYS A 7 -7.21 1.00 1.57
CA CYS A 7 -7.70 1.85 2.65
C CYS A 7 -7.17 3.27 2.51
N LYS A 8 -7.96 4.14 1.89
CA LYS A 8 -7.56 5.54 1.69
C LYS A 8 -7.31 6.22 3.03
N ALA A 9 -6.03 6.32 3.39
CA ALA A 9 -5.65 6.96 4.65
C ALA A 9 -6.49 6.46 5.80
N GLN A 10 -6.06 5.35 6.41
CA GLN A 10 -6.78 4.76 7.53
C GLN A 10 -5.89 4.66 8.77
N VAL A 11 -6.43 5.07 9.91
CA VAL A 11 -5.68 5.03 11.16
C VAL A 11 -6.20 3.93 12.07
N SER A 12 -6.93 2.97 11.49
CA SER A 12 -7.48 1.87 12.25
C SER A 12 -7.37 0.56 11.48
N ASN A 13 -6.50 -0.33 11.94
CA ASN A 13 -6.30 -1.62 11.28
C ASN A 13 -7.62 -2.35 11.12
N GLU A 14 -8.37 -2.47 12.20
CA GLU A 14 -9.65 -3.16 12.18
C GLU A 14 -10.54 -2.61 11.07
N ASP A 15 -10.46 -1.30 10.84
CA ASP A 15 -11.26 -0.66 9.80
C ASP A 15 -10.62 -0.86 8.43
N CYS A 16 -9.30 -1.03 8.41
CA CYS A 16 -8.57 -1.23 7.16
C CYS A 16 -8.62 -2.70 6.74
N LEU A 17 -9.84 -3.19 6.47
CA LEU A 17 -10.02 -4.58 6.05
C LEU A 17 -10.87 -4.65 4.78
N GLN A 18 -10.72 -3.65 3.92
CA GLN A 18 -11.47 -3.61 2.67
C GLN A 18 -10.61 -4.07 1.50
N VAL A 19 -10.98 -5.20 0.91
CA VAL A 19 -10.24 -5.75 -0.22
C VAL A 19 -10.74 -5.16 -1.54
N GLU A 20 -9.79 -4.71 -2.37
CA GLU A 20 -10.13 -4.12 -3.66
C GLU A 20 -9.46 -4.88 -4.80
N ASN A 21 -10.15 -4.97 -5.93
CA ASN A 21 -9.62 -5.69 -7.09
C ASN A 21 -8.85 -4.72 -8.00
N CYS A 22 -7.68 -5.16 -8.46
CA CYS A 22 -6.85 -4.35 -9.33
C CYS A 22 -7.53 -4.12 -10.68
N THR A 23 -6.86 -3.39 -11.56
CA THR A 23 -7.40 -3.11 -12.88
C THR A 23 -7.17 -4.27 -13.83
N GLN A 24 -5.90 -4.54 -14.14
CA GLN A 24 -5.55 -5.63 -15.04
C GLN A 24 -4.41 -6.46 -14.46
N LEU A 25 -4.16 -7.62 -15.07
CA LEU A 25 -3.09 -8.51 -14.61
C LEU A 25 -1.72 -7.90 -14.88
N GLY A 26 -0.74 -8.26 -14.06
CA GLY A 26 0.60 -7.75 -14.23
C GLY A 26 0.93 -6.67 -13.22
N GLU A 27 -0.02 -5.78 -12.97
CA GLU A 27 0.18 -4.69 -12.02
C GLU A 27 0.54 -5.24 -10.63
N GLN A 28 1.44 -4.54 -9.94
CA GLN A 28 1.86 -4.96 -8.61
C GLN A 28 1.28 -4.03 -7.54
N CYS A 29 1.06 -4.57 -6.35
CA CYS A 29 0.52 -3.79 -5.25
C CYS A 29 1.62 -3.38 -4.28
N TRP A 30 1.32 -2.39 -3.43
CA TRP A 30 2.29 -1.90 -2.46
C TRP A 30 1.58 -1.30 -1.25
N THR A 31 2.29 -1.23 -0.12
CA THR A 31 1.73 -0.66 1.10
C THR A 31 2.58 0.49 1.62
N ALA A 32 1.93 1.62 1.90
CA ALA A 32 2.63 2.80 2.40
C ALA A 32 2.35 3.00 3.88
N ARG A 33 3.40 3.25 4.66
CA ARG A 33 3.27 3.47 6.09
C ARG A 33 3.67 4.89 6.46
N ILE A 34 2.68 5.74 6.71
CA ILE A 34 2.92 7.13 7.08
C ILE A 34 2.68 7.35 8.56
N ARG A 35 3.70 7.82 9.27
CA ARG A 35 3.60 8.08 10.70
C ARG A 35 4.33 9.36 11.07
N ALA A 36 3.58 10.36 11.51
CA ALA A 36 4.15 11.65 11.89
C ALA A 36 4.73 11.57 13.30
N VAL A 37 5.54 12.57 13.65
CA VAL A 37 6.16 12.63 14.97
C VAL A 37 5.12 12.47 16.08
N GLY A 38 3.92 12.99 15.83
CA GLY A 38 2.86 12.91 16.82
C GLY A 38 2.34 11.49 16.97
N LEU A 39 1.02 11.34 16.86
CA LEU A 39 0.39 10.03 16.99
C LEU A 39 -0.32 9.63 15.71
N LEU A 40 -0.79 10.63 14.96
CA LEU A 40 -1.49 10.38 13.70
C LEU A 40 -0.69 9.43 12.81
N THR A 41 -1.38 8.47 12.22
CA THR A 41 -0.75 7.49 11.34
C THR A 41 -1.74 6.88 10.38
N VAL A 42 -1.50 7.07 9.08
CA VAL A 42 -2.37 6.54 8.05
C VAL A 42 -1.65 5.51 7.19
N ILE A 43 -2.41 4.81 6.35
CA ILE A 43 -1.83 3.79 5.46
C ILE A 43 -2.45 3.87 4.07
N SER A 44 -1.59 3.95 3.06
CA SER A 44 -2.05 4.03 1.68
C SER A 44 -1.67 2.77 0.90
N LYS A 45 -2.50 2.41 -0.06
CA LYS A 45 -2.26 1.22 -0.88
C LYS A 45 -2.52 1.50 -2.35
N GLY A 46 -1.67 0.95 -3.21
CA GLY A 46 -1.82 1.16 -4.64
C GLY A 46 -1.58 -0.10 -5.44
N CYS A 47 -1.89 -0.05 -6.74
CA CYS A 47 -1.71 -1.20 -7.62
C CYS A 47 -1.46 -0.75 -9.05
N SER A 48 -0.22 -0.93 -9.51
CA SER A 48 0.14 -0.54 -10.87
C SER A 48 1.40 -1.27 -11.32
N LEU A 49 1.75 -1.12 -12.59
CA LEU A 49 2.93 -1.77 -13.15
C LEU A 49 4.20 -1.20 -12.52
N ASN A 50 4.17 0.10 -12.22
CA ASN A 50 5.33 0.77 -11.62
C ASN A 50 5.46 0.39 -10.15
N CYS A 51 6.28 -0.62 -9.88
CA CYS A 51 6.51 -1.08 -8.51
C CYS A 51 7.94 -0.81 -8.07
N VAL A 52 8.87 -0.91 -9.02
CA VAL A 52 10.29 -0.68 -8.73
C VAL A 52 10.50 0.70 -8.13
N ASP A 53 11.53 0.81 -7.29
CA ASP A 53 11.85 2.08 -6.64
C ASP A 53 10.69 2.54 -5.76
N ASP A 54 10.33 1.73 -4.78
CA ASP A 54 9.24 2.06 -3.87
C ASP A 54 9.67 1.92 -2.42
N SER A 55 10.43 0.86 -2.13
CA SER A 55 10.90 0.60 -0.78
C SER A 55 12.32 1.15 -0.59
N GLN A 56 12.45 2.14 0.28
CA GLN A 56 13.75 2.75 0.55
C GLN A 56 14.33 3.39 -0.71
N ASP A 57 13.70 4.47 -1.15
CA ASP A 57 14.16 5.18 -2.35
C ASP A 57 13.79 6.66 -2.26
N TYR A 58 14.06 7.38 -3.35
CA TYR A 58 13.77 8.82 -3.40
C TYR A 58 12.29 9.06 -3.73
N TYR A 59 11.67 8.08 -4.36
CA TYR A 59 10.26 8.18 -4.72
C TYR A 59 9.42 8.67 -3.54
N VAL A 60 9.80 8.25 -2.34
CA VAL A 60 9.10 8.64 -1.13
C VAL A 60 10.07 8.91 0.02
N GLY A 61 9.64 9.73 0.97
CA GLY A 61 10.48 10.05 2.10
C GLY A 61 9.97 9.45 3.40
N LYS A 62 8.91 10.03 3.95
CA LYS A 62 8.32 9.54 5.18
C LYS A 62 7.57 8.23 4.96
N LYS A 63 6.52 8.29 4.14
CA LYS A 63 5.73 7.11 3.84
C LYS A 63 6.57 6.04 3.15
N ASN A 64 6.75 4.91 3.82
CA ASN A 64 7.53 3.81 3.29
C ASN A 64 6.67 2.89 2.44
N ILE A 65 6.91 2.88 1.13
CA ILE A 65 6.15 2.05 0.21
C ILE A 65 6.88 0.73 -0.06
N THR A 66 6.20 -0.39 0.22
CA THR A 66 6.78 -1.69 0.00
C THR A 66 6.16 -2.39 -1.21
N CYS A 67 6.99 -2.71 -2.20
CA CYS A 67 6.53 -3.36 -3.41
C CYS A 67 6.29 -4.85 -3.17
N CYS A 68 5.24 -5.38 -3.80
CA CYS A 68 4.91 -6.79 -3.65
C CYS A 68 4.00 -7.25 -4.78
N ASP A 69 4.17 -8.50 -5.20
CA ASP A 69 3.36 -9.07 -6.28
C ASP A 69 2.66 -10.34 -5.83
N THR A 70 1.90 -10.24 -4.74
CA THR A 70 1.18 -11.39 -4.20
C THR A 70 -0.24 -11.01 -3.80
N ASP A 71 -1.16 -11.95 -3.97
CA ASP A 71 -2.56 -11.71 -3.62
C ASP A 71 -2.69 -11.22 -2.18
N LEU A 72 -3.24 -10.01 -2.04
CA LEU A 72 -3.41 -9.42 -0.72
C LEU A 72 -2.08 -9.27 0.01
N CYS A 73 -1.05 -8.88 -0.74
CA CYS A 73 0.28 -8.71 -0.16
C CYS A 73 0.29 -7.59 0.87
N ASN A 74 -0.60 -6.62 0.69
CA ASN A 74 -0.70 -5.49 1.61
C ASN A 74 -1.72 -5.76 2.70
N ALA A 75 -1.93 -7.04 3.01
CA ALA A 75 -2.88 -7.44 4.03
C ALA A 75 -2.41 -6.99 5.42
N SER A 76 -1.10 -7.03 5.63
CA SER A 76 -0.53 -6.64 6.91
C SER A 76 -0.23 -5.14 6.94
N MET A 1 -5.52 -9.24 -12.67
CA MET A 1 -6.57 -8.88 -11.71
C MET A 1 -6.11 -9.13 -10.29
N LEU A 2 -4.87 -8.78 -9.99
CA LEU A 2 -4.31 -8.97 -8.66
C LEU A 2 -5.22 -8.35 -7.60
N LEU A 3 -5.57 -9.16 -6.60
CA LEU A 3 -6.44 -8.70 -5.52
C LEU A 3 -5.62 -8.08 -4.39
N CYS A 4 -5.98 -6.86 -4.00
CA CYS A 4 -5.28 -6.17 -2.93
C CYS A 4 -6.25 -5.30 -2.12
N TYR A 5 -5.90 -5.04 -0.87
CA TYR A 5 -6.73 -4.24 0.01
C TYR A 5 -6.83 -2.81 -0.49
N SER A 6 -7.76 -2.04 0.08
CA SER A 6 -7.96 -0.65 -0.31
C SER A 6 -8.29 0.22 0.89
N CYS A 7 -7.29 0.92 1.41
CA CYS A 7 -7.48 1.79 2.56
C CYS A 7 -6.62 3.05 2.45
N LYS A 8 -7.20 4.19 2.78
CA LYS A 8 -6.50 5.46 2.72
C LYS A 8 -6.77 6.31 3.96
N ALA A 9 -5.78 7.06 4.38
CA ALA A 9 -5.91 7.92 5.55
C ALA A 9 -6.46 7.14 6.75
N GLN A 10 -6.04 5.89 6.87
CA GLN A 10 -6.48 5.03 7.96
C GLN A 10 -5.38 4.89 9.02
N VAL A 11 -5.80 4.83 10.28
CA VAL A 11 -4.85 4.69 11.38
C VAL A 11 -5.04 3.36 12.10
N SER A 12 -6.22 2.78 11.96
CA SER A 12 -6.52 1.50 12.60
C SER A 12 -6.61 0.38 11.56
N ASN A 13 -5.77 -0.64 11.73
CA ASN A 13 -5.75 -1.76 10.82
C ASN A 13 -7.10 -2.47 10.78
N GLU A 14 -7.76 -2.52 11.93
CA GLU A 14 -9.07 -3.16 12.03
C GLU A 14 -10.04 -2.61 10.98
N ASP A 15 -9.94 -1.31 10.73
CA ASP A 15 -10.79 -0.66 9.75
C ASP A 15 -10.32 -0.94 8.33
N CYS A 16 -9.03 -1.23 8.19
CA CYS A 16 -8.44 -1.52 6.89
C CYS A 16 -8.62 -2.99 6.52
N LEU A 17 -9.87 -3.38 6.27
CA LEU A 17 -10.18 -4.76 5.91
C LEU A 17 -11.00 -4.82 4.63
N GLN A 18 -10.76 -3.85 3.74
CA GLN A 18 -11.48 -3.79 2.47
C GLN A 18 -10.62 -4.34 1.34
N VAL A 19 -11.11 -5.39 0.69
CA VAL A 19 -10.38 -6.02 -0.41
C VAL A 19 -10.95 -5.59 -1.76
N GLU A 20 -10.07 -5.15 -2.65
CA GLU A 20 -10.48 -4.70 -3.98
C GLU A 20 -9.59 -5.30 -5.06
N ASN A 21 -10.16 -5.55 -6.22
CA ASN A 21 -9.42 -6.12 -7.34
C ASN A 21 -8.71 -5.03 -8.14
N CYS A 22 -7.50 -5.33 -8.59
CA CYS A 22 -6.72 -4.37 -9.38
C CYS A 22 -7.31 -4.21 -10.78
N THR A 23 -6.64 -3.40 -11.60
CA THR A 23 -7.09 -3.16 -12.97
C THR A 23 -6.77 -4.34 -13.87
N GLN A 24 -5.50 -4.48 -14.23
CA GLN A 24 -5.07 -5.57 -15.09
C GLN A 24 -4.14 -6.53 -14.34
N LEU A 25 -3.85 -7.66 -14.95
CA LEU A 25 -2.98 -8.66 -14.34
C LEU A 25 -1.50 -8.26 -14.48
N GLY A 26 -0.68 -8.70 -13.55
CA GLY A 26 0.74 -8.39 -13.60
C GLY A 26 1.10 -7.23 -12.70
N GLU A 27 0.21 -6.25 -12.62
CA GLU A 27 0.43 -5.06 -11.79
C GLU A 27 0.74 -5.47 -10.35
N GLN A 28 1.59 -4.68 -9.69
CA GLN A 28 1.97 -4.95 -8.31
C GLN A 28 1.35 -3.93 -7.36
N CYS A 29 1.15 -4.33 -6.11
CA CYS A 29 0.57 -3.45 -5.11
C CYS A 29 1.63 -2.97 -4.12
N TRP A 30 1.42 -1.77 -3.58
CA TRP A 30 2.36 -1.20 -2.63
C TRP A 30 1.62 -0.59 -1.44
N THR A 31 2.30 -0.49 -0.31
CA THR A 31 1.72 0.08 0.91
C THR A 31 2.55 1.25 1.42
N ALA A 32 1.88 2.35 1.77
CA ALA A 32 2.55 3.53 2.29
C ALA A 32 2.31 3.68 3.78
N ARG A 33 3.38 3.85 4.55
CA ARG A 33 3.29 4.01 5.99
C ARG A 33 3.75 5.40 6.42
N ILE A 34 2.85 6.17 7.01
CA ILE A 34 3.17 7.51 7.47
C ILE A 34 2.71 7.73 8.90
N ARG A 35 3.66 7.71 9.83
CA ARG A 35 3.35 7.91 11.24
C ARG A 35 3.67 9.34 11.67
N ALA A 36 2.73 9.96 12.38
CA ALA A 36 2.91 11.33 12.85
C ALA A 36 3.68 11.36 14.17
N VAL A 37 3.92 12.56 14.69
CA VAL A 37 4.64 12.73 15.94
C VAL A 37 4.05 11.86 17.04
N GLY A 38 2.73 11.72 17.02
CA GLY A 38 2.04 10.92 18.03
C GLY A 38 0.60 11.32 18.22
N LEU A 39 -0.10 11.54 17.11
CA LEU A 39 -1.51 11.94 17.16
C LEU A 39 -2.38 10.95 16.40
N LEU A 40 -1.86 10.44 15.28
CA LEU A 40 -2.60 9.48 14.47
C LEU A 40 -1.69 8.87 13.41
N THR A 41 -2.28 8.06 12.53
CA THR A 41 -1.53 7.41 11.47
C THR A 41 -2.33 7.37 10.16
N VAL A 42 -1.64 7.14 9.05
CA VAL A 42 -2.28 7.08 7.74
C VAL A 42 -1.59 6.06 6.84
N ILE A 43 -2.39 5.21 6.21
CA ILE A 43 -1.86 4.19 5.31
C ILE A 43 -2.56 4.23 3.95
N SER A 44 -1.76 4.29 2.89
CA SER A 44 -2.31 4.33 1.54
C SER A 44 -1.78 3.17 0.70
N LYS A 45 -2.62 2.69 -0.21
CA LYS A 45 -2.25 1.58 -1.08
C LYS A 45 -2.35 1.97 -2.55
N GLY A 46 -1.79 1.13 -3.42
CA GLY A 46 -1.82 1.41 -4.84
C GLY A 46 -1.58 0.18 -5.68
N CYS A 47 -1.75 0.30 -7.00
CA CYS A 47 -1.55 -0.81 -7.91
C CYS A 47 -1.12 -0.32 -9.29
N SER A 48 0.13 -0.58 -9.64
CA SER A 48 0.67 -0.15 -10.92
C SER A 48 1.45 -1.29 -11.59
N LEU A 49 1.73 -1.14 -12.88
CA LEU A 49 2.48 -2.15 -13.62
C LEU A 49 3.97 -1.96 -13.44
N ASN A 50 4.42 -0.71 -13.44
CA ASN A 50 5.84 -0.40 -13.27
C ASN A 50 6.16 -0.09 -11.81
N CYS A 51 5.46 -0.77 -10.90
CA CYS A 51 5.67 -0.57 -9.47
C CYS A 51 6.93 -1.29 -9.00
N VAL A 52 8.02 -0.53 -8.87
CA VAL A 52 9.29 -1.10 -8.42
C VAL A 52 9.11 -1.94 -7.15
N ASP A 53 9.62 -3.16 -7.18
CA ASP A 53 9.52 -4.05 -6.03
C ASP A 53 9.98 -3.36 -4.76
N ASP A 54 11.02 -2.53 -4.88
CA ASP A 54 11.56 -1.82 -3.74
C ASP A 54 11.71 -0.32 -4.05
N SER A 55 11.78 0.49 -3.01
CA SER A 55 11.91 1.93 -3.16
C SER A 55 13.11 2.28 -4.05
N GLN A 56 12.84 2.57 -5.32
CA GLN A 56 13.89 2.92 -6.26
C GLN A 56 13.93 4.43 -6.50
N ASP A 57 12.77 5.05 -6.47
CA ASP A 57 12.67 6.49 -6.69
C ASP A 57 12.58 7.24 -5.36
N TYR A 58 12.34 8.54 -5.44
CA TYR A 58 12.23 9.37 -4.24
C TYR A 58 11.15 8.83 -3.31
N TYR A 59 11.57 8.12 -2.27
CA TYR A 59 10.64 7.55 -1.30
C TYR A 59 11.31 7.32 0.05
N VAL A 60 11.78 8.40 0.66
CA VAL A 60 12.44 8.33 1.95
C VAL A 60 11.90 9.38 2.91
N GLY A 61 12.10 9.15 4.21
CA GLY A 61 11.62 10.08 5.20
C GLY A 61 10.57 9.47 6.11
N LYS A 62 9.32 9.89 5.94
CA LYS A 62 8.22 9.39 6.75
C LYS A 62 7.35 8.43 5.94
N LYS A 63 7.07 8.80 4.69
CA LYS A 63 6.25 7.98 3.82
C LYS A 63 7.09 6.92 3.12
N ASN A 64 6.86 5.65 3.48
CA ASN A 64 7.60 4.54 2.89
C ASN A 64 6.67 3.65 2.06
N ILE A 65 6.88 3.64 0.76
CA ILE A 65 6.06 2.82 -0.14
C ILE A 65 6.77 1.51 -0.49
N THR A 66 6.21 0.41 -0.01
CA THR A 66 6.79 -0.91 -0.26
C THR A 66 5.90 -1.71 -1.20
N CYS A 67 6.44 -2.08 -2.37
CA CYS A 67 5.71 -2.85 -3.34
C CYS A 67 5.75 -4.33 -3.02
N CYS A 68 4.92 -5.12 -3.70
CA CYS A 68 4.87 -6.56 -3.48
C CYS A 68 4.06 -7.25 -4.57
N ASP A 69 4.50 -8.44 -4.97
CA ASP A 69 3.82 -9.20 -6.01
C ASP A 69 3.11 -10.41 -5.42
N THR A 70 2.13 -10.15 -4.55
CA THR A 70 1.37 -11.23 -3.91
C THR A 70 -0.06 -10.79 -3.61
N ASP A 71 -0.99 -11.73 -3.69
CA ASP A 71 -2.39 -11.44 -3.42
C ASP A 71 -2.59 -10.93 -1.99
N LEU A 72 -3.20 -9.77 -1.87
CA LEU A 72 -3.44 -9.17 -0.56
C LEU A 72 -2.13 -8.96 0.20
N CYS A 73 -1.08 -8.63 -0.54
CA CYS A 73 0.22 -8.40 0.06
C CYS A 73 0.19 -7.19 0.99
N ASN A 74 -0.71 -6.26 0.71
CA ASN A 74 -0.85 -5.05 1.52
C ASN A 74 -1.93 -5.23 2.58
N ALA A 75 -2.10 -6.46 3.03
CA ALA A 75 -3.12 -6.77 4.04
C ALA A 75 -2.71 -6.19 5.40
N SER A 76 -1.42 -6.24 5.70
CA SER A 76 -0.92 -5.72 6.97
C SER A 76 -0.53 -4.25 6.83
N MET A 1 -6.51 -8.03 -12.17
CA MET A 1 -6.93 -9.36 -11.75
C MET A 1 -6.45 -9.68 -10.34
N LEU A 2 -5.23 -9.25 -10.03
CA LEU A 2 -4.64 -9.49 -8.71
C LEU A 2 -5.49 -8.85 -7.62
N LEU A 3 -5.87 -9.64 -6.63
CA LEU A 3 -6.69 -9.15 -5.53
C LEU A 3 -5.81 -8.62 -4.39
N CYS A 4 -6.12 -7.41 -3.92
CA CYS A 4 -5.36 -6.79 -2.84
C CYS A 4 -6.25 -5.89 -1.99
N TYR A 5 -5.68 -5.36 -0.91
CA TYR A 5 -6.43 -4.48 -0.02
C TYR A 5 -6.45 -3.05 -0.56
N SER A 6 -7.33 -2.23 0.00
CA SER A 6 -7.45 -0.84 -0.41
C SER A 6 -8.02 0.03 0.72
N CYS A 7 -7.32 1.10 1.05
CA CYS A 7 -7.75 2.00 2.10
C CYS A 7 -7.46 3.45 1.74
N LYS A 8 -7.60 4.34 2.71
CA LYS A 8 -7.34 5.76 2.50
C LYS A 8 -6.93 6.45 3.80
N ALA A 9 -5.63 6.51 4.04
CA ALA A 9 -5.10 7.15 5.25
C ALA A 9 -5.67 6.48 6.50
N GLN A 10 -5.83 5.17 6.44
CA GLN A 10 -6.37 4.42 7.57
C GLN A 10 -5.26 4.07 8.56
N VAL A 11 -5.56 4.23 9.85
CA VAL A 11 -4.59 3.93 10.90
C VAL A 11 -4.93 2.63 11.61
N SER A 12 -6.23 2.36 11.76
CA SER A 12 -6.69 1.15 12.43
C SER A 12 -6.87 0.01 11.42
N ASN A 13 -6.20 -1.11 11.67
CA ASN A 13 -6.30 -2.26 10.79
C ASN A 13 -7.75 -2.61 10.50
N GLU A 14 -8.58 -2.60 11.55
CA GLU A 14 -9.99 -2.91 11.40
C GLU A 14 -10.62 -2.11 10.26
N ASP A 15 -10.26 -0.83 10.19
CA ASP A 15 -10.78 0.05 9.15
C ASP A 15 -10.12 -0.23 7.81
N CYS A 16 -8.84 -0.60 7.85
CA CYS A 16 -8.08 -0.90 6.65
C CYS A 16 -8.18 -2.37 6.29
N LEU A 17 -9.41 -2.90 6.30
CA LEU A 17 -9.63 -4.31 5.99
C LEU A 17 -10.49 -4.45 4.74
N GLN A 18 -10.33 -3.51 3.81
CA GLN A 18 -11.09 -3.53 2.56
C GLN A 18 -10.30 -4.21 1.46
N VAL A 19 -10.91 -5.21 0.82
CA VAL A 19 -10.28 -5.95 -0.26
C VAL A 19 -10.96 -5.68 -1.60
N GLU A 20 -10.17 -5.41 -2.62
CA GLU A 20 -10.70 -5.14 -3.95
C GLU A 20 -9.80 -5.74 -5.04
N ASN A 21 -10.37 -5.94 -6.22
CA ASN A 21 -9.62 -6.50 -7.34
C ASN A 21 -8.90 -5.41 -8.11
N CYS A 22 -7.69 -5.72 -8.57
CA CYS A 22 -6.88 -4.77 -9.32
C CYS A 22 -7.55 -4.43 -10.65
N THR A 23 -6.93 -3.55 -11.42
CA THR A 23 -7.45 -3.14 -12.71
C THR A 23 -7.25 -4.24 -13.76
N GLN A 24 -6.00 -4.46 -14.15
CA GLN A 24 -5.67 -5.48 -15.14
C GLN A 24 -4.36 -6.17 -14.79
N LEU A 25 -4.17 -7.37 -15.34
CA LEU A 25 -2.96 -8.13 -15.09
C LEU A 25 -1.71 -7.31 -15.37
N GLY A 26 -0.65 -7.55 -14.62
CA GLY A 26 0.59 -6.82 -14.81
C GLY A 26 0.86 -5.84 -13.68
N GLU A 27 -0.18 -5.13 -13.26
CA GLU A 27 -0.04 -4.16 -12.18
C GLU A 27 0.07 -4.85 -10.83
N GLN A 28 1.13 -4.54 -10.09
CA GLN A 28 1.36 -5.13 -8.77
C GLN A 28 0.75 -4.26 -7.68
N CYS A 29 0.80 -4.77 -6.45
CA CYS A 29 0.26 -4.04 -5.30
C CYS A 29 1.39 -3.49 -4.43
N TRP A 30 1.15 -2.34 -3.82
CA TRP A 30 2.14 -1.71 -2.95
C TRP A 30 1.48 -1.08 -1.74
N THR A 31 2.24 -0.97 -0.65
CA THR A 31 1.72 -0.37 0.58
C THR A 31 2.63 0.76 1.07
N ALA A 32 2.01 1.87 1.44
CA ALA A 32 2.76 3.03 1.93
C ALA A 32 2.59 3.18 3.44
N ARG A 33 3.71 3.37 4.14
CA ARG A 33 3.69 3.53 5.59
C ARG A 33 4.16 4.93 5.98
N ILE A 34 3.33 5.64 6.73
CA ILE A 34 3.65 6.99 7.17
C ILE A 34 3.55 7.11 8.69
N ARG A 35 4.65 7.50 9.33
CA ARG A 35 4.67 7.65 10.78
C ARG A 35 5.48 8.89 11.18
N ALA A 36 4.78 9.93 11.59
CA ALA A 36 5.43 11.18 12.01
C ALA A 36 5.37 11.35 13.52
N VAL A 37 6.47 11.83 14.10
CA VAL A 37 6.54 12.04 15.53
C VAL A 37 5.37 12.88 16.03
N GLY A 38 4.69 12.39 17.05
CA GLY A 38 3.56 13.12 17.61
C GLY A 38 2.52 13.46 16.55
N LEU A 39 2.23 12.51 15.68
CA LEU A 39 1.25 12.72 14.61
C LEU A 39 0.51 11.43 14.29
N LEU A 40 -0.59 11.56 13.56
CA LEU A 40 -1.41 10.40 13.18
C LEU A 40 -0.70 9.57 12.12
N THR A 41 -1.13 8.32 11.97
CA THR A 41 -0.55 7.43 10.98
C THR A 41 -1.34 7.46 9.67
N VAL A 42 -0.70 7.01 8.59
CA VAL A 42 -1.35 6.98 7.29
C VAL A 42 -0.96 5.72 6.52
N ILE A 43 -1.98 4.93 6.16
CA ILE A 43 -1.75 3.69 5.43
C ILE A 43 -2.40 3.74 4.05
N SER A 44 -1.58 3.84 3.01
CA SER A 44 -2.08 3.91 1.64
C SER A 44 -1.68 2.66 0.86
N LYS A 45 -2.43 2.38 -0.20
CA LYS A 45 -2.16 1.21 -1.03
C LYS A 45 -2.84 1.34 -2.39
N GLY A 46 -2.23 0.75 -3.42
CA GLY A 46 -2.80 0.81 -4.75
C GLY A 46 -2.15 -0.17 -5.69
N CYS A 47 -2.73 -0.32 -6.90
CA CYS A 47 -2.20 -1.23 -7.90
C CYS A 47 -1.48 -0.47 -9.00
N SER A 48 -0.20 -0.79 -9.20
CA SER A 48 0.60 -0.13 -10.23
C SER A 48 1.59 -1.11 -10.84
N LEU A 49 1.82 -0.96 -12.14
CA LEU A 49 2.74 -1.83 -12.86
C LEU A 49 4.17 -1.32 -12.75
N ASN A 50 4.33 -0.01 -12.79
CA ASN A 50 5.65 0.61 -12.69
C ASN A 50 5.99 0.94 -11.25
N CYS A 51 5.72 0.00 -10.36
CA CYS A 51 5.99 0.18 -8.93
C CYS A 51 7.47 -0.03 -8.63
N VAL A 52 7.83 0.04 -7.35
CA VAL A 52 9.21 -0.14 -6.92
C VAL A 52 9.28 -0.94 -5.63
N ASP A 53 9.95 -2.08 -5.68
CA ASP A 53 10.09 -2.94 -4.51
C ASP A 53 11.37 -2.58 -3.74
N ASP A 54 11.94 -1.43 -4.05
CA ASP A 54 13.15 -0.98 -3.38
C ASP A 54 13.12 0.53 -3.17
N SER A 55 11.93 1.07 -2.94
CA SER A 55 11.78 2.50 -2.72
C SER A 55 11.72 2.83 -1.23
N GLN A 56 12.85 2.67 -0.55
CA GLN A 56 12.93 2.94 0.87
C GLN A 56 12.84 4.44 1.14
N ASP A 57 11.62 4.96 1.12
CA ASP A 57 11.39 6.38 1.37
C ASP A 57 11.98 7.23 0.25
N TYR A 58 11.69 6.85 -0.99
CA TYR A 58 12.19 7.58 -2.15
C TYR A 58 11.17 8.59 -2.65
N TYR A 59 9.89 8.21 -2.61
CA TYR A 59 8.82 9.09 -3.05
C TYR A 59 8.78 10.37 -2.23
N VAL A 60 8.54 10.21 -0.92
CA VAL A 60 8.48 11.36 -0.02
C VAL A 60 8.84 10.95 1.40
N GLY A 61 9.40 11.89 2.16
CA GLY A 61 9.79 11.61 3.53
C GLY A 61 8.64 11.08 4.35
N LYS A 62 8.94 10.18 5.29
CA LYS A 62 7.92 9.59 6.15
C LYS A 62 6.87 8.85 5.32
N LYS A 63 7.31 8.22 4.24
CA LYS A 63 6.42 7.47 3.37
C LYS A 63 7.20 6.50 2.50
N ASN A 64 7.14 5.22 2.83
CA ASN A 64 7.83 4.18 2.06
C ASN A 64 6.84 3.26 1.37
N ILE A 65 6.93 3.20 0.04
CA ILE A 65 6.04 2.35 -0.75
C ILE A 65 6.70 1.02 -1.08
N THR A 66 6.18 -0.06 -0.51
CA THR A 66 6.73 -1.39 -0.75
C THR A 66 5.82 -2.20 -1.67
N CYS A 67 6.36 -2.59 -2.82
CA CYS A 67 5.60 -3.38 -3.79
C CYS A 67 5.61 -4.86 -3.42
N CYS A 68 4.75 -5.63 -4.09
CA CYS A 68 4.66 -7.06 -3.84
C CYS A 68 3.84 -7.75 -4.92
N ASP A 69 4.18 -9.00 -5.21
CA ASP A 69 3.48 -9.78 -6.23
C ASP A 69 2.77 -10.98 -5.60
N THR A 70 1.86 -10.69 -4.66
CA THR A 70 1.12 -11.74 -3.98
C THR A 70 -0.30 -11.30 -3.66
N ASP A 71 -1.24 -12.23 -3.74
CA ASP A 71 -2.64 -11.92 -3.45
C ASP A 71 -2.80 -11.41 -2.02
N LEU A 72 -3.39 -10.23 -1.88
CA LEU A 72 -3.60 -9.63 -0.58
C LEU A 72 -2.28 -9.46 0.17
N CYS A 73 -1.23 -9.16 -0.58
CA CYS A 73 0.10 -8.97 0.02
C CYS A 73 0.10 -7.81 1.00
N ASN A 74 -0.77 -6.83 0.74
CA ASN A 74 -0.88 -5.65 1.61
C ASN A 74 -1.96 -5.85 2.67
N ALA A 75 -2.14 -7.10 3.09
CA ALA A 75 -3.15 -7.41 4.10
C ALA A 75 -2.75 -6.85 5.46
N SER A 76 -1.45 -6.92 5.77
CA SER A 76 -0.95 -6.42 7.04
C SER A 76 -0.65 -4.93 6.97
N MET A 1 -6.05 -12.35 -12.70
CA MET A 1 -6.62 -11.24 -11.95
C MET A 1 -5.97 -11.12 -10.58
N LEU A 2 -5.31 -10.00 -10.33
CA LEU A 2 -4.65 -9.76 -9.05
C LEU A 2 -5.57 -9.01 -8.09
N LEU A 3 -5.76 -9.58 -6.90
CA LEU A 3 -6.61 -8.97 -5.89
C LEU A 3 -5.79 -8.50 -4.70
N CYS A 4 -6.13 -7.32 -4.16
CA CYS A 4 -5.43 -6.76 -3.03
C CYS A 4 -6.39 -6.01 -2.11
N TYR A 5 -5.94 -5.72 -0.89
CA TYR A 5 -6.76 -5.00 0.08
C TYR A 5 -6.93 -3.54 -0.34
N SER A 6 -7.88 -2.86 0.31
CA SER A 6 -8.14 -1.46 0.01
C SER A 6 -8.25 -0.64 1.29
N CYS A 7 -7.24 0.18 1.54
CA CYS A 7 -7.22 1.03 2.73
C CYS A 7 -6.60 2.39 2.43
N LYS A 8 -7.32 3.44 2.81
CA LYS A 8 -6.84 4.81 2.57
C LYS A 8 -7.25 5.73 3.72
N ALA A 9 -6.35 6.63 4.10
CA ALA A 9 -6.63 7.58 5.18
C ALA A 9 -7.12 6.85 6.43
N GLN A 10 -6.42 5.78 6.80
CA GLN A 10 -6.78 5.00 7.98
C GLN A 10 -5.57 4.27 8.54
N VAL A 11 -5.60 4.01 9.85
CA VAL A 11 -4.50 3.31 10.50
C VAL A 11 -5.00 2.06 11.23
N SER A 12 -6.27 2.08 11.63
CA SER A 12 -6.87 0.96 12.33
C SER A 12 -7.11 -0.22 11.38
N ASN A 13 -6.45 -1.34 11.67
CA ASN A 13 -6.58 -2.54 10.84
C ASN A 13 -8.05 -2.89 10.62
N GLU A 14 -8.87 -2.65 11.65
CA GLU A 14 -10.29 -2.94 11.56
C GLU A 14 -10.90 -2.36 10.29
N ASP A 15 -10.46 -1.15 9.94
CA ASP A 15 -10.95 -0.47 8.74
C ASP A 15 -10.23 -0.98 7.50
N CYS A 16 -8.99 -1.42 7.68
CA CYS A 16 -8.19 -1.92 6.57
C CYS A 16 -8.51 -3.39 6.29
N LEU A 17 -9.77 -3.68 6.08
CA LEU A 17 -10.21 -5.06 5.81
C LEU A 17 -10.93 -5.14 4.47
N GLN A 18 -11.45 -4.01 4.01
CA GLN A 18 -12.15 -3.96 2.73
C GLN A 18 -11.21 -4.29 1.57
N VAL A 19 -11.43 -5.45 0.96
CA VAL A 19 -10.60 -5.89 -0.16
C VAL A 19 -11.25 -5.53 -1.49
N GLU A 20 -10.43 -5.11 -2.44
CA GLU A 20 -10.93 -4.74 -3.76
C GLU A 20 -10.07 -5.37 -4.86
N ASN A 21 -10.70 -5.65 -6.00
CA ASN A 21 -10.01 -6.26 -7.13
C ASN A 21 -9.36 -5.20 -8.01
N CYS A 22 -8.23 -5.55 -8.63
CA CYS A 22 -7.51 -4.63 -9.51
C CYS A 22 -8.19 -4.54 -10.87
N THR A 23 -7.57 -3.79 -11.78
CA THR A 23 -8.11 -3.61 -13.11
C THR A 23 -7.66 -4.73 -14.04
N GLN A 24 -6.40 -4.66 -14.47
CA GLN A 24 -5.85 -5.67 -15.37
C GLN A 24 -4.69 -6.42 -14.70
N LEU A 25 -4.29 -7.53 -15.30
CA LEU A 25 -3.20 -8.34 -14.77
C LEU A 25 -1.84 -7.72 -15.12
N GLY A 26 -0.85 -7.99 -14.27
CA GLY A 26 0.48 -7.45 -14.52
C GLY A 26 0.89 -6.43 -13.47
N GLU A 27 0.02 -5.45 -13.24
CA GLU A 27 0.30 -4.40 -12.26
C GLU A 27 0.66 -5.01 -10.90
N GLN A 28 1.16 -4.17 -10.01
CA GLN A 28 1.54 -4.62 -8.67
C GLN A 28 0.93 -3.73 -7.60
N CYS A 29 0.70 -4.30 -6.43
CA CYS A 29 0.11 -3.55 -5.32
C CYS A 29 1.19 -3.06 -4.36
N TRP A 30 0.89 -1.98 -3.64
CA TRP A 30 1.85 -1.42 -2.69
C TRP A 30 1.12 -0.76 -1.53
N THR A 31 1.79 -0.68 -0.38
CA THR A 31 1.21 -0.07 0.81
C THR A 31 2.09 1.05 1.34
N ALA A 32 1.46 2.12 1.82
CA ALA A 32 2.19 3.25 2.36
C ALA A 32 2.09 3.30 3.88
N ARG A 33 3.23 3.53 4.54
CA ARG A 33 3.26 3.58 5.99
C ARG A 33 3.66 4.98 6.47
N ILE A 34 2.69 5.68 7.07
CA ILE A 34 2.93 7.03 7.57
C ILE A 34 3.06 7.04 9.09
N ARG A 35 4.04 7.78 9.59
CA ARG A 35 4.28 7.87 11.02
C ARG A 35 5.22 9.03 11.35
N ALA A 36 4.81 9.88 12.28
CA ALA A 36 5.61 11.03 12.68
C ALA A 36 5.13 11.60 14.01
N VAL A 37 5.99 12.37 14.66
CA VAL A 37 5.65 12.99 15.94
C VAL A 37 4.70 14.16 15.75
N GLY A 38 4.87 14.89 14.66
CA GLY A 38 4.01 16.03 14.38
C GLY A 38 2.70 15.62 13.74
N LEU A 39 2.74 14.56 12.94
CA LEU A 39 1.54 14.08 12.26
C LEU A 39 1.06 12.76 12.87
N LEU A 40 0.02 12.18 12.28
CA LEU A 40 -0.53 10.92 12.77
C LEU A 40 -0.17 9.78 11.84
N THR A 41 -0.46 8.55 12.27
CA THR A 41 -0.16 7.37 11.47
C THR A 41 -1.31 7.05 10.52
N VAL A 42 -0.97 6.71 9.29
CA VAL A 42 -1.97 6.38 8.28
C VAL A 42 -1.47 5.28 7.34
N ILE A 43 -2.37 4.74 6.54
CA ILE A 43 -2.03 3.67 5.61
C ILE A 43 -2.72 3.88 4.26
N SER A 44 -1.98 3.65 3.18
CA SER A 44 -2.53 3.81 1.83
C SER A 44 -2.34 2.55 1.01
N LYS A 45 -3.19 2.35 0.03
CA LYS A 45 -3.12 1.18 -0.84
C LYS A 45 -2.93 1.58 -2.29
N GLY A 46 -2.40 0.66 -3.10
CA GLY A 46 -2.18 0.95 -4.50
C GLY A 46 -2.16 -0.31 -5.35
N CYS A 47 -2.26 -0.14 -6.67
CA CYS A 47 -2.25 -1.26 -7.59
C CYS A 47 -1.99 -0.79 -9.02
N SER A 48 -0.74 -0.83 -9.45
CA SER A 48 -0.36 -0.41 -10.78
C SER A 48 0.96 -1.02 -11.20
N LEU A 49 1.25 -1.00 -12.49
CA LEU A 49 2.49 -1.54 -13.03
C LEU A 49 3.68 -0.66 -12.65
N ASN A 50 3.44 0.64 -12.56
CA ASN A 50 4.48 1.60 -12.22
C ASN A 50 4.58 1.77 -10.70
N CYS A 51 5.58 1.15 -10.10
CA CYS A 51 5.78 1.23 -8.66
C CYS A 51 7.25 1.06 -8.31
N VAL A 52 7.53 0.96 -7.01
CA VAL A 52 8.90 0.80 -6.54
C VAL A 52 9.02 -0.40 -5.60
N ASP A 53 9.74 -1.43 -6.04
CA ASP A 53 9.93 -2.64 -5.25
C ASP A 53 10.44 -2.28 -3.85
N ASP A 54 11.28 -1.27 -3.78
CA ASP A 54 11.85 -0.83 -2.51
C ASP A 54 12.18 0.66 -2.54
N SER A 55 11.50 1.42 -1.68
CA SER A 55 11.72 2.87 -1.61
C SER A 55 12.76 3.20 -0.56
N GLN A 56 14.02 3.29 -0.99
CA GLN A 56 15.12 3.60 -0.09
C GLN A 56 15.62 5.04 -0.31
N ASP A 57 15.62 5.46 -1.57
CA ASP A 57 16.06 6.81 -1.92
C ASP A 57 14.92 7.63 -2.50
N TYR A 58 14.04 6.97 -3.25
CA TYR A 58 12.90 7.63 -3.86
C TYR A 58 12.11 8.44 -2.84
N TYR A 59 11.57 7.74 -1.84
CA TYR A 59 10.80 8.40 -0.78
C TYR A 59 11.71 8.85 0.35
N VAL A 60 11.38 10.01 0.93
CA VAL A 60 12.16 10.56 2.03
C VAL A 60 12.36 9.53 3.13
N GLY A 61 11.31 9.27 3.90
CA GLY A 61 11.40 8.30 4.97
C GLY A 61 10.06 8.05 5.64
N LYS A 62 9.37 9.12 6.00
CA LYS A 62 8.07 9.02 6.65
C LYS A 62 7.14 8.10 5.86
N LYS A 63 6.65 8.60 4.73
CA LYS A 63 5.75 7.84 3.87
C LYS A 63 6.54 6.85 3.01
N ASN A 64 6.60 5.61 3.45
CA ASN A 64 7.32 4.57 2.72
C ASN A 64 6.35 3.66 1.98
N ILE A 65 6.51 3.56 0.67
CA ILE A 65 5.65 2.71 -0.15
C ILE A 65 6.37 1.44 -0.57
N THR A 66 5.84 0.30 -0.13
CA THR A 66 6.42 -1.00 -0.46
C THR A 66 5.57 -1.75 -1.47
N CYS A 67 6.16 -2.03 -2.64
CA CYS A 67 5.45 -2.75 -3.69
C CYS A 67 5.50 -4.26 -3.45
N CYS A 68 4.71 -5.00 -4.22
CA CYS A 68 4.66 -6.45 -4.10
C CYS A 68 3.80 -7.06 -5.20
N ASP A 69 4.22 -8.21 -5.69
CA ASP A 69 3.49 -8.91 -6.75
C ASP A 69 2.88 -10.21 -6.24
N THR A 70 1.96 -10.08 -5.28
CA THR A 70 1.30 -11.25 -4.70
C THR A 70 -0.13 -10.92 -4.28
N ASP A 71 -1.03 -11.89 -4.48
CA ASP A 71 -2.43 -11.70 -4.11
C ASP A 71 -2.57 -11.29 -2.65
N LEU A 72 -3.17 -10.14 -2.42
CA LEU A 72 -3.37 -9.64 -1.06
C LEU A 72 -2.03 -9.47 -0.34
N CYS A 73 -1.03 -9.00 -1.09
CA CYS A 73 0.30 -8.80 -0.52
C CYS A 73 0.27 -7.73 0.59
N ASN A 74 -0.67 -6.79 0.46
CA ASN A 74 -0.82 -5.73 1.44
C ASN A 74 -1.85 -6.08 2.50
N ALA A 75 -1.97 -7.38 2.79
CA ALA A 75 -2.92 -7.85 3.78
C ALA A 75 -2.51 -7.43 5.19
N SER A 76 -1.21 -7.47 5.46
CA SER A 76 -0.70 -7.08 6.76
C SER A 76 -0.54 -5.56 6.86
N MET A 1 -6.32 -8.67 -12.08
CA MET A 1 -6.14 -10.11 -11.92
C MET A 1 -5.67 -10.44 -10.50
N LEU A 2 -4.86 -9.56 -9.93
CA LEU A 2 -4.33 -9.75 -8.59
C LEU A 2 -5.25 -9.11 -7.56
N LEU A 3 -5.49 -9.82 -6.45
CA LEU A 3 -6.34 -9.32 -5.39
C LEU A 3 -5.52 -8.79 -4.23
N CYS A 4 -5.83 -7.57 -3.78
CA CYS A 4 -5.11 -6.95 -2.68
C CYS A 4 -6.06 -6.13 -1.81
N TYR A 5 -5.65 -5.86 -0.58
CA TYR A 5 -6.45 -5.09 0.35
C TYR A 5 -6.65 -3.67 -0.15
N SER A 6 -7.57 -2.95 0.49
CA SER A 6 -7.87 -1.57 0.10
C SER A 6 -7.89 -0.66 1.33
N CYS A 7 -6.83 0.12 1.50
CA CYS A 7 -6.72 1.04 2.63
C CYS A 7 -6.04 2.33 2.21
N LYS A 8 -6.83 3.40 2.08
CA LYS A 8 -6.31 4.70 1.69
C LYS A 8 -6.81 5.79 2.63
N ALA A 9 -5.91 6.68 3.03
CA ALA A 9 -6.26 7.77 3.92
C ALA A 9 -7.04 7.27 5.13
N GLN A 10 -6.41 6.41 5.92
CA GLN A 10 -7.03 5.84 7.11
C GLN A 10 -5.99 5.43 8.14
N VAL A 11 -6.35 5.51 9.42
CA VAL A 11 -5.44 5.15 10.49
C VAL A 11 -6.10 4.14 11.44
N SER A 12 -6.93 3.27 10.88
CA SER A 12 -7.62 2.25 11.67
C SER A 12 -7.48 0.88 11.04
N ASN A 13 -6.90 -0.06 11.78
CA ASN A 13 -6.69 -1.42 11.29
C ASN A 13 -8.02 -2.02 10.85
N GLU A 14 -9.05 -1.86 11.68
CA GLU A 14 -10.37 -2.40 11.37
C GLU A 14 -10.84 -1.94 9.99
N ASP A 15 -10.49 -0.71 9.63
CA ASP A 15 -10.88 -0.15 8.34
C ASP A 15 -10.03 -0.75 7.22
N CYS A 16 -8.80 -1.13 7.54
CA CYS A 16 -7.91 -1.72 6.56
C CYS A 16 -8.13 -3.22 6.44
N LEU A 17 -9.39 -3.61 6.25
CA LEU A 17 -9.74 -5.02 6.13
C LEU A 17 -10.44 -5.28 4.80
N GLN A 18 -11.05 -4.25 4.24
CA GLN A 18 -11.75 -4.37 2.96
C GLN A 18 -10.80 -4.75 1.84
N VAL A 19 -11.01 -5.92 1.26
CA VAL A 19 -10.17 -6.40 0.16
C VAL A 19 -10.90 -6.34 -1.17
N GLU A 20 -10.21 -5.83 -2.19
CA GLU A 20 -10.79 -5.70 -3.51
C GLU A 20 -9.78 -6.07 -4.59
N ASN A 21 -10.27 -6.60 -5.71
CA ASN A 21 -9.41 -7.00 -6.81
C ASN A 21 -8.89 -5.78 -7.57
N CYS A 22 -7.69 -5.91 -8.14
CA CYS A 22 -7.08 -4.82 -8.89
C CYS A 22 -7.91 -4.47 -10.12
N THR A 23 -7.54 -3.39 -10.80
CA THR A 23 -8.26 -2.95 -11.99
C THR A 23 -7.92 -3.84 -13.18
N GLN A 24 -6.72 -3.67 -13.73
CA GLN A 24 -6.28 -4.47 -14.87
C GLN A 24 -5.24 -5.51 -14.45
N LEU A 25 -5.04 -6.51 -15.30
CA LEU A 25 -4.08 -7.57 -15.02
C LEU A 25 -2.65 -7.11 -15.32
N GLY A 26 -1.70 -7.64 -14.58
CA GLY A 26 -0.31 -7.28 -14.79
C GLY A 26 0.22 -6.37 -13.70
N GLU A 27 -0.48 -5.26 -13.45
CA GLU A 27 -0.07 -4.31 -12.43
C GLU A 27 0.14 -5.01 -11.09
N GLN A 28 0.93 -4.39 -10.23
CA GLN A 28 1.22 -4.94 -8.91
C GLN A 28 0.65 -4.05 -7.81
N CYS A 29 0.67 -4.56 -6.58
CA CYS A 29 0.16 -3.82 -5.44
C CYS A 29 1.29 -3.32 -4.56
N TRP A 30 1.05 -2.21 -3.86
CA TRP A 30 2.06 -1.63 -2.98
C TRP A 30 1.42 -1.04 -1.73
N THR A 31 2.18 -1.03 -0.63
CA THR A 31 1.68 -0.50 0.63
C THR A 31 2.62 0.57 1.18
N ALA A 32 2.15 1.81 1.20
CA ALA A 32 2.95 2.92 1.71
C ALA A 32 2.42 3.40 3.06
N ARG A 33 3.30 3.97 3.86
CA ARG A 33 2.92 4.47 5.18
C ARG A 33 3.29 5.95 5.33
N ILE A 34 2.43 6.69 6.01
CA ILE A 34 2.66 8.12 6.23
C ILE A 34 2.60 8.48 7.71
N ARG A 35 3.61 9.19 8.18
CA ARG A 35 3.67 9.60 9.58
C ARG A 35 4.26 10.99 9.71
N ALA A 36 3.81 11.73 10.72
CA ALA A 36 4.30 13.08 10.97
C ALA A 36 4.91 13.20 12.35
N VAL A 37 4.05 13.35 13.36
CA VAL A 37 4.52 13.47 14.74
C VAL A 37 4.96 12.13 15.30
N GLY A 38 4.28 11.07 14.88
CA GLY A 38 4.61 9.73 15.35
C GLY A 38 3.41 8.98 15.88
N LEU A 39 2.46 9.71 16.44
CA LEU A 39 1.25 9.10 16.98
C LEU A 39 0.23 8.81 15.88
N LEU A 40 0.19 9.68 14.88
CA LEU A 40 -0.73 9.51 13.76
C LEU A 40 -0.02 8.90 12.56
N THR A 41 -0.51 7.75 12.10
CA THR A 41 0.07 7.06 10.97
C THR A 41 -1.01 6.59 10.00
N VAL A 42 -1.08 7.23 8.84
CA VAL A 42 -2.07 6.88 7.83
C VAL A 42 -1.57 5.72 6.96
N ILE A 43 -2.50 5.05 6.29
CA ILE A 43 -2.16 3.93 5.44
C ILE A 43 -2.70 4.13 4.02
N SER A 44 -1.80 4.16 3.05
CA SER A 44 -2.19 4.36 1.65
C SER A 44 -1.91 3.10 0.83
N LYS A 45 -2.89 2.66 0.07
CA LYS A 45 -2.75 1.48 -0.77
C LYS A 45 -2.98 1.81 -2.24
N GLY A 46 -2.28 1.10 -3.11
CA GLY A 46 -2.43 1.35 -4.55
C GLY A 46 -2.04 0.14 -5.38
N CYS A 47 -2.46 0.13 -6.63
CA CYS A 47 -2.16 -0.98 -7.54
C CYS A 47 -1.84 -0.47 -8.94
N SER A 48 -0.64 -0.77 -9.42
CA SER A 48 -0.22 -0.34 -10.75
C SER A 48 1.02 -1.11 -11.20
N LEU A 49 1.32 -1.03 -12.49
CA LEU A 49 2.47 -1.72 -13.06
C LEU A 49 3.77 -1.02 -12.67
N ASN A 50 3.73 0.31 -12.66
CA ASN A 50 4.90 1.11 -12.31
C ASN A 50 4.99 1.30 -10.80
N CYS A 51 5.28 0.23 -10.07
CA CYS A 51 5.39 0.28 -8.63
C CYS A 51 6.83 0.55 -8.19
N VAL A 52 7.00 1.04 -6.97
CA VAL A 52 8.31 1.34 -6.44
C VAL A 52 9.01 0.07 -5.96
N ASP A 53 9.75 -0.57 -6.86
CA ASP A 53 10.47 -1.80 -6.52
C ASP A 53 11.31 -1.62 -5.25
N ASP A 54 11.80 -0.39 -5.05
CA ASP A 54 12.61 -0.08 -3.88
C ASP A 54 11.73 0.36 -2.71
N SER A 55 11.39 -0.59 -1.84
CA SER A 55 10.55 -0.29 -0.68
C SER A 55 11.33 0.50 0.36
N GLN A 56 12.35 -0.12 0.93
CA GLN A 56 13.18 0.53 1.95
C GLN A 56 13.65 1.90 1.47
N ASP A 57 13.85 2.03 0.16
CA ASP A 57 14.30 3.29 -0.42
C ASP A 57 13.29 4.39 -0.15
N TYR A 58 13.57 5.22 0.84
CA TYR A 58 12.68 6.32 1.20
C TYR A 58 12.31 7.15 -0.03
N TYR A 59 11.02 7.27 -0.28
CA TYR A 59 10.53 8.04 -1.42
C TYR A 59 10.88 9.51 -1.28
N VAL A 60 10.30 10.16 -0.28
CA VAL A 60 10.54 11.57 -0.03
C VAL A 60 11.20 11.79 1.33
N GLY A 61 10.79 10.99 2.30
CA GLY A 61 11.35 11.10 3.64
C GLY A 61 10.32 10.87 4.72
N LYS A 62 9.10 11.35 4.49
CA LYS A 62 8.02 11.18 5.46
C LYS A 62 7.25 9.90 5.19
N LYS A 63 7.00 9.62 3.92
CA LYS A 63 6.27 8.41 3.53
C LYS A 63 7.11 7.55 2.59
N ASN A 64 6.85 6.24 2.61
CA ASN A 64 7.58 5.31 1.75
C ASN A 64 6.63 4.32 1.11
N ILE A 65 6.85 4.05 -0.18
CA ILE A 65 6.01 3.10 -0.92
C ILE A 65 6.70 1.77 -1.08
N THR A 66 6.03 0.70 -0.67
CA THR A 66 6.59 -0.65 -0.77
C THR A 66 5.89 -1.45 -1.87
N CYS A 67 6.65 -1.85 -2.88
CA CYS A 67 6.10 -2.63 -3.98
C CYS A 67 6.10 -4.12 -3.66
N CYS A 68 5.10 -4.83 -4.16
CA CYS A 68 4.98 -6.26 -3.92
C CYS A 68 4.07 -6.92 -4.96
N ASP A 69 4.49 -8.07 -5.46
CA ASP A 69 3.72 -8.80 -6.45
C ASP A 69 3.19 -10.12 -5.89
N THR A 70 2.40 -10.02 -4.83
CA THR A 70 1.84 -11.20 -4.18
C THR A 70 0.38 -10.97 -3.80
N ASP A 71 -0.43 -12.02 -3.93
CA ASP A 71 -1.85 -11.94 -3.58
C ASP A 71 -2.03 -11.41 -2.16
N LEU A 72 -2.61 -10.23 -2.05
CA LEU A 72 -2.84 -9.61 -0.74
C LEU A 72 -1.53 -9.27 -0.06
N CYS A 73 -0.54 -8.87 -0.84
CA CYS A 73 0.77 -8.52 -0.31
C CYS A 73 0.65 -7.41 0.73
N ASN A 74 -0.39 -6.59 0.59
CA ASN A 74 -0.60 -5.47 1.51
C ASN A 74 -1.49 -5.91 2.67
N ALA A 75 -1.34 -7.16 3.09
CA ALA A 75 -2.12 -7.71 4.20
C ALA A 75 -1.64 -7.15 5.53
N SER A 76 -0.35 -7.28 5.80
CA SER A 76 0.23 -6.79 7.04
C SER A 76 0.90 -5.43 6.82
N MET A 1 -5.99 -11.35 -13.04
CA MET A 1 -6.55 -10.32 -12.18
C MET A 1 -6.03 -10.45 -10.76
N LEU A 2 -5.22 -9.48 -10.34
CA LEU A 2 -4.65 -9.49 -9.00
C LEU A 2 -5.62 -8.88 -7.99
N LEU A 3 -5.74 -9.51 -6.83
CA LEU A 3 -6.64 -9.03 -5.77
C LEU A 3 -5.84 -8.55 -4.57
N CYS A 4 -6.05 -7.30 -4.19
CA CYS A 4 -5.36 -6.72 -3.04
C CYS A 4 -6.32 -5.88 -2.20
N TYR A 5 -5.94 -5.66 -0.94
CA TYR A 5 -6.77 -4.87 -0.04
C TYR A 5 -6.87 -3.42 -0.51
N SER A 6 -7.87 -2.71 0.01
CA SER A 6 -8.09 -1.32 -0.36
C SER A 6 -8.29 -0.44 0.88
N CYS A 7 -7.23 0.26 1.28
CA CYS A 7 -7.29 1.13 2.45
C CYS A 7 -6.47 2.39 2.23
N LYS A 8 -7.14 3.47 1.83
CA LYS A 8 -6.47 4.74 1.59
C LYS A 8 -6.78 5.74 2.70
N ALA A 9 -5.77 6.49 3.12
CA ALA A 9 -5.93 7.48 4.18
C ALA A 9 -6.62 6.88 5.40
N GLN A 10 -6.30 5.63 5.69
CA GLN A 10 -6.89 4.94 6.84
C GLN A 10 -5.99 5.03 8.06
N VAL A 11 -6.57 5.41 9.19
CA VAL A 11 -5.82 5.54 10.44
C VAL A 11 -6.13 4.40 11.39
N SER A 12 -7.06 3.54 10.99
CA SER A 12 -7.45 2.39 11.81
C SER A 12 -7.26 1.09 11.04
N ASN A 13 -6.38 0.23 11.55
CA ASN A 13 -6.11 -1.06 10.91
C ASN A 13 -7.39 -1.89 10.82
N GLU A 14 -8.19 -1.84 11.87
CA GLU A 14 -9.44 -2.60 11.91
C GLU A 14 -10.31 -2.28 10.70
N ASP A 15 -10.26 -1.03 10.25
CA ASP A 15 -11.05 -0.60 9.10
C ASP A 15 -10.40 -1.08 7.80
N CYS A 16 -9.09 -1.34 7.86
CA CYS A 16 -8.36 -1.80 6.68
C CYS A 16 -8.49 -3.31 6.51
N LEU A 17 -9.69 -3.76 6.14
CA LEU A 17 -9.95 -5.18 5.95
C LEU A 17 -10.84 -5.40 4.73
N GLN A 18 -10.75 -4.51 3.76
CA GLN A 18 -11.54 -4.61 2.54
C GLN A 18 -10.69 -5.09 1.37
N VAL A 19 -11.16 -6.12 0.68
CA VAL A 19 -10.44 -6.67 -0.47
C VAL A 19 -11.07 -6.22 -1.78
N GLU A 20 -10.26 -5.60 -2.64
CA GLU A 20 -10.74 -5.13 -3.93
C GLU A 20 -9.80 -5.55 -5.06
N ASN A 21 -10.38 -6.05 -6.14
CA ASN A 21 -9.59 -6.49 -7.28
C ASN A 21 -9.16 -5.31 -8.15
N CYS A 22 -7.92 -5.33 -8.61
CA CYS A 22 -7.41 -4.26 -9.46
C CYS A 22 -8.16 -4.20 -10.78
N THR A 23 -7.71 -3.30 -11.66
CA THR A 23 -8.35 -3.13 -12.96
C THR A 23 -7.98 -4.28 -13.90
N GLN A 24 -6.75 -4.28 -14.37
CA GLN A 24 -6.27 -5.32 -15.28
C GLN A 24 -5.23 -6.20 -14.60
N LEU A 25 -5.04 -7.41 -15.12
CA LEU A 25 -4.07 -8.35 -14.56
C LEU A 25 -2.65 -7.93 -14.91
N GLY A 26 -1.72 -8.21 -14.01
CA GLY A 26 -0.33 -7.86 -14.23
C GLY A 26 0.19 -6.87 -13.20
N GLU A 27 -0.50 -5.74 -13.06
CA GLU A 27 -0.10 -4.71 -12.11
C GLU A 27 0.06 -5.29 -10.71
N GLN A 28 0.98 -4.73 -9.94
CA GLN A 28 1.23 -5.20 -8.59
C GLN A 28 0.57 -4.28 -7.56
N CYS A 29 0.80 -4.55 -6.29
CA CYS A 29 0.23 -3.75 -5.22
C CYS A 29 1.30 -3.36 -4.19
N TRP A 30 1.07 -2.25 -3.50
CA TRP A 30 2.01 -1.77 -2.50
C TRP A 30 1.28 -1.16 -1.31
N THR A 31 1.95 -1.13 -0.15
CA THR A 31 1.36 -0.57 1.05
C THR A 31 2.25 0.52 1.65
N ALA A 32 1.65 1.66 1.96
CA ALA A 32 2.39 2.78 2.53
C ALA A 32 2.06 2.94 4.01
N ARG A 33 3.09 3.18 4.82
CA ARG A 33 2.91 3.36 6.25
C ARG A 33 3.45 4.72 6.71
N ILE A 34 2.55 5.62 7.07
CA ILE A 34 2.93 6.95 7.52
C ILE A 34 3.02 7.01 9.04
N ARG A 35 4.07 7.66 9.54
CA ARG A 35 4.28 7.79 10.97
C ARG A 35 5.28 8.90 11.28
N ALA A 36 4.82 9.94 11.96
CA ALA A 36 5.67 11.06 12.32
C ALA A 36 5.72 11.26 13.83
N VAL A 37 6.71 12.02 14.29
CA VAL A 37 6.87 12.28 15.72
C VAL A 37 5.72 13.14 16.25
N GLY A 38 5.24 14.06 15.42
CA GLY A 38 4.15 14.92 15.82
C GLY A 38 2.93 14.79 14.93
N LEU A 39 2.65 13.56 14.51
CA LEU A 39 1.51 13.29 13.64
C LEU A 39 0.90 11.92 13.95
N LEU A 40 -0.12 11.55 13.18
CA LEU A 40 -0.79 10.27 13.36
C LEU A 40 -0.33 9.26 12.31
N THR A 41 -0.77 8.02 12.47
CA THR A 41 -0.40 6.96 11.54
C THR A 41 -1.49 6.74 10.49
N VAL A 42 -1.08 6.50 9.25
CA VAL A 42 -2.03 6.27 8.16
C VAL A 42 -1.53 5.17 7.23
N ILE A 43 -2.45 4.59 6.46
CA ILE A 43 -2.11 3.54 5.51
C ILE A 43 -2.71 3.81 4.14
N SER A 44 -1.90 3.65 3.10
CA SER A 44 -2.36 3.88 1.73
C SER A 44 -2.02 2.69 0.84
N LYS A 45 -2.93 2.35 -0.07
CA LYS A 45 -2.73 1.24 -0.98
C LYS A 45 -2.81 1.71 -2.43
N GLY A 46 -1.98 1.13 -3.29
CA GLY A 46 -1.98 1.50 -4.69
C GLY A 46 -1.61 0.33 -5.60
N CYS A 47 -2.37 0.17 -6.67
CA CYS A 47 -2.11 -0.91 -7.62
C CYS A 47 -1.52 -0.37 -8.93
N SER A 48 -0.35 -0.89 -9.30
CA SER A 48 0.32 -0.45 -10.52
C SER A 48 1.41 -1.45 -10.91
N LEU A 49 1.71 -1.49 -12.21
CA LEU A 49 2.74 -2.40 -12.72
C LEU A 49 4.13 -1.91 -12.35
N ASN A 50 4.43 -0.66 -12.70
CA ASN A 50 5.74 -0.09 -12.40
C ASN A 50 5.75 0.54 -11.00
N CYS A 51 6.38 -0.14 -10.06
CA CYS A 51 6.47 0.34 -8.69
C CYS A 51 7.92 0.64 -8.31
N VAL A 52 8.43 1.75 -8.82
CA VAL A 52 9.80 2.16 -8.53
C VAL A 52 9.84 3.29 -7.50
N ASP A 53 9.08 3.14 -6.42
CA ASP A 53 9.02 4.14 -5.37
C ASP A 53 8.78 3.50 -4.01
N ASP A 54 9.34 2.31 -3.83
CA ASP A 54 9.18 1.59 -2.57
C ASP A 54 10.54 1.27 -1.95
N SER A 55 11.23 0.27 -2.53
CA SER A 55 12.54 -0.13 -2.03
C SER A 55 13.65 0.52 -2.84
N GLN A 56 14.90 0.26 -2.45
CA GLN A 56 16.05 0.81 -3.14
C GLN A 56 15.89 2.33 -3.33
N ASP A 57 15.21 2.97 -2.38
CA ASP A 57 14.98 4.41 -2.44
C ASP A 57 14.47 4.93 -1.11
N TYR A 58 14.20 6.23 -1.05
CA TYR A 58 13.71 6.85 0.17
C TYR A 58 12.58 7.84 -0.14
N TYR A 59 11.35 7.38 0.01
CA TYR A 59 10.18 8.22 -0.25
C TYR A 59 10.21 9.48 0.60
N VAL A 60 9.81 10.60 0.01
CA VAL A 60 9.79 11.88 0.72
C VAL A 60 9.05 11.76 2.05
N GLY A 61 9.51 12.51 3.04
CA GLY A 61 8.88 12.47 4.35
C GLY A 61 9.31 11.26 5.16
N LYS A 62 8.38 10.72 5.95
CA LYS A 62 8.65 9.56 6.77
C LYS A 62 7.97 8.31 6.21
N LYS A 63 6.79 8.50 5.63
CA LYS A 63 6.04 7.40 5.05
C LYS A 63 6.90 6.58 4.10
N ASN A 64 6.70 5.27 4.11
CA ASN A 64 7.47 4.37 3.25
C ASN A 64 6.55 3.44 2.47
N ILE A 65 6.84 3.25 1.19
CA ILE A 65 6.04 2.38 0.34
C ILE A 65 6.76 1.07 0.08
N THR A 66 5.99 -0.01 -0.03
CA THR A 66 6.56 -1.33 -0.29
C THR A 66 5.75 -2.07 -1.36
N CYS A 67 6.41 -2.40 -2.46
CA CYS A 67 5.76 -3.12 -3.55
C CYS A 67 5.85 -4.63 -3.35
N CYS A 68 4.91 -5.35 -3.96
CA CYS A 68 4.87 -6.81 -3.84
C CYS A 68 4.06 -7.42 -4.97
N ASP A 69 4.51 -8.57 -5.46
CA ASP A 69 3.83 -9.26 -6.54
C ASP A 69 3.13 -10.53 -6.03
N THR A 70 2.17 -10.35 -5.14
CA THR A 70 1.43 -11.47 -4.57
C THR A 70 -0.01 -11.09 -4.27
N ASP A 71 -0.90 -12.06 -4.33
CA ASP A 71 -2.32 -11.82 -4.07
C ASP A 71 -2.54 -11.45 -2.61
N LEU A 72 -3.14 -10.28 -2.39
CA LEU A 72 -3.40 -9.80 -1.03
C LEU A 72 -2.11 -9.56 -0.27
N CYS A 73 -1.04 -9.24 -1.01
CA CYS A 73 0.25 -8.98 -0.40
C CYS A 73 0.16 -7.85 0.61
N ASN A 74 -0.82 -6.96 0.43
CA ASN A 74 -1.01 -5.84 1.34
C ASN A 74 -1.98 -6.19 2.45
N ALA A 75 -1.96 -7.47 2.86
CA ALA A 75 -2.84 -7.94 3.92
C ALA A 75 -2.25 -7.62 5.29
N SER A 76 -0.96 -7.89 5.45
CA SER A 76 -0.27 -7.64 6.71
C SER A 76 0.12 -6.17 6.84
N MET A 1 -6.56 -10.83 -13.16
CA MET A 1 -6.52 -9.67 -12.28
C MET A 1 -5.90 -10.04 -10.93
N LEU A 2 -5.55 -9.01 -10.15
CA LEU A 2 -4.96 -9.23 -8.84
C LEU A 2 -5.83 -8.61 -7.75
N LEU A 3 -5.90 -9.30 -6.60
CA LEU A 3 -6.69 -8.82 -5.48
C LEU A 3 -5.79 -8.24 -4.39
N CYS A 4 -6.05 -7.00 -4.00
CA CYS A 4 -5.28 -6.33 -2.97
C CYS A 4 -6.16 -5.45 -2.10
N TYR A 5 -5.78 -5.27 -0.84
CA TYR A 5 -6.54 -4.46 0.09
C TYR A 5 -6.52 -2.99 -0.33
N SER A 6 -7.45 -2.20 0.20
CA SER A 6 -7.53 -0.79 -0.13
C SER A 6 -8.00 0.02 1.09
N CYS A 7 -7.11 0.86 1.60
CA CYS A 7 -7.43 1.69 2.76
C CYS A 7 -6.77 3.07 2.64
N LYS A 8 -7.44 4.08 3.17
CA LYS A 8 -6.92 5.45 3.12
C LYS A 8 -7.18 6.17 4.44
N ALA A 9 -6.13 6.77 4.99
CA ALA A 9 -6.23 7.49 6.25
C ALA A 9 -6.56 6.55 7.40
N GLN A 10 -6.36 5.25 7.17
CA GLN A 10 -6.63 4.24 8.20
C GLN A 10 -5.44 4.10 9.14
N VAL A 11 -5.74 4.00 10.44
CA VAL A 11 -4.70 3.85 11.45
C VAL A 11 -4.79 2.50 12.15
N SER A 12 -6.01 1.98 12.26
CA SER A 12 -6.24 0.69 12.90
C SER A 12 -6.48 -0.40 11.87
N ASN A 13 -5.90 -1.58 12.12
CA ASN A 13 -6.06 -2.70 11.21
C ASN A 13 -7.52 -3.08 11.05
N GLU A 14 -8.25 -3.13 12.16
CA GLU A 14 -9.66 -3.47 12.14
C GLU A 14 -10.41 -2.64 11.10
N ASP A 15 -9.97 -1.40 10.93
CA ASP A 15 -10.60 -0.50 9.97
C ASP A 15 -10.08 -0.75 8.56
N CYS A 16 -8.78 -1.06 8.46
CA CYS A 16 -8.16 -1.34 7.17
C CYS A 16 -8.28 -2.81 6.80
N LEU A 17 -9.49 -3.23 6.44
CA LEU A 17 -9.74 -4.62 6.07
C LEU A 17 -10.62 -4.70 4.82
N GLN A 18 -10.44 -3.74 3.92
CA GLN A 18 -11.22 -3.70 2.68
C GLN A 18 -10.43 -4.30 1.52
N VAL A 19 -11.01 -5.30 0.87
CA VAL A 19 -10.37 -5.96 -0.26
C VAL A 19 -11.00 -5.55 -1.58
N GLU A 20 -10.17 -5.07 -2.51
CA GLU A 20 -10.66 -4.64 -3.81
C GLU A 20 -9.88 -5.32 -4.93
N ASN A 21 -10.56 -5.55 -6.05
CA ASN A 21 -9.93 -6.20 -7.20
C ASN A 21 -9.31 -5.16 -8.14
N CYS A 22 -8.12 -5.47 -8.64
CA CYS A 22 -7.42 -4.57 -9.55
C CYS A 22 -8.12 -4.50 -10.91
N THR A 23 -7.58 -3.70 -11.81
CA THR A 23 -8.15 -3.54 -13.14
C THR A 23 -7.85 -4.76 -14.01
N GLN A 24 -6.57 -5.05 -14.20
CA GLN A 24 -6.16 -6.19 -15.02
C GLN A 24 -4.88 -6.80 -14.47
N LEU A 25 -4.70 -8.10 -14.72
CA LEU A 25 -3.51 -8.81 -14.26
C LEU A 25 -2.24 -8.07 -14.68
N GLY A 26 -1.18 -8.24 -13.89
CA GLY A 26 0.08 -7.59 -14.20
C GLY A 26 0.37 -6.42 -13.28
N GLU A 27 -0.68 -5.66 -12.94
CA GLU A 27 -0.52 -4.51 -12.07
C GLU A 27 -0.11 -4.94 -10.67
N GLN A 28 1.01 -4.40 -10.19
CA GLN A 28 1.52 -4.72 -8.87
C GLN A 28 0.96 -3.76 -7.82
N CYS A 29 0.76 -4.26 -6.60
CA CYS A 29 0.23 -3.46 -5.52
C CYS A 29 1.36 -2.99 -4.59
N TRP A 30 1.08 -1.93 -3.82
CA TRP A 30 2.06 -1.40 -2.90
C TRP A 30 1.39 -0.88 -1.63
N THR A 31 2.17 -0.77 -0.55
CA THR A 31 1.66 -0.28 0.71
C THR A 31 2.47 0.89 1.24
N ALA A 32 1.81 2.02 1.48
CA ALA A 32 2.47 3.20 1.98
C ALA A 32 2.18 3.41 3.46
N ARG A 33 3.24 3.67 4.24
CA ARG A 33 3.10 3.89 5.67
C ARG A 33 3.62 5.27 6.07
N ILE A 34 2.73 6.10 6.62
CA ILE A 34 3.11 7.44 7.04
C ILE A 34 2.73 7.68 8.50
N ARG A 35 3.65 8.27 9.25
CA ARG A 35 3.41 8.56 10.66
C ARG A 35 2.99 10.01 10.86
N ALA A 36 2.81 10.41 12.11
CA ALA A 36 2.41 11.77 12.43
C ALA A 36 2.93 12.19 13.80
N VAL A 37 3.12 13.49 13.99
CA VAL A 37 3.61 14.02 15.25
C VAL A 37 2.53 14.00 16.32
N GLY A 38 1.27 14.07 15.88
CA GLY A 38 0.16 14.07 16.81
C GLY A 38 -0.36 12.67 17.08
N LEU A 39 0.53 11.69 17.01
CA LEU A 39 0.16 10.29 17.24
C LEU A 39 -0.77 9.79 16.14
N LEU A 40 -0.92 10.57 15.08
CA LEU A 40 -1.77 10.20 13.96
C LEU A 40 -1.03 9.29 13.00
N THR A 41 -1.79 8.64 12.11
CA THR A 41 -1.21 7.73 11.12
C THR A 41 -2.12 7.56 9.93
N VAL A 42 -1.58 7.01 8.84
CA VAL A 42 -2.36 6.79 7.63
C VAL A 42 -1.75 5.67 6.79
N ILE A 43 -2.59 4.73 6.36
CA ILE A 43 -2.14 3.61 5.56
C ILE A 43 -2.77 3.65 4.16
N SER A 44 -1.93 3.81 3.14
CA SER A 44 -2.41 3.86 1.76
C SER A 44 -1.92 2.66 0.97
N LYS A 45 -2.60 2.36 -0.13
CA LYS A 45 -2.23 1.24 -0.98
C LYS A 45 -2.85 1.38 -2.37
N GLY A 46 -2.09 1.00 -3.40
CA GLY A 46 -2.58 1.09 -4.75
C GLY A 46 -2.27 -0.15 -5.57
N CYS A 47 -2.58 -0.10 -6.86
CA CYS A 47 -2.33 -1.24 -7.75
C CYS A 47 -2.02 -0.75 -9.16
N SER A 48 -0.75 -0.85 -9.54
CA SER A 48 -0.32 -0.42 -10.86
C SER A 48 1.00 -1.08 -11.25
N LEU A 49 1.41 -0.90 -12.50
CA LEU A 49 2.66 -1.50 -12.99
C LEU A 49 3.84 -0.59 -12.66
N ASN A 50 3.61 0.71 -12.65
CA ASN A 50 4.66 1.68 -12.34
C ASN A 50 4.82 1.86 -10.84
N CYS A 51 4.99 0.75 -10.14
CA CYS A 51 5.16 0.78 -8.69
C CYS A 51 6.60 1.16 -8.31
N VAL A 52 6.92 1.01 -7.03
CA VAL A 52 8.26 1.33 -6.54
C VAL A 52 8.68 0.37 -5.42
N ASP A 53 9.82 -0.27 -5.62
CA ASP A 53 10.33 -1.22 -4.63
C ASP A 53 11.11 -0.48 -3.53
N ASP A 54 10.45 -0.27 -2.40
CA ASP A 54 11.07 0.42 -1.29
C ASP A 54 12.47 -0.13 -1.01
N SER A 55 12.63 -1.43 -1.20
CA SER A 55 13.92 -2.09 -0.97
C SER A 55 15.01 -1.42 -1.80
N GLN A 56 15.80 -0.56 -1.15
CA GLN A 56 16.88 0.14 -1.82
C GLN A 56 16.34 1.07 -2.91
N ASP A 57 15.55 2.05 -2.49
CA ASP A 57 14.98 3.02 -3.42
C ASP A 57 15.48 4.42 -3.15
N TYR A 58 14.86 5.41 -3.78
CA TYR A 58 15.26 6.80 -3.60
C TYR A 58 14.10 7.63 -3.08
N TYR A 59 13.24 7.00 -2.28
CA TYR A 59 12.08 7.69 -1.72
C TYR A 59 12.46 8.46 -0.45
N VAL A 60 12.59 9.78 -0.59
CA VAL A 60 12.96 10.63 0.54
C VAL A 60 11.75 10.94 1.41
N GLY A 61 10.58 11.08 0.77
CA GLY A 61 9.37 11.36 1.49
C GLY A 61 9.16 10.42 2.67
N LYS A 62 8.62 10.95 3.76
CA LYS A 62 8.37 10.16 4.96
C LYS A 62 7.60 8.89 4.61
N LYS A 63 6.64 9.02 3.70
CA LYS A 63 5.83 7.89 3.27
C LYS A 63 6.68 6.84 2.57
N ASN A 64 6.65 5.62 3.08
CA ASN A 64 7.42 4.52 2.51
C ASN A 64 6.53 3.59 1.69
N ILE A 65 6.69 3.65 0.37
CA ILE A 65 5.89 2.82 -0.53
C ILE A 65 6.67 1.57 -0.93
N THR A 66 6.14 0.40 -0.56
CA THR A 66 6.77 -0.87 -0.88
C THR A 66 6.01 -1.59 -1.98
N CYS A 67 6.69 -1.84 -3.09
CA CYS A 67 6.07 -2.54 -4.22
C CYS A 67 6.11 -4.05 -4.02
N CYS A 68 5.06 -4.72 -4.47
CA CYS A 68 4.96 -6.17 -4.33
C CYS A 68 4.02 -6.76 -5.39
N ASP A 69 4.38 -7.92 -5.92
CA ASP A 69 3.57 -8.58 -6.93
C ASP A 69 2.96 -9.87 -6.37
N THR A 70 2.21 -9.74 -5.29
CA THR A 70 1.56 -10.89 -4.67
C THR A 70 0.13 -10.57 -4.25
N ASP A 71 -0.72 -11.58 -4.27
CA ASP A 71 -2.12 -11.41 -3.90
C ASP A 71 -2.25 -10.93 -2.46
N LEU A 72 -2.85 -9.75 -2.28
CA LEU A 72 -3.03 -9.17 -0.96
C LEU A 72 -1.68 -8.92 -0.29
N CYS A 73 -0.69 -8.54 -1.09
CA CYS A 73 0.65 -8.26 -0.58
C CYS A 73 0.62 -7.10 0.41
N ASN A 74 -0.38 -6.22 0.25
CA ASN A 74 -0.52 -5.07 1.13
C ASN A 74 -1.45 -5.38 2.31
N ALA A 75 -1.46 -6.64 2.73
CA ALA A 75 -2.29 -7.07 3.84
C ALA A 75 -1.76 -6.55 5.17
N SER A 76 -0.44 -6.53 5.30
CA SER A 76 0.21 -6.07 6.53
C SER A 76 1.47 -5.27 6.21
N MET A 1 -5.84 -7.66 -12.46
CA MET A 1 -6.29 -8.99 -12.05
C MET A 1 -5.86 -9.28 -10.61
N LEU A 2 -4.65 -8.86 -10.26
CA LEU A 2 -4.13 -9.08 -8.93
C LEU A 2 -5.04 -8.44 -7.86
N LEU A 3 -5.49 -9.26 -6.92
CA LEU A 3 -6.36 -8.78 -5.86
C LEU A 3 -5.55 -8.28 -4.66
N CYS A 4 -5.91 -7.11 -4.16
CA CYS A 4 -5.21 -6.52 -3.02
C CYS A 4 -6.18 -5.72 -2.14
N TYR A 5 -5.71 -5.32 -0.97
CA TYR A 5 -6.54 -4.56 -0.03
C TYR A 5 -6.60 -3.09 -0.45
N SER A 6 -7.55 -2.36 0.14
CA SER A 6 -7.72 -0.95 -0.17
C SER A 6 -7.72 -0.12 1.10
N CYS A 7 -6.61 0.57 1.35
CA CYS A 7 -6.47 1.41 2.53
C CYS A 7 -5.70 2.69 2.20
N LYS A 8 -6.40 3.81 2.20
CA LYS A 8 -5.78 5.11 1.91
C LYS A 8 -6.21 6.16 2.92
N ALA A 9 -5.23 6.89 3.45
CA ALA A 9 -5.51 7.93 4.43
C ALA A 9 -6.36 7.39 5.57
N GLN A 10 -5.85 6.40 6.28
CA GLN A 10 -6.57 5.79 7.39
C GLN A 10 -5.60 5.16 8.39
N VAL A 11 -6.06 4.97 9.62
CA VAL A 11 -5.24 4.37 10.66
C VAL A 11 -5.94 3.16 11.28
N SER A 12 -7.26 3.19 11.28
CA SER A 12 -8.05 2.11 11.86
C SER A 12 -8.01 0.88 10.95
N ASN A 13 -7.71 -0.27 11.55
CA ASN A 13 -7.64 -1.52 10.80
C ASN A 13 -9.00 -1.87 10.20
N GLU A 14 -10.06 -1.60 10.95
CA GLU A 14 -11.41 -1.89 10.50
C GLU A 14 -11.66 -1.31 9.11
N ASP A 15 -11.02 -0.18 8.82
CA ASP A 15 -11.16 0.46 7.52
C ASP A 15 -10.27 -0.20 6.47
N CYS A 16 -9.13 -0.73 6.93
CA CYS A 16 -8.18 -1.38 6.04
C CYS A 16 -8.54 -2.85 5.86
N LEU A 17 -9.80 -3.12 5.54
CA LEU A 17 -10.27 -4.48 5.35
C LEU A 17 -10.90 -4.65 3.97
N GLN A 18 -11.40 -3.54 3.42
CA GLN A 18 -12.03 -3.56 2.10
C GLN A 18 -11.04 -3.99 1.03
N VAL A 19 -11.30 -5.15 0.43
CA VAL A 19 -10.44 -5.68 -0.61
C VAL A 19 -10.89 -5.21 -1.99
N GLU A 20 -9.96 -4.64 -2.76
CA GLU A 20 -10.26 -4.13 -4.08
C GLU A 20 -9.32 -4.74 -5.12
N ASN A 21 -9.88 -5.13 -6.26
CA ASN A 21 -9.09 -5.73 -7.33
C ASN A 21 -8.32 -4.66 -8.11
N CYS A 22 -7.11 -5.01 -8.53
CA CYS A 22 -6.28 -4.09 -9.30
C CYS A 22 -6.90 -3.75 -10.64
N THR A 23 -6.21 -2.94 -11.43
CA THR A 23 -6.70 -2.54 -12.74
C THR A 23 -6.53 -3.68 -13.75
N GLN A 24 -5.29 -3.89 -14.18
CA GLN A 24 -5.00 -4.95 -15.15
C GLN A 24 -3.95 -5.91 -14.61
N LEU A 25 -3.99 -7.15 -15.09
CA LEU A 25 -3.04 -8.17 -14.65
C LEU A 25 -1.60 -7.68 -14.83
N GLY A 26 -0.69 -8.28 -14.06
CA GLY A 26 0.71 -7.89 -14.14
C GLY A 26 1.09 -6.84 -13.13
N GLU A 27 0.15 -5.95 -12.82
CA GLU A 27 0.39 -4.89 -11.86
C GLU A 27 0.58 -5.45 -10.46
N GLN A 28 1.42 -4.79 -9.66
CA GLN A 28 1.69 -5.22 -8.30
C GLN A 28 1.05 -4.28 -7.29
N CYS A 29 1.23 -4.59 -6.00
CA CYS A 29 0.67 -3.78 -4.94
C CYS A 29 1.73 -3.43 -3.90
N TRP A 30 1.47 -2.39 -3.12
CA TRP A 30 2.41 -1.95 -2.09
C TRP A 30 1.67 -1.29 -0.93
N THR A 31 2.29 -1.29 0.25
CA THR A 31 1.69 -0.69 1.43
C THR A 31 2.63 0.32 2.07
N ALA A 32 2.13 1.53 2.31
CA ALA A 32 2.93 2.59 2.92
C ALA A 32 2.55 2.78 4.38
N ARG A 33 3.54 3.08 5.22
CA ARG A 33 3.30 3.30 6.63
C ARG A 33 3.83 4.67 7.07
N ILE A 34 2.91 5.57 7.42
CA ILE A 34 3.27 6.91 7.85
C ILE A 34 3.42 6.98 9.36
N ARG A 35 4.64 7.26 9.83
CA ARG A 35 4.91 7.35 11.26
C ARG A 35 5.84 8.51 11.56
N ALA A 36 5.26 9.65 11.94
CA ALA A 36 6.05 10.84 12.25
C ALA A 36 6.72 10.70 13.60
N VAL A 37 7.38 11.78 14.04
CA VAL A 37 8.07 11.78 15.33
C VAL A 37 7.19 11.21 16.44
N GLY A 38 5.88 11.42 16.31
CA GLY A 38 4.94 10.93 17.31
C GLY A 38 3.66 11.73 17.34
N LEU A 39 2.93 11.73 16.22
CA LEU A 39 1.67 12.45 16.13
C LEU A 39 0.52 11.52 15.77
N LEU A 40 0.44 11.16 14.48
CA LEU A 40 -0.61 10.28 14.00
C LEU A 40 -0.07 9.34 12.92
N THR A 41 -0.59 8.12 12.89
CA THR A 41 -0.17 7.13 11.91
C THR A 41 -1.23 6.95 10.82
N VAL A 42 -0.77 6.70 9.59
CA VAL A 42 -1.67 6.51 8.46
C VAL A 42 -1.18 5.37 7.57
N ILE A 43 -2.08 4.87 6.72
CA ILE A 43 -1.74 3.78 5.81
C ILE A 43 -2.23 4.09 4.39
N SER A 44 -1.36 3.87 3.42
CA SER A 44 -1.69 4.13 2.02
C SER A 44 -1.43 2.89 1.17
N LYS A 45 -2.36 2.61 0.25
CA LYS A 45 -2.23 1.46 -0.63
C LYS A 45 -2.24 1.88 -2.09
N GLY A 46 -1.46 1.19 -2.91
CA GLY A 46 -1.38 1.51 -4.33
C GLY A 46 -1.09 0.30 -5.18
N CYS A 47 -1.49 0.37 -6.44
CA CYS A 47 -1.28 -0.74 -7.38
C CYS A 47 -0.80 -0.23 -8.73
N SER A 48 0.37 -0.70 -9.15
CA SER A 48 0.96 -0.28 -10.42
C SER A 48 1.89 -1.36 -10.97
N LEU A 49 2.20 -1.26 -12.25
CA LEU A 49 3.07 -2.22 -12.91
C LEU A 49 4.54 -1.88 -12.65
N ASN A 50 4.85 -0.59 -12.67
CA ASN A 50 6.22 -0.13 -12.44
C ASN A 50 6.46 0.15 -10.96
N CYS A 51 6.20 -0.85 -10.12
CA CYS A 51 6.38 -0.71 -8.68
C CYS A 51 7.75 -1.24 -8.26
N VAL A 52 8.40 -0.50 -7.37
CA VAL A 52 9.72 -0.90 -6.87
C VAL A 52 9.65 -1.36 -5.42
N ASP A 53 10.34 -2.46 -5.13
CA ASP A 53 10.36 -2.99 -3.77
C ASP A 53 11.60 -2.53 -3.02
N ASP A 54 12.05 -1.31 -3.32
CA ASP A 54 13.23 -0.75 -2.67
C ASP A 54 12.97 0.69 -2.23
N SER A 55 11.71 1.00 -1.91
CA SER A 55 11.33 2.34 -1.49
C SER A 55 11.88 3.38 -2.46
N GLN A 56 11.88 3.05 -3.75
CA GLN A 56 12.38 3.97 -4.77
C GLN A 56 11.22 4.53 -5.60
N ASP A 57 10.57 5.57 -5.07
CA ASP A 57 9.46 6.20 -5.76
C ASP A 57 9.41 7.70 -5.46
N TYR A 58 8.42 8.38 -6.04
CA TYR A 58 8.27 9.81 -5.83
C TYR A 58 7.14 10.11 -4.86
N TYR A 59 6.98 9.23 -3.87
CA TYR A 59 5.92 9.39 -2.87
C TYR A 59 6.51 9.36 -1.46
N VAL A 60 7.49 10.22 -1.21
CA VAL A 60 8.13 10.29 0.09
C VAL A 60 7.30 11.12 1.07
N GLY A 61 7.74 11.16 2.33
CA GLY A 61 7.03 11.92 3.34
C GLY A 61 6.89 11.16 4.65
N LYS A 62 8.02 10.77 5.22
CA LYS A 62 8.02 10.03 6.49
C LYS A 62 7.20 8.75 6.37
N LYS A 63 7.22 8.15 5.18
CA LYS A 63 6.48 6.92 4.94
C LYS A 63 7.34 5.90 4.20
N ASN A 64 7.16 4.63 4.53
CA ASN A 64 7.93 3.56 3.90
C ASN A 64 7.02 2.69 3.03
N ILE A 65 7.32 2.65 1.73
CA ILE A 65 6.53 1.85 0.79
C ILE A 65 7.18 0.50 0.54
N THR A 66 6.38 -0.56 0.58
CA THR A 66 6.88 -1.90 0.36
C THR A 66 6.10 -2.60 -0.76
N CYS A 67 6.81 -2.97 -1.83
CA CYS A 67 6.19 -3.63 -2.96
C CYS A 67 6.01 -5.12 -2.68
N CYS A 68 5.18 -5.78 -3.49
CA CYS A 68 4.92 -7.20 -3.33
C CYS A 68 4.09 -7.73 -4.49
N ASP A 69 4.39 -8.96 -4.92
CA ASP A 69 3.68 -9.58 -6.03
C ASP A 69 2.90 -10.81 -5.55
N THR A 70 1.93 -10.58 -4.67
CA THR A 70 1.12 -11.67 -4.13
C THR A 70 -0.30 -11.21 -3.84
N ASP A 71 -1.26 -12.11 -4.02
CA ASP A 71 -2.66 -11.79 -3.77
C ASP A 71 -2.87 -11.34 -2.33
N LEU A 72 -3.32 -10.10 -2.15
CA LEU A 72 -3.56 -9.55 -0.82
C LEU A 72 -2.25 -9.43 -0.04
N CYS A 73 -1.17 -9.12 -0.76
CA CYS A 73 0.13 -8.97 -0.13
C CYS A 73 0.12 -7.85 0.90
N ASN A 74 -0.77 -6.88 0.70
CA ASN A 74 -0.89 -5.75 1.61
C ASN A 74 -1.95 -6.01 2.68
N ALA A 75 -2.08 -7.28 3.06
CA ALA A 75 -3.04 -7.67 4.08
C ALA A 75 -2.60 -7.23 5.47
N SER A 76 -1.36 -7.55 5.82
CA SER A 76 -0.81 -7.18 7.12
C SER A 76 -0.21 -5.79 7.08
N MET A 1 -5.54 -9.43 -12.67
CA MET A 1 -6.62 -9.92 -11.82
C MET A 1 -6.10 -10.24 -10.42
N LEU A 2 -5.32 -9.32 -9.86
CA LEU A 2 -4.76 -9.50 -8.53
C LEU A 2 -5.65 -8.87 -7.48
N LEU A 3 -5.87 -9.59 -6.38
CA LEU A 3 -6.71 -9.09 -5.29
C LEU A 3 -5.85 -8.48 -4.19
N CYS A 4 -6.13 -7.23 -3.85
CA CYS A 4 -5.38 -6.54 -2.79
C CYS A 4 -6.28 -5.58 -2.04
N TYR A 5 -5.91 -5.28 -0.80
CA TYR A 5 -6.69 -4.37 0.03
C TYR A 5 -6.70 -2.96 -0.55
N SER A 6 -7.53 -2.09 0.01
CA SER A 6 -7.62 -0.71 -0.44
C SER A 6 -8.14 0.20 0.66
N CYS A 7 -7.35 1.21 1.00
CA CYS A 7 -7.73 2.16 2.04
C CYS A 7 -7.29 3.58 1.67
N LYS A 8 -7.32 4.48 2.66
CA LYS A 8 -6.94 5.86 2.44
C LYS A 8 -6.86 6.62 3.76
N ALA A 9 -5.65 6.87 4.23
CA ALA A 9 -5.45 7.60 5.48
C ALA A 9 -6.09 6.86 6.65
N GLN A 10 -6.23 5.54 6.51
CA GLN A 10 -6.84 4.72 7.55
C GLN A 10 -5.80 4.33 8.60
N VAL A 11 -6.20 4.35 9.86
CA VAL A 11 -5.31 3.99 10.95
C VAL A 11 -5.77 2.71 11.65
N SER A 12 -7.09 2.51 11.69
CA SER A 12 -7.66 1.33 12.32
C SER A 12 -7.88 0.22 11.30
N ASN A 13 -7.39 -0.98 11.61
CA ASN A 13 -7.54 -2.12 10.72
C ASN A 13 -8.99 -2.31 10.32
N GLU A 14 -9.90 -2.20 11.29
CA GLU A 14 -11.32 -2.37 11.04
C GLU A 14 -11.75 -1.54 9.83
N ASP A 15 -11.16 -0.37 9.68
CA ASP A 15 -11.48 0.52 8.56
C ASP A 15 -10.69 0.13 7.32
N CYS A 16 -9.43 -0.27 7.53
CA CYS A 16 -8.56 -0.66 6.43
C CYS A 16 -8.66 -2.15 6.15
N LEU A 17 -9.90 -2.66 6.10
CA LEU A 17 -10.14 -4.07 5.84
C LEU A 17 -11.01 -4.25 4.61
N GLN A 18 -10.78 -3.42 3.60
CA GLN A 18 -11.54 -3.48 2.36
C GLN A 18 -10.71 -4.11 1.24
N VAL A 19 -11.13 -5.29 0.79
CA VAL A 19 -10.42 -5.99 -0.28
C VAL A 19 -11.07 -5.73 -1.63
N GLU A 20 -10.27 -5.24 -2.58
CA GLU A 20 -10.77 -4.95 -3.92
C GLU A 20 -9.88 -5.58 -4.98
N ASN A 21 -10.49 -6.03 -6.07
CA ASN A 21 -9.76 -6.66 -7.16
C ASN A 21 -9.18 -5.62 -8.10
N CYS A 22 -7.93 -5.81 -8.51
CA CYS A 22 -7.26 -4.89 -9.41
C CYS A 22 -7.96 -4.85 -10.77
N THR A 23 -7.36 -4.13 -11.71
CA THR A 23 -7.92 -4.01 -13.05
C THR A 23 -7.73 -5.29 -13.85
N GLN A 24 -6.50 -5.53 -14.30
CA GLN A 24 -6.19 -6.72 -15.09
C GLN A 24 -4.86 -7.32 -14.64
N LEU A 25 -4.47 -8.43 -15.27
CA LEU A 25 -3.22 -9.10 -14.94
C LEU A 25 -2.03 -8.20 -15.21
N GLY A 26 -0.95 -8.43 -14.48
CA GLY A 26 0.25 -7.63 -14.66
C GLY A 26 0.39 -6.54 -13.60
N GLU A 27 -0.73 -6.02 -13.14
CA GLU A 27 -0.73 -4.96 -12.13
C GLU A 27 -0.30 -5.52 -10.77
N GLN A 28 0.57 -4.78 -10.10
CA GLN A 28 1.07 -5.20 -8.79
C GLN A 28 0.49 -4.32 -7.68
N CYS A 29 0.80 -4.67 -6.44
CA CYS A 29 0.32 -3.91 -5.29
C CYS A 29 1.49 -3.45 -4.42
N TRP A 30 1.22 -2.45 -3.58
CA TRP A 30 2.25 -1.92 -2.68
C TRP A 30 1.63 -1.39 -1.40
N THR A 31 2.40 -1.42 -0.32
CA THR A 31 1.92 -0.94 0.98
C THR A 31 2.87 0.11 1.56
N ALA A 32 2.38 1.33 1.71
CA ALA A 32 3.18 2.41 2.25
C ALA A 32 2.64 2.87 3.60
N ARG A 33 3.47 3.57 4.36
CA ARG A 33 3.08 4.06 5.68
C ARG A 33 3.57 5.50 5.90
N ILE A 34 2.75 6.30 6.57
CA ILE A 34 3.10 7.69 6.85
C ILE A 34 3.04 7.99 8.34
N ARG A 35 4.17 8.40 8.89
CA ARG A 35 4.25 8.72 10.32
C ARG A 35 3.57 10.05 10.62
N ALA A 36 2.71 10.06 11.64
CA ALA A 36 2.00 11.27 12.03
C ALA A 36 2.87 12.16 12.91
N VAL A 37 2.50 13.44 13.00
CA VAL A 37 3.24 14.39 13.81
C VAL A 37 3.45 13.87 15.22
N GLY A 38 2.46 13.14 15.73
CA GLY A 38 2.56 12.59 17.07
C GLY A 38 2.97 11.14 17.08
N LEU A 39 2.04 10.27 17.44
CA LEU A 39 2.31 8.83 17.49
C LEU A 39 1.45 8.08 16.47
N LEU A 40 0.25 8.59 16.22
CA LEU A 40 -0.66 7.97 15.27
C LEU A 40 0.04 7.72 13.94
N THR A 41 -0.62 6.94 13.07
CA THR A 41 -0.06 6.62 11.77
C THR A 41 -1.16 6.20 10.79
N VAL A 42 -0.98 6.56 9.52
CA VAL A 42 -1.95 6.23 8.49
C VAL A 42 -1.41 5.16 7.54
N ILE A 43 -2.30 4.43 6.91
CA ILE A 43 -1.91 3.37 5.98
C ILE A 43 -2.35 3.70 4.56
N SER A 44 -1.47 3.47 3.60
CA SER A 44 -1.76 3.74 2.20
C SER A 44 -1.34 2.57 1.31
N LYS A 45 -2.18 2.26 0.32
CA LYS A 45 -1.89 1.17 -0.59
C LYS A 45 -2.38 1.50 -2.00
N GLY A 46 -1.72 0.91 -3.00
CA GLY A 46 -2.10 1.17 -4.38
C GLY A 46 -1.81 -0.01 -5.28
N CYS A 47 -2.50 -0.07 -6.41
CA CYS A 47 -2.31 -1.17 -7.37
C CYS A 47 -2.25 -0.64 -8.80
N SER A 48 -1.10 -0.83 -9.44
CA SER A 48 -0.92 -0.37 -10.81
C SER A 48 0.33 -1.00 -11.42
N LEU A 49 0.66 -0.58 -12.65
CA LEU A 49 1.83 -1.09 -13.34
C LEU A 49 3.11 -0.48 -12.79
N ASN A 50 3.05 0.78 -12.42
CA ASN A 50 4.20 1.49 -11.87
C ASN A 50 4.49 1.04 -10.44
N CYS A 51 5.61 0.36 -10.25
CA CYS A 51 6.00 -0.12 -8.94
C CYS A 51 7.50 -0.42 -8.89
N VAL A 52 8.20 0.26 -7.96
CA VAL A 52 9.64 0.07 -7.81
C VAL A 52 9.95 -0.96 -6.74
N ASP A 53 10.96 -1.78 -6.98
CA ASP A 53 11.36 -2.81 -6.03
C ASP A 53 11.54 -2.22 -4.64
N ASP A 54 12.00 -0.97 -4.58
CA ASP A 54 12.22 -0.30 -3.31
C ASP A 54 12.28 1.22 -3.51
N SER A 55 11.57 1.95 -2.66
CA SER A 55 11.54 3.41 -2.75
C SER A 55 12.36 4.02 -1.63
N GLN A 56 13.46 3.37 -1.27
CA GLN A 56 14.34 3.86 -0.22
C GLN A 56 15.10 5.10 -0.67
N ASP A 57 15.54 5.09 -1.91
CA ASP A 57 16.29 6.21 -2.47
C ASP A 57 15.36 7.19 -3.18
N TYR A 58 14.33 6.65 -3.82
CA TYR A 58 13.36 7.47 -4.54
C TYR A 58 12.62 8.40 -3.59
N TYR A 59 11.96 7.82 -2.59
CA TYR A 59 11.22 8.59 -1.60
C TYR A 59 12.00 8.72 -0.30
N VAL A 60 12.53 9.91 -0.05
CA VAL A 60 13.30 10.16 1.16
C VAL A 60 12.38 10.48 2.34
N GLY A 61 11.28 11.18 2.05
CA GLY A 61 10.34 11.53 3.09
C GLY A 61 9.92 10.34 3.93
N LYS A 62 9.31 10.62 5.08
CA LYS A 62 8.86 9.56 5.98
C LYS A 62 8.05 8.52 5.22
N LYS A 63 7.18 8.98 4.33
CA LYS A 63 6.35 8.07 3.54
C LYS A 63 7.21 7.11 2.73
N ASN A 64 7.02 5.82 2.96
CA ASN A 64 7.79 4.79 2.25
C ASN A 64 6.85 3.84 1.52
N ILE A 65 7.10 3.64 0.23
CA ILE A 65 6.29 2.76 -0.59
C ILE A 65 6.96 1.40 -0.77
N THR A 66 6.25 0.35 -0.37
CA THR A 66 6.78 -1.01 -0.47
C THR A 66 6.02 -1.81 -1.53
N CYS A 67 6.74 -2.25 -2.56
CA CYS A 67 6.14 -3.02 -3.64
C CYS A 67 6.03 -4.50 -3.25
N CYS A 68 5.16 -5.23 -3.94
CA CYS A 68 4.95 -6.64 -3.67
C CYS A 68 4.10 -7.29 -4.76
N ASP A 69 4.43 -8.54 -5.09
CA ASP A 69 3.68 -9.27 -6.12
C ASP A 69 2.99 -10.49 -5.52
N THR A 70 2.19 -10.26 -4.49
CA THR A 70 1.46 -11.34 -3.83
C THR A 70 0.02 -10.94 -3.56
N ASP A 71 -0.87 -11.94 -3.55
CA ASP A 71 -2.29 -11.70 -3.29
C ASP A 71 -2.51 -11.14 -1.89
N LEU A 72 -3.14 -9.99 -1.81
CA LEU A 72 -3.41 -9.35 -0.53
C LEU A 72 -2.11 -9.07 0.23
N CYS A 73 -1.05 -8.80 -0.52
CA CYS A 73 0.25 -8.50 0.07
C CYS A 73 0.17 -7.28 0.98
N ASN A 74 -0.80 -6.41 0.72
CA ASN A 74 -0.98 -5.20 1.52
C ASN A 74 -1.97 -5.45 2.64
N ALA A 75 -2.04 -6.68 3.12
CA ALA A 75 -2.95 -7.05 4.19
C ALA A 75 -2.49 -6.44 5.52
N SER A 76 -1.19 -6.44 5.74
CA SER A 76 -0.62 -5.91 6.97
C SER A 76 0.66 -5.12 6.68
N MET A 1 -5.81 -11.06 -13.59
CA MET A 1 -6.10 -9.90 -12.76
C MET A 1 -5.66 -10.13 -11.32
N LEU A 2 -5.18 -9.08 -10.68
CA LEU A 2 -4.72 -9.17 -9.30
C LEU A 2 -5.64 -8.38 -8.37
N LEU A 3 -5.71 -8.82 -7.12
CA LEU A 3 -6.56 -8.17 -6.12
C LEU A 3 -5.75 -7.79 -4.89
N CYS A 4 -6.02 -6.61 -4.35
CA CYS A 4 -5.31 -6.12 -3.17
C CYS A 4 -6.22 -5.22 -2.33
N TYR A 5 -5.90 -5.12 -1.04
CA TYR A 5 -6.69 -4.31 -0.12
C TYR A 5 -6.61 -2.83 -0.50
N SER A 6 -7.42 -2.00 0.16
CA SER A 6 -7.44 -0.57 -0.11
C SER A 6 -7.95 0.20 1.10
N CYS A 7 -7.02 0.86 1.80
CA CYS A 7 -7.37 1.64 2.98
C CYS A 7 -6.52 2.91 3.07
N LYS A 8 -7.09 4.03 2.61
CA LYS A 8 -6.39 5.30 2.63
C LYS A 8 -6.84 6.14 3.82
N ALA A 9 -5.92 6.92 4.38
CA ALA A 9 -6.22 7.78 5.52
C ALA A 9 -6.87 6.99 6.64
N GLN A 10 -6.41 5.76 6.84
CA GLN A 10 -6.95 4.89 7.88
C GLN A 10 -5.93 4.71 9.01
N VAL A 11 -6.41 4.82 10.25
CA VAL A 11 -5.55 4.66 11.41
C VAL A 11 -5.96 3.45 12.25
N SER A 12 -6.73 2.55 11.63
CA SER A 12 -7.19 1.35 12.32
C SER A 12 -7.12 0.14 11.40
N ASN A 13 -6.19 -0.76 11.69
CA ASN A 13 -6.02 -1.97 10.89
C ASN A 13 -7.30 -2.81 10.89
N GLU A 14 -7.96 -2.87 12.04
CA GLU A 14 -9.19 -3.64 12.17
C GLU A 14 -10.19 -3.24 11.10
N ASP A 15 -10.23 -1.95 10.77
CA ASP A 15 -11.15 -1.44 9.77
C ASP A 15 -10.57 -1.64 8.37
N CYS A 16 -9.26 -1.82 8.29
CA CYS A 16 -8.58 -2.01 7.01
C CYS A 16 -8.69 -3.47 6.55
N LEU A 17 -9.89 -3.89 6.20
CA LEU A 17 -10.11 -5.26 5.75
C LEU A 17 -10.90 -5.28 4.45
N GLN A 18 -11.05 -4.11 3.83
CA GLN A 18 -11.77 -3.99 2.57
C GLN A 18 -10.87 -4.33 1.39
N VAL A 19 -11.30 -5.31 0.59
CA VAL A 19 -10.53 -5.73 -0.57
C VAL A 19 -11.05 -5.08 -1.85
N GLU A 20 -10.16 -4.56 -2.67
CA GLU A 20 -10.54 -3.92 -3.92
C GLU A 20 -9.87 -4.60 -5.11
N ASN A 21 -10.66 -4.88 -6.15
CA ASN A 21 -10.15 -5.53 -7.34
C ASN A 21 -9.40 -4.54 -8.23
N CYS A 22 -8.18 -4.89 -8.62
CA CYS A 22 -7.37 -4.04 -9.47
C CYS A 22 -7.94 -3.97 -10.88
N THR A 23 -7.17 -3.36 -11.79
CA THR A 23 -7.60 -3.23 -13.18
C THR A 23 -7.47 -4.56 -13.91
N GLN A 24 -6.24 -4.93 -14.25
CA GLN A 24 -5.98 -6.18 -14.96
C GLN A 24 -4.73 -6.86 -14.43
N LEU A 25 -4.30 -7.92 -15.10
CA LEU A 25 -3.11 -8.67 -14.68
C LEU A 25 -1.85 -7.93 -15.10
N GLY A 26 -0.77 -8.13 -14.34
CA GLY A 26 0.49 -7.49 -14.65
C GLY A 26 0.88 -6.47 -13.62
N GLU A 27 -0.04 -5.57 -13.28
CA GLU A 27 0.22 -4.54 -12.30
C GLU A 27 0.71 -5.14 -10.98
N GLN A 28 1.21 -4.28 -10.09
CA GLN A 28 1.71 -4.74 -8.80
C GLN A 28 1.17 -3.87 -7.67
N CYS A 29 1.06 -4.43 -6.48
CA CYS A 29 0.56 -3.72 -5.32
C CYS A 29 1.70 -3.35 -4.37
N TRP A 30 1.42 -2.46 -3.43
CA TRP A 30 2.43 -2.03 -2.46
C TRP A 30 1.77 -1.56 -1.17
N THR A 31 2.50 -1.68 -0.06
CA THR A 31 1.98 -1.27 1.24
C THR A 31 2.90 -0.24 1.89
N ALA A 32 2.41 1.00 2.00
CA ALA A 32 3.19 2.07 2.61
C ALA A 32 2.56 2.51 3.93
N ARG A 33 3.39 3.04 4.81
CA ARG A 33 2.93 3.50 6.12
C ARG A 33 3.39 4.93 6.39
N ILE A 34 2.53 5.72 7.02
CA ILE A 34 2.84 7.10 7.34
C ILE A 34 2.85 7.33 8.85
N ARG A 35 3.95 7.90 9.34
CA ARG A 35 4.08 8.17 10.77
C ARG A 35 4.79 9.51 11.01
N ALA A 36 4.08 10.44 11.63
CA ALA A 36 4.64 11.75 11.92
C ALA A 36 4.87 11.94 13.41
N VAL A 37 5.92 12.69 13.76
CA VAL A 37 6.25 12.93 15.16
C VAL A 37 5.05 13.47 15.92
N GLY A 38 4.23 14.27 15.24
CA GLY A 38 3.06 14.84 15.88
C GLY A 38 1.80 14.61 15.07
N LEU A 39 1.60 13.37 14.62
CA LEU A 39 0.43 13.02 13.83
C LEU A 39 0.12 11.53 13.93
N LEU A 40 -1.13 11.17 13.69
CA LEU A 40 -1.54 9.77 13.75
C LEU A 40 -0.95 8.97 12.60
N THR A 41 -1.23 7.67 12.58
CA THR A 41 -0.72 6.79 11.53
C THR A 41 -1.75 6.60 10.42
N VAL A 42 -1.31 6.75 9.18
CA VAL A 42 -2.20 6.57 8.04
C VAL A 42 -1.75 5.41 7.16
N ILE A 43 -2.73 4.63 6.68
CA ILE A 43 -2.43 3.49 5.83
C ILE A 43 -2.56 3.85 4.35
N SER A 44 -1.62 3.36 3.55
CA SER A 44 -1.63 3.63 2.12
C SER A 44 -1.46 2.34 1.32
N LYS A 45 -2.36 2.13 0.36
CA LYS A 45 -2.33 0.94 -0.48
C LYS A 45 -2.47 1.31 -1.95
N GLY A 46 -1.73 0.60 -2.81
CA GLY A 46 -1.79 0.87 -4.23
C GLY A 46 -1.72 -0.40 -5.06
N CYS A 47 -2.04 -0.28 -6.35
CA CYS A 47 -2.01 -1.42 -7.25
C CYS A 47 -1.98 -0.97 -8.71
N SER A 48 -0.79 -0.99 -9.30
CA SER A 48 -0.62 -0.58 -10.69
C SER A 48 0.74 -1.03 -11.22
N LEU A 49 0.98 -0.76 -12.50
CA LEU A 49 2.24 -1.13 -13.14
C LEU A 49 3.42 -0.42 -12.47
N ASN A 50 3.17 0.81 -12.02
CA ASN A 50 4.21 1.59 -11.36
C ASN A 50 4.48 1.08 -9.95
N CYS A 51 5.68 0.56 -9.74
CA CYS A 51 6.07 0.03 -8.43
C CYS A 51 7.57 -0.22 -8.38
N VAL A 52 8.18 0.13 -7.25
CA VAL A 52 9.61 -0.07 -7.06
C VAL A 52 9.89 -1.13 -6.00
N ASP A 53 10.51 -2.23 -6.40
CA ASP A 53 10.84 -3.31 -5.48
C ASP A 53 11.57 -2.78 -4.25
N ASP A 54 12.39 -1.75 -4.46
CA ASP A 54 13.15 -1.16 -3.37
C ASP A 54 12.38 0.00 -2.74
N SER A 55 11.99 -0.17 -1.49
CA SER A 55 11.23 0.86 -0.77
C SER A 55 12.08 2.11 -0.58
N GLN A 56 13.38 1.91 -0.38
CA GLN A 56 14.30 3.03 -0.18
C GLN A 56 14.42 3.87 -1.45
N ASP A 57 13.53 4.84 -1.60
CA ASP A 57 13.55 5.72 -2.76
C ASP A 57 13.21 7.16 -2.37
N TYR A 58 13.91 8.11 -2.99
CA TYR A 58 13.69 9.52 -2.70
C TYR A 58 12.23 9.90 -2.91
N TYR A 59 11.53 9.11 -3.73
CA TYR A 59 10.12 9.37 -4.01
C TYR A 59 9.35 9.65 -2.73
N VAL A 60 9.74 8.98 -1.65
CA VAL A 60 9.08 9.16 -0.36
C VAL A 60 10.06 9.70 0.68
N GLY A 61 9.61 10.69 1.46
CA GLY A 61 10.46 11.26 2.48
C GLY A 61 10.27 10.61 3.84
N LYS A 62 9.14 10.90 4.48
CA LYS A 62 8.84 10.34 5.78
C LYS A 62 8.34 8.90 5.66
N LYS A 63 7.16 8.75 5.08
CA LYS A 63 6.56 7.42 4.89
C LYS A 63 7.40 6.57 3.94
N ASN A 64 7.14 5.27 3.92
CA ASN A 64 7.88 4.35 3.07
C ASN A 64 6.92 3.46 2.28
N ILE A 65 7.24 3.25 1.01
CA ILE A 65 6.41 2.42 0.14
C ILE A 65 7.08 1.07 -0.13
N THR A 66 6.37 0.00 0.16
CA THR A 66 6.89 -1.35 -0.05
C THR A 66 6.15 -2.06 -1.18
N CYS A 67 6.88 -2.42 -2.23
CA CYS A 67 6.29 -3.09 -3.38
C CYS A 67 6.10 -4.58 -3.09
N CYS A 68 5.20 -5.22 -3.83
CA CYS A 68 4.93 -6.64 -3.65
C CYS A 68 4.11 -7.18 -4.82
N ASP A 69 4.41 -8.42 -5.22
CA ASP A 69 3.69 -9.05 -6.32
C ASP A 69 2.96 -10.30 -5.85
N THR A 70 1.94 -10.11 -5.01
CA THR A 70 1.17 -11.22 -4.49
C THR A 70 -0.27 -10.79 -4.20
N ASP A 71 -1.20 -11.72 -4.39
CA ASP A 71 -2.61 -11.45 -4.17
C ASP A 71 -2.85 -11.00 -2.72
N LEU A 72 -3.40 -9.80 -2.56
CA LEU A 72 -3.69 -9.25 -1.24
C LEU A 72 -2.41 -9.17 -0.40
N CYS A 73 -1.30 -8.83 -1.07
CA CYS A 73 -0.01 -8.71 -0.39
C CYS A 73 -0.07 -7.64 0.70
N ASN A 74 -0.95 -6.66 0.51
CA ASN A 74 -1.10 -5.58 1.47
C ASN A 74 -2.18 -5.91 2.51
N ALA A 75 -2.39 -7.20 2.74
CA ALA A 75 -3.39 -7.65 3.70
C ALA A 75 -3.05 -7.19 5.10
N SER A 76 -1.76 -7.16 5.41
CA SER A 76 -1.30 -6.74 6.73
C SER A 76 -0.82 -5.30 6.70
N MET A 1 -5.99 -11.09 -13.32
CA MET A 1 -5.64 -9.85 -12.63
C MET A 1 -5.18 -10.13 -11.21
N LEU A 2 -4.91 -9.08 -10.45
CA LEU A 2 -4.46 -9.22 -9.07
C LEU A 2 -5.47 -8.59 -8.12
N LEU A 3 -5.64 -9.23 -6.95
CA LEU A 3 -6.58 -8.74 -5.95
C LEU A 3 -5.84 -8.32 -4.68
N CYS A 4 -6.17 -7.15 -4.17
CA CYS A 4 -5.55 -6.63 -2.96
C CYS A 4 -6.56 -5.87 -2.11
N TYR A 5 -6.13 -5.47 -0.91
CA TYR A 5 -7.00 -4.73 0.00
C TYR A 5 -7.06 -3.25 -0.37
N SER A 6 -8.26 -2.70 -0.44
CA SER A 6 -8.45 -1.30 -0.79
C SER A 6 -8.57 -0.44 0.46
N CYS A 7 -7.49 0.25 0.81
CA CYS A 7 -7.48 1.11 1.98
C CYS A 7 -6.67 2.38 1.73
N LYS A 8 -6.97 3.43 2.47
CA LYS A 8 -6.26 4.70 2.32
C LYS A 8 -6.62 5.65 3.45
N ALA A 9 -5.64 6.44 3.89
CA ALA A 9 -5.86 7.40 4.97
C ALA A 9 -6.41 6.72 6.21
N GLN A 10 -5.86 5.56 6.54
CA GLN A 10 -6.29 4.80 7.72
C GLN A 10 -5.18 3.88 8.22
N VAL A 11 -5.09 3.74 9.53
CA VAL A 11 -4.08 2.88 10.14
C VAL A 11 -4.72 1.72 10.89
N SER A 12 -6.01 1.86 11.20
CA SER A 12 -6.73 0.82 11.92
C SER A 12 -6.98 -0.39 11.03
N ASN A 13 -6.33 -1.51 11.36
CA ASN A 13 -6.48 -2.73 10.58
C ASN A 13 -7.95 -3.07 10.37
N GLU A 14 -8.75 -2.92 11.42
CA GLU A 14 -10.17 -3.20 11.34
C GLU A 14 -10.81 -2.47 10.17
N ASP A 15 -10.33 -1.26 9.89
CA ASP A 15 -10.84 -0.46 8.79
C ASP A 15 -10.28 -0.94 7.45
N CYS A 16 -9.04 -1.39 7.47
CA CYS A 16 -8.38 -1.87 6.26
C CYS A 16 -8.68 -3.35 6.04
N LEU A 17 -9.97 -3.70 6.04
CA LEU A 17 -10.39 -5.08 5.85
C LEU A 17 -11.28 -5.19 4.61
N GLN A 18 -11.07 -4.29 3.65
CA GLN A 18 -11.84 -4.31 2.42
C GLN A 18 -11.03 -4.86 1.26
N VAL A 19 -11.49 -5.96 0.68
CA VAL A 19 -10.80 -6.59 -0.43
C VAL A 19 -11.39 -6.15 -1.77
N GLU A 20 -10.57 -5.52 -2.60
CA GLU A 20 -11.00 -5.04 -3.91
C GLU A 20 -10.00 -5.41 -4.99
N ASN A 21 -10.50 -5.87 -6.13
CA ASN A 21 -9.65 -6.25 -7.25
C ASN A 21 -9.08 -5.03 -7.95
N CYS A 22 -7.88 -5.16 -8.51
CA CYS A 22 -7.23 -4.07 -9.21
C CYS A 22 -7.99 -3.71 -10.48
N THR A 23 -7.48 -2.72 -11.22
CA THR A 23 -8.11 -2.29 -12.45
C THR A 23 -7.76 -3.21 -13.61
N GLN A 24 -6.51 -3.16 -14.05
CA GLN A 24 -6.05 -3.99 -15.16
C GLN A 24 -5.10 -5.07 -14.65
N LEU A 25 -5.16 -6.25 -15.27
CA LEU A 25 -4.30 -7.37 -14.89
C LEU A 25 -2.84 -7.04 -15.16
N GLY A 26 -1.95 -7.62 -14.36
CA GLY A 26 -0.53 -7.38 -14.52
C GLY A 26 0.03 -6.41 -13.51
N GLU A 27 -0.80 -5.45 -13.10
CA GLU A 27 -0.38 -4.45 -12.12
C GLU A 27 -0.31 -5.06 -10.71
N GLN A 28 0.78 -4.76 -10.01
CA GLN A 28 0.97 -5.27 -8.66
C GLN A 28 0.42 -4.30 -7.62
N CYS A 29 0.63 -4.63 -6.35
CA CYS A 29 0.16 -3.78 -5.26
C CYS A 29 1.30 -3.40 -4.33
N TRP A 30 1.09 -2.34 -3.55
CA TRP A 30 2.11 -1.86 -2.62
C TRP A 30 1.47 -1.29 -1.36
N THR A 31 2.20 -1.35 -0.25
CA THR A 31 1.70 -0.85 1.02
C THR A 31 2.67 0.16 1.63
N ALA A 32 2.25 1.43 1.67
CA ALA A 32 3.09 2.48 2.23
C ALA A 32 2.56 2.94 3.59
N ARG A 33 3.47 3.35 4.47
CA ARG A 33 3.09 3.81 5.80
C ARG A 33 3.58 5.24 6.03
N ILE A 34 2.89 5.96 6.91
CA ILE A 34 3.27 7.33 7.23
C ILE A 34 3.39 7.53 8.75
N ARG A 35 4.32 8.39 9.14
CA ARG A 35 4.54 8.67 10.56
C ARG A 35 5.12 10.07 10.76
N ALA A 36 4.59 10.79 11.74
CA ALA A 36 5.05 12.14 12.04
C ALA A 36 4.99 12.43 13.52
N VAL A 37 5.92 13.26 14.00
CA VAL A 37 5.98 13.62 15.42
C VAL A 37 4.69 14.28 15.86
N GLY A 38 4.09 15.07 14.97
CA GLY A 38 2.86 15.75 15.29
C GLY A 38 1.67 15.21 14.51
N LEU A 39 1.63 13.90 14.35
CA LEU A 39 0.54 13.26 13.61
C LEU A 39 0.47 11.76 13.92
N LEU A 40 -0.62 11.13 13.54
CA LEU A 40 -0.81 9.71 13.78
C LEU A 40 -0.40 8.89 12.55
N THR A 41 -0.07 7.63 12.77
CA THR A 41 0.33 6.75 11.67
C THR A 41 -0.82 6.50 10.72
N VAL A 42 -0.50 6.22 9.45
CA VAL A 42 -1.50 5.95 8.44
C VAL A 42 -1.03 4.88 7.46
N ILE A 43 -1.98 4.29 6.74
CA ILE A 43 -1.65 3.26 5.77
C ILE A 43 -2.36 3.51 4.44
N SER A 44 -1.61 3.43 3.34
CA SER A 44 -2.17 3.65 2.01
C SER A 44 -1.81 2.50 1.07
N LYS A 45 -2.77 2.11 0.24
CA LYS A 45 -2.54 1.03 -0.71
C LYS A 45 -2.76 1.51 -2.14
N GLY A 46 -1.92 1.02 -3.06
CA GLY A 46 -2.03 1.41 -4.45
C GLY A 46 -1.64 0.30 -5.39
N CYS A 47 -2.34 0.20 -6.52
CA CYS A 47 -2.07 -0.82 -7.52
C CYS A 47 -1.36 -0.23 -8.74
N SER A 48 -0.21 -0.79 -9.07
CA SER A 48 0.58 -0.31 -10.21
C SER A 48 1.61 -1.37 -10.64
N LEU A 49 2.05 -1.25 -11.88
CA LEU A 49 3.04 -2.19 -12.42
C LEU A 49 4.46 -1.71 -12.13
N ASN A 50 4.70 -0.42 -12.36
CA ASN A 50 6.02 0.16 -12.12
C ASN A 50 6.18 0.57 -10.65
N CYS A 51 5.94 -0.38 -9.76
CA CYS A 51 6.05 -0.12 -8.33
C CYS A 51 7.51 -0.17 -7.88
N VAL A 52 7.73 -0.10 -6.57
CA VAL A 52 9.08 -0.13 -6.02
C VAL A 52 9.13 -0.99 -4.75
N ASP A 53 9.91 -2.05 -4.80
CA ASP A 53 10.05 -2.94 -3.65
C ASP A 53 11.38 -2.68 -2.93
N ASP A 54 11.90 -1.48 -3.07
CA ASP A 54 13.15 -1.11 -2.42
C ASP A 54 12.98 0.16 -1.59
N SER A 55 11.87 0.85 -1.79
CA SER A 55 11.59 2.09 -1.07
C SER A 55 12.78 3.05 -1.14
N GLN A 56 13.44 3.08 -2.30
CA GLN A 56 14.58 3.95 -2.50
C GLN A 56 14.25 5.08 -3.47
N ASP A 57 13.28 5.91 -3.10
CA ASP A 57 12.86 7.02 -3.93
C ASP A 57 12.73 8.29 -3.11
N TYR A 58 12.33 9.38 -3.76
CA TYR A 58 12.16 10.66 -3.10
C TYR A 58 11.23 10.53 -1.89
N TYR A 59 10.24 9.65 -2.01
CA TYR A 59 9.29 9.43 -0.93
C TYR A 59 10.01 9.08 0.38
N VAL A 60 11.20 8.52 0.24
CA VAL A 60 11.99 8.13 1.41
C VAL A 60 11.99 9.24 2.46
N GLY A 61 11.86 8.84 3.73
CA GLY A 61 11.85 9.81 4.81
C GLY A 61 10.59 9.70 5.65
N LYS A 62 9.47 10.16 5.11
CA LYS A 62 8.20 10.12 5.82
C LYS A 62 7.22 9.17 5.14
N LYS A 63 7.30 9.11 3.81
CA LYS A 63 6.43 8.23 3.03
C LYS A 63 7.21 7.07 2.43
N ASN A 64 7.07 5.90 3.02
CA ASN A 64 7.77 4.70 2.54
C ASN A 64 6.81 3.76 1.82
N ILE A 65 7.05 3.55 0.53
CA ILE A 65 6.20 2.67 -0.28
C ILE A 65 6.85 1.30 -0.46
N THR A 66 6.10 0.25 -0.18
CA THR A 66 6.61 -1.11 -0.31
C THR A 66 5.82 -1.88 -1.37
N CYS A 67 6.52 -2.30 -2.43
CA CYS A 67 5.89 -3.05 -3.50
C CYS A 67 5.84 -4.54 -3.18
N CYS A 68 4.80 -5.20 -3.67
CA CYS A 68 4.63 -6.63 -3.42
C CYS A 68 3.86 -7.29 -4.57
N ASP A 69 4.31 -8.47 -4.98
CA ASP A 69 3.65 -9.21 -6.06
C ASP A 69 2.96 -10.46 -5.53
N THR A 70 1.96 -10.25 -4.68
CA THR A 70 1.22 -11.37 -4.10
C THR A 70 -0.23 -10.98 -3.83
N ASP A 71 -1.14 -11.92 -4.04
CA ASP A 71 -2.57 -11.67 -3.81
C ASP A 71 -2.81 -11.21 -2.38
N LEU A 72 -3.41 -10.03 -2.24
CA LEU A 72 -3.70 -9.47 -0.92
C LEU A 72 -2.43 -9.32 -0.11
N CYS A 73 -1.34 -8.95 -0.77
CA CYS A 73 -0.05 -8.76 -0.11
C CYS A 73 -0.17 -7.68 0.98
N ASN A 74 -1.04 -6.71 0.76
CA ASN A 74 -1.24 -5.63 1.71
C ASN A 74 -2.36 -5.97 2.69
N ALA A 75 -2.53 -7.26 2.97
CA ALA A 75 -3.56 -7.72 3.90
C ALA A 75 -3.22 -7.35 5.33
N SER A 76 -1.92 -7.40 5.66
CA SER A 76 -1.47 -7.07 7.01
C SER A 76 -2.22 -7.89 8.05
N MET A 1 -4.44 -10.68 -13.44
CA MET A 1 -5.27 -9.98 -12.46
C MET A 1 -4.82 -10.30 -11.04
N LEU A 2 -4.86 -9.29 -10.18
CA LEU A 2 -4.44 -9.47 -8.78
C LEU A 2 -5.38 -8.70 -7.84
N LEU A 3 -5.77 -9.34 -6.75
CA LEU A 3 -6.65 -8.72 -5.77
C LEU A 3 -5.87 -8.24 -4.56
N CYS A 4 -6.04 -6.97 -4.22
CA CYS A 4 -5.35 -6.38 -3.07
C CYS A 4 -6.23 -5.36 -2.36
N TYR A 5 -6.00 -5.19 -1.07
CA TYR A 5 -6.78 -4.25 -0.27
C TYR A 5 -6.57 -2.82 -0.75
N SER A 6 -7.45 -1.93 -0.32
CA SER A 6 -7.36 -0.52 -0.71
C SER A 6 -7.95 0.38 0.37
N CYS A 7 -7.14 1.32 0.86
CA CYS A 7 -7.57 2.24 1.89
C CYS A 7 -6.97 3.63 1.67
N LYS A 8 -7.47 4.60 2.42
CA LYS A 8 -6.99 5.98 2.31
C LYS A 8 -7.07 6.70 3.65
N ALA A 9 -5.91 7.05 4.20
CA ALA A 9 -5.86 7.76 5.48
C ALA A 9 -6.39 6.87 6.61
N GLN A 10 -6.27 5.57 6.43
CA GLN A 10 -6.75 4.61 7.44
C GLN A 10 -5.67 4.37 8.50
N VAL A 11 -6.10 4.39 9.76
CA VAL A 11 -5.18 4.18 10.88
C VAL A 11 -5.50 2.88 11.60
N SER A 12 -6.78 2.53 11.65
CA SER A 12 -7.21 1.31 12.31
C SER A 12 -7.44 0.19 11.30
N ASN A 13 -6.85 -0.97 11.57
CA ASN A 13 -6.99 -2.12 10.70
C ASN A 13 -8.45 -2.40 10.38
N GLU A 14 -9.29 -2.38 11.41
CA GLU A 14 -10.72 -2.62 11.25
C GLU A 14 -11.30 -1.74 10.14
N ASP A 15 -10.77 -0.51 10.03
CA ASP A 15 -11.24 0.42 9.02
C ASP A 15 -10.62 0.11 7.66
N CYS A 16 -9.37 -0.34 7.67
CA CYS A 16 -8.66 -0.68 6.44
C CYS A 16 -8.92 -2.13 6.06
N LEU A 17 -10.18 -2.47 5.83
CA LEU A 17 -10.57 -3.82 5.44
C LEU A 17 -11.28 -3.83 4.10
N GLN A 18 -10.89 -2.91 3.22
CA GLN A 18 -11.49 -2.80 1.91
C GLN A 18 -10.69 -3.58 0.87
N VAL A 19 -11.36 -4.45 0.12
CA VAL A 19 -10.71 -5.26 -0.90
C VAL A 19 -11.17 -4.86 -2.30
N GLU A 20 -10.21 -4.65 -3.20
CA GLU A 20 -10.52 -4.26 -4.56
C GLU A 20 -9.50 -4.85 -5.54
N ASN A 21 -9.98 -5.25 -6.71
CA ASN A 21 -9.11 -5.84 -7.73
C ASN A 21 -8.27 -4.76 -8.41
N CYS A 22 -7.07 -5.13 -8.82
CA CYS A 22 -6.17 -4.19 -9.48
C CYS A 22 -6.73 -3.75 -10.83
N THR A 23 -6.03 -2.84 -11.49
CA THR A 23 -6.45 -2.33 -12.78
C THR A 23 -6.20 -3.35 -13.88
N GLN A 24 -4.94 -3.50 -14.26
CA GLN A 24 -4.56 -4.46 -15.30
C GLN A 24 -3.66 -5.55 -14.74
N LEU A 25 -3.75 -6.74 -15.32
CA LEU A 25 -2.94 -7.88 -14.88
C LEU A 25 -1.46 -7.53 -14.92
N GLY A 26 -0.68 -8.18 -14.05
CA GLY A 26 0.74 -7.92 -14.01
C GLY A 26 1.11 -6.87 -12.99
N GLU A 27 0.23 -5.90 -12.78
CA GLU A 27 0.46 -4.82 -11.83
C GLU A 27 0.70 -5.38 -10.43
N GLN A 28 1.71 -4.84 -9.75
CA GLN A 28 2.04 -5.29 -8.40
C GLN A 28 1.44 -4.36 -7.36
N CYS A 29 1.24 -4.89 -6.15
CA CYS A 29 0.66 -4.11 -5.06
C CYS A 29 1.72 -3.74 -4.04
N TRP A 30 1.45 -2.69 -3.27
CA TRP A 30 2.39 -2.23 -2.24
C TRP A 30 1.64 -1.67 -1.04
N THR A 31 2.29 -1.71 0.12
CA THR A 31 1.69 -1.21 1.35
C THR A 31 2.58 -0.15 2.00
N ALA A 32 2.11 1.10 1.99
CA ALA A 32 2.86 2.20 2.57
C ALA A 32 2.13 2.77 3.80
N ARG A 33 2.84 3.57 4.57
CA ARG A 33 2.27 4.17 5.78
C ARG A 33 2.98 5.48 6.12
N ILE A 34 2.24 6.42 6.69
CA ILE A 34 2.79 7.71 7.07
C ILE A 34 2.96 7.82 8.58
N ARG A 35 3.85 8.70 9.01
CA ARG A 35 4.10 8.90 10.44
C ARG A 35 4.25 10.38 10.76
N ALA A 36 3.80 10.77 11.94
CA ALA A 36 3.88 12.16 12.38
C ALA A 36 4.60 12.27 13.72
N VAL A 37 4.63 13.49 14.27
CA VAL A 37 5.28 13.72 15.56
C VAL A 37 4.87 12.69 16.59
N GLY A 38 3.63 12.21 16.48
CA GLY A 38 3.14 11.22 17.42
C GLY A 38 3.81 9.87 17.23
N LEU A 39 3.00 8.85 16.94
CA LEU A 39 3.53 7.50 16.74
C LEU A 39 3.15 6.98 15.36
N LEU A 40 1.91 7.21 14.96
CA LEU A 40 1.42 6.76 13.66
C LEU A 40 0.47 7.78 13.05
N THR A 41 0.57 7.96 11.73
CA THR A 41 -0.28 8.91 11.02
C THR A 41 -1.42 8.19 10.30
N VAL A 42 -1.10 7.53 9.20
CA VAL A 42 -2.10 6.80 8.43
C VAL A 42 -1.46 5.64 7.66
N ILE A 43 -2.27 4.94 6.87
CA ILE A 43 -1.79 3.82 6.08
C ILE A 43 -2.27 3.91 4.64
N SER A 44 -1.33 3.85 3.71
CA SER A 44 -1.66 3.92 2.29
C SER A 44 -1.36 2.60 1.59
N LYS A 45 -2.10 2.33 0.52
CA LYS A 45 -1.91 1.10 -0.24
C LYS A 45 -2.54 1.21 -1.64
N GLY A 46 -1.90 0.60 -2.62
CA GLY A 46 -2.41 0.64 -3.98
C GLY A 46 -1.81 -0.44 -4.85
N CYS A 47 -2.10 -0.37 -6.15
CA CYS A 47 -1.60 -1.36 -7.10
C CYS A 47 -1.11 -0.67 -8.38
N SER A 48 0.12 -0.99 -8.78
CA SER A 48 0.69 -0.41 -10.00
C SER A 48 1.78 -1.32 -10.57
N LEU A 49 2.11 -1.12 -11.83
CA LEU A 49 3.12 -1.91 -12.50
C LEU A 49 4.53 -1.38 -12.18
N ASN A 50 4.66 -0.07 -12.16
CA ASN A 50 5.95 0.56 -11.86
C ASN A 50 6.14 0.69 -10.36
N CYS A 51 6.32 -0.44 -9.68
CA CYS A 51 6.53 -0.45 -8.23
C CYS A 51 7.90 -1.01 -7.89
N VAL A 52 8.57 -0.37 -6.94
CA VAL A 52 9.89 -0.80 -6.52
C VAL A 52 9.85 -1.39 -5.11
N ASP A 53 10.58 -2.49 -4.91
CA ASP A 53 10.63 -3.15 -3.62
C ASP A 53 11.45 -2.33 -2.62
N ASP A 54 12.41 -1.57 -3.13
CA ASP A 54 13.26 -0.74 -2.29
C ASP A 54 12.70 0.67 -2.17
N SER A 55 11.38 0.78 -2.24
CA SER A 55 10.71 2.08 -2.14
C SER A 55 11.41 3.11 -3.02
N GLN A 56 11.91 2.66 -4.16
CA GLN A 56 12.60 3.55 -5.09
C GLN A 56 11.60 4.24 -6.03
N ASP A 57 10.99 5.31 -5.53
CA ASP A 57 10.02 6.06 -6.32
C ASP A 57 9.99 7.52 -5.90
N TYR A 58 9.02 8.27 -6.43
CA TYR A 58 8.89 9.69 -6.11
C TYR A 58 8.62 9.90 -4.62
N TYR A 59 7.60 9.21 -4.12
CA TYR A 59 7.23 9.33 -2.70
C TYR A 59 8.42 9.00 -1.81
N VAL A 60 9.07 10.04 -1.29
CA VAL A 60 10.22 9.87 -0.41
C VAL A 60 10.31 11.01 0.60
N GLY A 61 10.75 10.68 1.81
CA GLY A 61 10.89 11.69 2.85
C GLY A 61 10.64 11.13 4.24
N LYS A 62 9.37 10.86 4.55
CA LYS A 62 9.01 10.32 5.85
C LYS A 62 8.30 8.97 5.70
N LYS A 63 7.29 8.93 4.83
CA LYS A 63 6.54 7.71 4.59
C LYS A 63 7.41 6.67 3.89
N ASN A 64 6.94 5.42 3.91
CA ASN A 64 7.68 4.33 3.28
C ASN A 64 6.73 3.44 2.48
N ILE A 65 7.17 3.03 1.29
CA ILE A 65 6.37 2.18 0.43
C ILE A 65 7.00 0.79 0.30
N THR A 66 6.21 -0.24 0.56
CA THR A 66 6.68 -1.62 0.46
C THR A 66 5.96 -2.38 -0.65
N CYS A 67 6.73 -2.83 -1.64
CA CYS A 67 6.17 -3.57 -2.77
C CYS A 67 5.94 -5.03 -2.40
N CYS A 68 5.18 -5.73 -3.23
CA CYS A 68 4.89 -7.14 -3.00
C CYS A 68 4.08 -7.73 -4.15
N ASP A 69 4.37 -8.98 -4.49
CA ASP A 69 3.66 -9.65 -5.57
C ASP A 69 2.89 -10.85 -5.05
N THR A 70 1.87 -10.59 -4.23
CA THR A 70 1.06 -11.64 -3.65
C THR A 70 -0.39 -11.18 -3.46
N ASP A 71 -1.32 -12.10 -3.64
CA ASP A 71 -2.74 -11.78 -3.48
C ASP A 71 -3.02 -11.22 -2.09
N LEU A 72 -3.46 -9.97 -2.05
CA LEU A 72 -3.77 -9.31 -0.78
C LEU A 72 -2.51 -9.16 0.08
N CYS A 73 -1.38 -8.92 -0.58
CA CYS A 73 -0.11 -8.75 0.11
C CYS A 73 -0.17 -7.58 1.09
N ASN A 74 -1.04 -6.62 0.80
CA ASN A 74 -1.19 -5.46 1.65
C ASN A 74 -2.31 -5.66 2.67
N ALA A 75 -2.47 -6.91 3.12
CA ALA A 75 -3.50 -7.24 4.09
C ALA A 75 -3.11 -6.77 5.49
N SER A 76 -1.85 -6.98 5.85
CA SER A 76 -1.35 -6.58 7.16
C SER A 76 -2.11 -7.30 8.28
N MET A 1 -5.88 -6.62 -12.07
CA MET A 1 -6.54 -7.90 -11.90
C MET A 1 -6.33 -8.44 -10.49
N LEU A 2 -5.15 -8.18 -9.93
CA LEU A 2 -4.83 -8.64 -8.59
C LEU A 2 -5.78 -8.05 -7.56
N LEU A 3 -6.05 -8.81 -6.50
CA LEU A 3 -6.95 -8.36 -5.44
C LEU A 3 -6.17 -8.02 -4.18
N CYS A 4 -6.32 -6.78 -3.70
CA CYS A 4 -5.64 -6.34 -2.50
C CYS A 4 -6.57 -5.50 -1.62
N TYR A 5 -6.30 -5.50 -0.32
CA TYR A 5 -7.11 -4.73 0.62
C TYR A 5 -6.93 -3.24 0.40
N SER A 6 -8.06 -2.53 0.28
CA SER A 6 -8.04 -1.09 0.06
C SER A 6 -7.86 -0.34 1.38
N CYS A 7 -6.71 0.30 1.54
CA CYS A 7 -6.42 1.06 2.75
C CYS A 7 -5.63 2.32 2.43
N LYS A 8 -6.35 3.40 2.15
CA LYS A 8 -5.73 4.68 1.83
C LYS A 8 -6.04 5.72 2.89
N ALA A 9 -5.01 6.42 3.35
CA ALA A 9 -5.17 7.45 4.37
C ALA A 9 -5.99 6.93 5.56
N GLN A 10 -5.43 5.97 6.27
CA GLN A 10 -6.10 5.38 7.43
C GLN A 10 -5.10 5.00 8.50
N VAL A 11 -5.54 5.02 9.75
CA VAL A 11 -4.69 4.68 10.89
C VAL A 11 -5.21 3.44 11.61
N SER A 12 -6.52 3.22 11.54
CA SER A 12 -7.13 2.08 12.18
C SER A 12 -7.13 0.86 11.26
N ASN A 13 -6.38 -0.17 11.65
CA ASN A 13 -6.28 -1.39 10.87
C ASN A 13 -7.67 -1.90 10.49
N GLU A 14 -8.64 -1.65 11.36
CA GLU A 14 -10.01 -2.09 11.11
C GLU A 14 -10.51 -1.59 9.76
N ASP A 15 -10.01 -0.44 9.34
CA ASP A 15 -10.40 0.14 8.06
C ASP A 15 -9.76 -0.61 6.90
N CYS A 16 -8.62 -1.23 7.16
CA CYS A 16 -7.90 -1.99 6.14
C CYS A 16 -8.45 -3.40 6.02
N LEU A 17 -9.77 -3.51 5.83
CA LEU A 17 -10.42 -4.80 5.69
C LEU A 17 -11.11 -4.93 4.34
N GLN A 18 -11.48 -3.79 3.75
CA GLN A 18 -12.13 -3.78 2.45
C GLN A 18 -11.22 -4.35 1.37
N VAL A 19 -11.79 -5.17 0.50
CA VAL A 19 -11.04 -5.79 -0.58
C VAL A 19 -11.38 -5.16 -1.93
N GLU A 20 -10.37 -4.64 -2.61
CA GLU A 20 -10.57 -4.00 -3.91
C GLU A 20 -9.71 -4.66 -4.97
N ASN A 21 -10.21 -4.69 -6.20
CA ASN A 21 -9.49 -5.30 -7.31
C ASN A 21 -8.72 -4.25 -8.10
N CYS A 22 -7.51 -4.60 -8.51
CA CYS A 22 -6.66 -3.69 -9.27
C CYS A 22 -7.27 -3.41 -10.65
N THR A 23 -6.57 -2.62 -11.45
CA THR A 23 -7.03 -2.28 -12.78
C THR A 23 -6.87 -3.46 -13.75
N GLN A 24 -5.64 -3.71 -14.17
CA GLN A 24 -5.36 -4.81 -15.09
C GLN A 24 -4.37 -5.80 -14.46
N LEU A 25 -4.24 -6.97 -15.08
CA LEU A 25 -3.34 -7.99 -14.59
C LEU A 25 -1.88 -7.57 -14.77
N GLY A 26 -1.00 -8.08 -13.92
CA GLY A 26 0.40 -7.73 -14.00
C GLY A 26 0.81 -6.70 -12.98
N GLU A 27 -0.10 -5.79 -12.66
CA GLU A 27 0.18 -4.74 -11.69
C GLU A 27 0.26 -5.31 -10.28
N GLN A 28 1.36 -5.01 -9.59
CA GLN A 28 1.55 -5.50 -8.23
C GLN A 28 1.03 -4.48 -7.21
N CYS A 29 0.78 -4.96 -5.99
CA CYS A 29 0.28 -4.10 -4.93
C CYS A 29 1.39 -3.78 -3.92
N TRP A 30 1.24 -2.65 -3.23
CA TRP A 30 2.22 -2.23 -2.24
C TRP A 30 1.55 -1.49 -1.08
N THR A 31 2.20 -1.51 0.08
CA THR A 31 1.67 -0.84 1.26
C THR A 31 2.66 0.19 1.80
N ALA A 32 2.16 1.38 2.11
CA ALA A 32 3.00 2.45 2.65
C ALA A 32 2.76 2.64 4.14
N ARG A 33 3.84 2.78 4.90
CA ARG A 33 3.75 2.96 6.34
C ARG A 33 4.26 4.34 6.75
N ILE A 34 3.34 5.28 6.94
CA ILE A 34 3.70 6.64 7.32
C ILE A 34 3.87 6.76 8.83
N ARG A 35 4.88 7.50 9.26
CA ARG A 35 5.14 7.68 10.68
C ARG A 35 5.69 9.08 10.95
N ALA A 36 5.00 9.83 11.80
CA ALA A 36 5.41 11.18 12.14
C ALA A 36 5.32 11.42 13.65
N VAL A 37 6.25 12.21 14.18
CA VAL A 37 6.29 12.52 15.60
C VAL A 37 5.05 13.29 16.02
N GLY A 38 4.57 14.16 15.14
CA GLY A 38 3.40 14.96 15.44
C GLY A 38 2.18 14.50 14.68
N LEU A 39 2.08 13.19 14.45
CA LEU A 39 0.95 12.62 13.73
C LEU A 39 0.89 11.11 13.93
N LEU A 40 -0.27 10.53 13.64
CA LEU A 40 -0.47 9.08 13.79
C LEU A 40 -0.02 8.35 12.54
N THR A 41 0.22 7.04 12.68
CA THR A 41 0.66 6.22 11.56
C THR A 41 -0.47 6.03 10.55
N VAL A 42 -0.15 6.20 9.27
CA VAL A 42 -1.14 6.03 8.21
C VAL A 42 -0.74 4.92 7.25
N ILE A 43 -1.71 4.41 6.51
CA ILE A 43 -1.46 3.33 5.56
C ILE A 43 -2.06 3.66 4.19
N SER A 44 -1.29 3.38 3.14
CA SER A 44 -1.75 3.65 1.78
C SER A 44 -1.49 2.45 0.88
N LYS A 45 -2.41 2.21 -0.06
CA LYS A 45 -2.29 1.09 -0.98
C LYS A 45 -2.26 1.58 -2.42
N GLY A 46 -1.45 0.92 -3.25
CA GLY A 46 -1.34 1.31 -4.65
C GLY A 46 -1.09 0.12 -5.56
N CYS A 47 -1.36 0.30 -6.85
CA CYS A 47 -1.16 -0.77 -7.82
C CYS A 47 -0.44 -0.24 -9.07
N SER A 48 0.71 -0.82 -9.36
CA SER A 48 1.50 -0.40 -10.51
C SER A 48 2.00 -1.61 -11.30
N LEU A 49 2.17 -1.44 -12.60
CA LEU A 49 2.65 -2.51 -13.46
C LEU A 49 3.97 -3.07 -12.94
N ASN A 50 4.89 -2.18 -12.59
CA ASN A 50 6.20 -2.59 -12.08
C ASN A 50 6.66 -1.66 -10.97
N CYS A 51 6.74 -2.19 -9.75
CA CYS A 51 7.17 -1.42 -8.60
C CYS A 51 8.51 -0.74 -8.87
N VAL A 52 8.48 0.55 -9.18
CA VAL A 52 9.69 1.30 -9.45
C VAL A 52 10.27 1.89 -8.18
N ASP A 53 11.56 1.65 -7.95
CA ASP A 53 12.24 2.16 -6.77
C ASP A 53 11.45 1.83 -5.50
N ASP A 54 10.89 0.62 -5.46
CA ASP A 54 10.11 0.17 -4.32
C ASP A 54 10.89 0.39 -3.02
N SER A 55 10.16 0.67 -1.94
CA SER A 55 10.78 0.91 -0.64
C SER A 55 11.67 2.15 -0.68
N GLN A 56 11.16 3.22 -1.27
CA GLN A 56 11.91 4.46 -1.38
C GLN A 56 11.12 5.63 -0.78
N ASP A 57 11.29 5.84 0.52
CA ASP A 57 10.58 6.92 1.21
C ASP A 57 10.76 8.23 0.47
N TYR A 58 11.89 8.39 -0.21
CA TYR A 58 12.17 9.60 -0.97
C TYR A 58 11.01 9.95 -1.89
N TYR A 59 10.25 8.94 -2.29
CA TYR A 59 9.11 9.14 -3.17
C TYR A 59 8.29 10.36 -2.74
N VAL A 60 7.65 10.25 -1.58
CA VAL A 60 6.84 11.33 -1.05
C VAL A 60 6.81 11.31 0.47
N GLY A 61 6.99 12.48 1.08
CA GLY A 61 6.99 12.57 2.53
C GLY A 61 7.92 11.56 3.18
N LYS A 62 7.37 10.71 4.03
CA LYS A 62 8.15 9.69 4.72
C LYS A 62 7.31 8.45 4.99
N LYS A 63 7.37 7.50 4.06
CA LYS A 63 6.61 6.25 4.19
C LYS A 63 7.36 5.10 3.54
N ASN A 64 7.26 3.92 4.14
CA ASN A 64 7.92 2.74 3.61
C ASN A 64 6.98 1.94 2.71
N ILE A 65 7.27 1.95 1.41
CA ILE A 65 6.45 1.24 0.44
C ILE A 65 7.04 -0.15 0.16
N THR A 66 6.26 -1.18 0.47
CA THR A 66 6.70 -2.56 0.24
C THR A 66 5.97 -3.16 -0.95
N CYS A 67 6.73 -3.57 -1.96
CA CYS A 67 6.17 -4.17 -3.16
C CYS A 67 5.94 -5.66 -2.96
N CYS A 68 4.87 -6.18 -3.55
CA CYS A 68 4.55 -7.59 -3.45
C CYS A 68 3.64 -8.04 -4.59
N ASP A 69 3.91 -9.22 -5.13
CA ASP A 69 3.12 -9.76 -6.24
C ASP A 69 2.32 -10.97 -5.79
N THR A 70 1.41 -10.76 -4.83
CA THR A 70 0.58 -11.84 -4.30
C THR A 70 -0.80 -11.32 -3.93
N ASP A 71 -1.82 -12.18 -4.12
CA ASP A 71 -3.19 -11.81 -3.80
C ASP A 71 -3.33 -11.42 -2.34
N LEU A 72 -3.74 -10.18 -2.08
CA LEU A 72 -3.90 -9.69 -0.72
C LEU A 72 -2.57 -9.66 0.01
N CYS A 73 -1.49 -9.38 -0.72
CA CYS A 73 -0.16 -9.33 -0.14
C CYS A 73 -0.09 -8.29 0.98
N ASN A 74 -0.93 -7.25 0.86
CA ASN A 74 -0.97 -6.19 1.86
C ASN A 74 -2.02 -6.49 2.93
N ALA A 75 -2.27 -7.77 3.17
CA ALA A 75 -3.24 -8.18 4.17
C ALA A 75 -2.81 -7.78 5.57
N SER A 76 -1.51 -7.89 5.84
CA SER A 76 -0.96 -7.54 7.14
C SER A 76 -0.23 -6.20 7.08
N MET A 1 -5.80 -11.63 -12.36
CA MET A 1 -5.66 -10.29 -11.83
C MET A 1 -5.28 -10.32 -10.35
N LEU A 2 -4.29 -9.52 -9.98
CA LEU A 2 -3.83 -9.46 -8.59
C LEU A 2 -4.80 -8.63 -7.74
N LEU A 3 -5.05 -9.10 -6.52
CA LEU A 3 -5.94 -8.40 -5.61
C LEU A 3 -5.18 -7.86 -4.40
N CYS A 4 -5.54 -6.65 -3.98
CA CYS A 4 -4.90 -6.02 -2.83
C CYS A 4 -5.87 -5.11 -2.09
N TYR A 5 -5.53 -4.77 -0.85
CA TYR A 5 -6.37 -3.91 -0.03
C TYR A 5 -6.45 -2.51 -0.62
N SER A 6 -7.43 -1.73 -0.16
CA SER A 6 -7.62 -0.37 -0.64
C SER A 6 -8.13 0.53 0.48
N CYS A 7 -7.27 1.43 0.94
CA CYS A 7 -7.64 2.36 2.00
C CYS A 7 -6.99 3.73 1.79
N LYS A 8 -7.43 4.72 2.55
CA LYS A 8 -6.90 6.06 2.43
C LYS A 8 -7.14 6.85 3.73
N ALA A 9 -6.05 7.30 4.35
CA ALA A 9 -6.15 8.07 5.58
C ALA A 9 -6.58 7.18 6.75
N GLN A 10 -6.07 5.96 6.77
CA GLN A 10 -6.41 5.01 7.83
C GLN A 10 -5.52 5.22 9.06
N VAL A 11 -6.09 4.99 10.24
CA VAL A 11 -5.35 5.16 11.48
C VAL A 11 -5.06 3.81 12.13
N SER A 12 -5.99 2.87 11.98
CA SER A 12 -5.83 1.55 12.57
C SER A 12 -6.04 0.46 11.50
N ASN A 13 -5.45 -0.70 11.73
CA ASN A 13 -5.58 -1.82 10.79
C ASN A 13 -7.03 -2.23 10.64
N GLU A 14 -7.75 -2.25 11.76
CA GLU A 14 -9.16 -2.63 11.75
C GLU A 14 -9.95 -1.82 10.72
N ASP A 15 -9.55 -0.56 10.56
CA ASP A 15 -10.21 0.32 9.60
C ASP A 15 -9.81 -0.01 8.18
N CYS A 16 -8.54 -0.37 7.99
CA CYS A 16 -8.03 -0.72 6.67
C CYS A 16 -8.20 -2.21 6.40
N LEU A 17 -9.44 -2.64 6.22
CA LEU A 17 -9.73 -4.05 5.96
C LEU A 17 -10.63 -4.19 4.72
N GLN A 18 -10.42 -3.30 3.76
CA GLN A 18 -11.20 -3.34 2.52
C GLN A 18 -10.37 -3.89 1.37
N VAL A 19 -10.71 -5.10 0.94
CA VAL A 19 -9.99 -5.74 -0.16
C VAL A 19 -10.55 -5.32 -1.51
N GLU A 20 -9.68 -4.88 -2.41
CA GLU A 20 -10.10 -4.44 -3.74
C GLU A 20 -9.37 -5.24 -4.82
N ASN A 21 -10.06 -5.48 -5.93
CA ASN A 21 -9.48 -6.23 -7.04
C ASN A 21 -8.94 -5.29 -8.11
N CYS A 22 -7.78 -5.63 -8.66
CA CYS A 22 -7.15 -4.81 -9.69
C CYS A 22 -7.76 -5.09 -11.06
N THR A 23 -7.20 -4.48 -12.09
CA THR A 23 -7.69 -4.67 -13.45
C THR A 23 -7.31 -6.04 -13.99
N GLN A 24 -6.05 -6.20 -14.36
CA GLN A 24 -5.56 -7.47 -14.89
C GLN A 24 -4.27 -7.89 -14.21
N LEU A 25 -3.83 -9.12 -14.47
CA LEU A 25 -2.61 -9.63 -13.88
C LEU A 25 -1.38 -8.89 -14.41
N GLY A 26 -0.34 -8.82 -13.59
CA GLY A 26 0.88 -8.13 -14.00
C GLY A 26 1.14 -6.90 -13.16
N GLU A 27 0.08 -6.24 -12.71
CA GLU A 27 0.21 -5.04 -11.90
C GLU A 27 0.72 -5.38 -10.50
N GLN A 28 1.48 -4.45 -9.91
CA GLN A 28 2.03 -4.65 -8.58
C GLN A 28 1.38 -3.70 -7.58
N CYS A 29 1.26 -4.16 -6.33
CA CYS A 29 0.66 -3.35 -5.28
C CYS A 29 1.73 -2.76 -4.36
N TRP A 30 1.37 -1.71 -3.65
CA TRP A 30 2.30 -1.05 -2.74
C TRP A 30 1.57 -0.47 -1.53
N THR A 31 2.29 -0.30 -0.43
CA THR A 31 1.71 0.25 0.79
C THR A 31 2.45 1.50 1.24
N ALA A 32 1.69 2.51 1.66
CA ALA A 32 2.28 3.76 2.12
C ALA A 32 2.15 3.91 3.64
N ARG A 33 3.28 4.16 4.30
CA ARG A 33 3.28 4.32 5.75
C ARG A 33 3.59 5.77 6.14
N ILE A 34 2.67 6.39 6.86
CA ILE A 34 2.85 7.77 7.29
C ILE A 34 2.69 7.90 8.81
N ARG A 35 3.79 7.77 9.52
CA ARG A 35 3.78 7.86 10.98
C ARG A 35 3.80 9.32 11.43
N ALA A 36 3.48 9.56 12.70
CA ALA A 36 3.47 10.91 13.25
C ALA A 36 3.93 10.91 14.70
N VAL A 37 4.48 12.04 15.14
CA VAL A 37 4.96 12.17 16.51
C VAL A 37 3.85 11.85 17.51
N GLY A 38 2.62 12.21 17.16
CA GLY A 38 1.49 11.95 18.04
C GLY A 38 0.89 10.58 17.83
N LEU A 39 -0.42 10.52 17.65
CA LEU A 39 -1.11 9.26 17.44
C LEU A 39 -1.66 9.17 16.01
N LEU A 40 -2.02 10.31 15.45
CA LEU A 40 -2.56 10.36 14.09
C LEU A 40 -1.67 9.58 13.13
N THR A 41 -2.30 8.80 12.26
CA THR A 41 -1.57 8.00 11.28
C THR A 41 -2.37 7.84 9.99
N VAL A 42 -1.67 7.70 8.88
CA VAL A 42 -2.32 7.54 7.58
C VAL A 42 -1.66 6.41 6.78
N ILE A 43 -2.49 5.61 6.12
CA ILE A 43 -1.99 4.50 5.32
C ILE A 43 -2.69 4.45 3.96
N SER A 44 -1.91 4.41 2.89
CA SER A 44 -2.45 4.36 1.54
C SER A 44 -1.91 3.15 0.78
N LYS A 45 -2.50 2.87 -0.37
CA LYS A 45 -2.09 1.74 -1.20
C LYS A 45 -2.51 1.94 -2.64
N GLY A 46 -1.81 1.26 -3.56
CA GLY A 46 -2.12 1.38 -4.96
C GLY A 46 -1.83 0.11 -5.73
N CYS A 47 -2.19 0.09 -7.01
CA CYS A 47 -1.97 -1.08 -7.85
C CYS A 47 -1.72 -0.67 -9.30
N SER A 48 -0.45 -0.75 -9.71
CA SER A 48 -0.06 -0.39 -11.07
C SER A 48 1.07 -1.28 -11.56
N LEU A 49 1.20 -1.37 -12.88
CA LEU A 49 2.25 -2.18 -13.49
C LEU A 49 3.60 -1.46 -13.46
N ASN A 50 3.54 -0.15 -13.34
CA ASN A 50 4.77 0.67 -13.29
C ASN A 50 5.48 0.48 -11.96
N CYS A 51 4.70 0.22 -10.90
CA CYS A 51 5.28 0.03 -9.57
C CYS A 51 6.41 -0.99 -9.60
N VAL A 52 7.64 -0.49 -9.54
CA VAL A 52 8.81 -1.35 -9.56
C VAL A 52 8.82 -2.31 -8.38
N ASP A 53 9.34 -3.51 -8.59
CA ASP A 53 9.41 -4.52 -7.53
C ASP A 53 9.97 -3.92 -6.24
N ASP A 54 10.92 -3.01 -6.39
CA ASP A 54 11.54 -2.36 -5.24
C ASP A 54 11.37 -0.84 -5.31
N SER A 55 11.30 -0.21 -4.14
CA SER A 55 11.13 1.24 -4.07
C SER A 55 12.20 1.95 -4.89
N GLN A 56 11.83 2.37 -6.08
CA GLN A 56 12.76 3.07 -6.98
C GLN A 56 12.61 4.59 -6.83
N ASP A 57 12.67 5.07 -5.59
CA ASP A 57 12.54 6.50 -5.32
C ASP A 57 12.75 6.79 -3.84
N TYR A 58 13.24 7.98 -3.54
CA TYR A 58 13.50 8.38 -2.16
C TYR A 58 12.23 8.24 -1.32
N TYR A 59 12.21 7.24 -0.45
CA TYR A 59 11.06 6.99 0.41
C TYR A 59 11.45 6.13 1.61
N VAL A 60 11.34 6.71 2.80
CA VAL A 60 11.68 6.00 4.03
C VAL A 60 11.15 6.74 5.26
N GLY A 61 10.89 5.99 6.32
CA GLY A 61 10.38 6.58 7.54
C GLY A 61 8.95 7.07 7.40
N LYS A 62 8.80 8.36 7.10
CA LYS A 62 7.48 8.95 6.93
C LYS A 62 7.12 9.08 5.46
N LYS A 63 5.93 8.62 5.10
CA LYS A 63 5.46 8.69 3.71
C LYS A 63 6.38 7.89 2.79
N ASN A 64 6.43 6.57 2.99
CA ASN A 64 7.27 5.71 2.18
C ASN A 64 6.42 4.72 1.39
N ILE A 65 6.66 4.65 0.09
CA ILE A 65 5.91 3.75 -0.79
C ILE A 65 6.69 2.45 -1.02
N THR A 66 6.16 1.36 -0.49
CA THR A 66 6.80 0.05 -0.64
C THR A 66 5.98 -0.86 -1.56
N CYS A 67 6.59 -1.28 -2.66
CA CYS A 67 5.93 -2.15 -3.62
C CYS A 67 5.99 -3.60 -3.16
N CYS A 68 5.24 -4.46 -3.84
CA CYS A 68 5.21 -5.88 -3.50
C CYS A 68 4.45 -6.67 -4.57
N ASP A 69 4.96 -7.87 -4.87
CA ASP A 69 4.33 -8.72 -5.87
C ASP A 69 3.70 -9.95 -5.21
N THR A 70 2.67 -9.72 -4.41
CA THR A 70 1.97 -10.79 -3.72
C THR A 70 0.52 -10.41 -3.42
N ASP A 71 -0.38 -11.38 -3.57
CA ASP A 71 -1.79 -11.15 -3.30
C ASP A 71 -2.00 -10.51 -1.93
N LEU A 72 -2.70 -9.39 -1.89
CA LEU A 72 -2.97 -8.70 -0.64
C LEU A 72 -1.67 -8.44 0.12
N CYS A 73 -0.65 -7.95 -0.59
CA CYS A 73 0.64 -7.66 0.02
C CYS A 73 0.50 -6.57 1.10
N ASN A 74 -0.49 -5.71 0.92
CA ASN A 74 -0.73 -4.62 1.86
C ASN A 74 -1.73 -5.03 2.93
N ALA A 75 -1.75 -6.33 3.25
CA ALA A 75 -2.66 -6.86 4.26
C ALA A 75 -2.18 -6.52 5.66
N SER A 76 -0.88 -6.64 5.89
CA SER A 76 -0.29 -6.36 7.19
C SER A 76 0.06 -4.87 7.31
N MET A 1 -5.80 -11.12 -12.82
CA MET A 1 -6.20 -10.01 -11.96
C MET A 1 -5.65 -10.17 -10.55
N LEU A 2 -4.66 -9.35 -10.21
CA LEU A 2 -4.05 -9.40 -8.89
C LEU A 2 -4.97 -8.82 -7.83
N LEU A 3 -5.20 -9.59 -6.77
CA LEU A 3 -6.07 -9.15 -5.67
C LEU A 3 -5.24 -8.56 -4.53
N CYS A 4 -5.71 -7.45 -3.98
CA CYS A 4 -5.02 -6.79 -2.88
C CYS A 4 -6.03 -6.18 -1.90
N TYR A 5 -5.56 -5.86 -0.71
CA TYR A 5 -6.41 -5.27 0.32
C TYR A 5 -6.91 -3.90 -0.11
N SER A 6 -7.59 -3.21 0.80
CA SER A 6 -8.13 -1.89 0.52
C SER A 6 -7.98 -0.97 1.72
N CYS A 7 -6.98 -0.11 1.69
CA CYS A 7 -6.72 0.82 2.78
C CYS A 7 -6.22 2.16 2.25
N LYS A 8 -7.03 3.20 2.42
CA LYS A 8 -6.67 4.53 1.97
C LYS A 8 -6.90 5.57 3.06
N ALA A 9 -5.85 6.30 3.42
CA ALA A 9 -5.93 7.32 4.45
C ALA A 9 -6.66 6.79 5.69
N GLN A 10 -5.97 5.95 6.46
CA GLN A 10 -6.55 5.38 7.67
C GLN A 10 -5.46 4.95 8.65
N VAL A 11 -5.78 5.00 9.94
CA VAL A 11 -4.82 4.62 10.98
C VAL A 11 -5.28 3.35 11.69
N SER A 12 -6.59 3.14 11.75
CA SER A 12 -7.15 1.96 12.40
C SER A 12 -6.91 0.71 11.56
N ASN A 13 -5.99 -0.14 12.03
CA ASN A 13 -5.67 -1.38 11.33
C ASN A 13 -6.94 -2.15 11.00
N GLU A 14 -7.91 -2.12 11.91
CA GLU A 14 -9.17 -2.83 11.71
C GLU A 14 -9.81 -2.43 10.37
N ASP A 15 -9.59 -1.19 9.97
CA ASP A 15 -10.15 -0.69 8.71
C ASP A 15 -9.37 -1.25 7.52
N CYS A 16 -8.10 -1.53 7.74
CA CYS A 16 -7.25 -2.08 6.68
C CYS A 16 -7.39 -3.59 6.59
N LEU A 17 -8.62 -4.07 6.56
CA LEU A 17 -8.88 -5.51 6.49
C LEU A 17 -9.69 -5.83 5.23
N GLN A 18 -10.31 -4.82 4.64
CA GLN A 18 -11.11 -5.00 3.43
C GLN A 18 -10.25 -5.52 2.29
N VAL A 19 -10.78 -6.47 1.53
CA VAL A 19 -10.07 -7.05 0.40
C VAL A 19 -10.86 -6.91 -0.89
N GLU A 20 -10.22 -6.37 -1.92
CA GLU A 20 -10.88 -6.18 -3.21
C GLU A 20 -9.95 -6.55 -4.35
N ASN A 21 -10.50 -6.68 -5.55
CA ASN A 21 -9.73 -7.03 -6.73
C ASN A 21 -9.32 -5.78 -7.51
N CYS A 22 -8.08 -5.76 -7.99
CA CYS A 22 -7.58 -4.63 -8.76
C CYS A 22 -8.34 -4.47 -10.07
N THR A 23 -7.96 -3.48 -10.86
CA THR A 23 -8.61 -3.21 -12.14
C THR A 23 -8.21 -4.25 -13.18
N GLN A 24 -6.99 -4.13 -13.70
CA GLN A 24 -6.49 -5.06 -14.71
C GLN A 24 -5.38 -5.93 -14.14
N LEU A 25 -5.21 -7.12 -14.71
CA LEU A 25 -4.18 -8.04 -14.27
C LEU A 25 -2.78 -7.52 -14.61
N GLY A 26 -1.80 -7.91 -13.81
CA GLY A 26 -0.44 -7.46 -14.04
C GLY A 26 -0.05 -6.30 -13.16
N GLU A 27 -1.01 -5.43 -12.88
CA GLU A 27 -0.77 -4.26 -12.04
C GLU A 27 -0.18 -4.66 -10.69
N GLN A 28 0.74 -3.85 -10.18
CA GLN A 28 1.38 -4.12 -8.90
C GLN A 28 0.76 -3.28 -7.79
N CYS A 29 0.77 -3.81 -6.57
CA CYS A 29 0.22 -3.11 -5.43
C CYS A 29 1.33 -2.56 -4.54
N TRP A 30 1.03 -1.47 -3.85
CA TRP A 30 2.00 -0.84 -2.96
C TRP A 30 1.31 -0.26 -1.74
N THR A 31 2.07 -0.10 -0.65
CA THR A 31 1.54 0.44 0.59
C THR A 31 2.35 1.66 1.05
N ALA A 32 1.64 2.72 1.43
CA ALA A 32 2.28 3.95 1.89
C ALA A 32 2.15 4.10 3.40
N ARG A 33 3.24 4.49 4.05
CA ARG A 33 3.24 4.67 5.49
C ARG A 33 3.63 6.10 5.86
N ILE A 34 2.64 6.89 6.27
CA ILE A 34 2.88 8.28 6.65
C ILE A 34 2.63 8.49 8.14
N ARG A 35 3.72 8.65 8.90
CA ARG A 35 3.62 8.87 10.34
C ARG A 35 3.73 10.34 10.68
N ALA A 36 2.69 10.89 11.30
CA ALA A 36 2.67 12.29 11.69
C ALA A 36 3.20 12.48 13.11
N VAL A 37 3.70 13.68 13.39
CA VAL A 37 4.23 13.99 14.71
C VAL A 37 3.11 14.18 15.73
N GLY A 38 1.99 14.75 15.27
CA GLY A 38 0.86 14.99 16.14
C GLY A 38 -0.37 14.22 15.72
N LEU A 39 -0.17 13.02 15.19
CA LEU A 39 -1.27 12.18 14.74
C LEU A 39 -0.79 10.78 14.38
N LEU A 40 -1.71 9.82 14.36
CA LEU A 40 -1.38 8.44 14.04
C LEU A 40 -0.82 8.35 12.61
N THR A 41 -0.50 7.13 12.19
CA THR A 41 0.05 6.89 10.86
C THR A 41 -1.05 6.45 9.90
N VAL A 42 -1.02 7.00 8.69
CA VAL A 42 -2.01 6.67 7.66
C VAL A 42 -1.48 5.60 6.72
N ILE A 43 -2.38 4.80 6.16
CA ILE A 43 -2.00 3.75 5.23
C ILE A 43 -2.76 3.87 3.92
N SER A 44 -2.02 4.08 2.84
CA SER A 44 -2.62 4.22 1.51
C SER A 44 -2.13 3.13 0.58
N LYS A 45 -3.03 2.62 -0.26
CA LYS A 45 -2.69 1.57 -1.21
C LYS A 45 -2.93 2.03 -2.64
N GLY A 46 -2.28 1.36 -3.59
CA GLY A 46 -2.44 1.72 -4.99
C GLY A 46 -2.17 0.56 -5.92
N CYS A 47 -2.81 0.57 -7.08
CA CYS A 47 -2.63 -0.50 -8.06
C CYS A 47 -2.44 0.08 -9.46
N SER A 48 -1.23 -0.09 -9.99
CA SER A 48 -0.91 0.42 -11.33
C SER A 48 0.38 -0.20 -11.84
N LEU A 49 0.64 -0.02 -13.14
CA LEU A 49 1.84 -0.56 -13.76
C LEU A 49 3.08 0.22 -13.33
N ASN A 50 2.97 1.55 -13.36
CA ASN A 50 4.08 2.41 -12.97
C ASN A 50 4.22 2.46 -11.46
N CYS A 51 4.55 1.32 -10.85
CA CYS A 51 4.71 1.24 -9.41
C CYS A 51 6.17 1.41 -9.02
N VAL A 52 6.41 2.08 -7.89
CA VAL A 52 7.77 2.31 -7.41
C VAL A 52 8.55 1.01 -7.35
N ASP A 53 9.88 1.12 -7.40
CA ASP A 53 10.75 -0.05 -7.36
C ASP A 53 10.99 -0.49 -5.92
N ASP A 54 10.17 -1.42 -5.44
CA ASP A 54 10.29 -1.92 -4.08
C ASP A 54 11.73 -2.36 -3.79
N SER A 55 12.23 -2.01 -2.61
CA SER A 55 13.58 -2.36 -2.22
C SER A 55 13.88 -1.89 -0.80
N GLN A 56 14.96 -2.42 -0.22
CA GLN A 56 15.34 -2.05 1.14
C GLN A 56 15.42 -0.53 1.30
N ASP A 57 16.04 0.13 0.32
CA ASP A 57 16.18 1.58 0.35
C ASP A 57 14.81 2.25 0.55
N TYR A 58 14.54 2.68 1.77
CA TYR A 58 13.28 3.33 2.09
C TYR A 58 13.04 4.53 1.17
N TYR A 59 11.89 5.17 1.33
CA TYR A 59 11.53 6.33 0.52
C TYR A 59 11.99 7.61 1.18
N VAL A 60 12.40 8.59 0.36
CA VAL A 60 12.85 9.88 0.86
C VAL A 60 11.87 10.45 1.86
N GLY A 61 12.38 10.80 3.05
CA GLY A 61 11.52 11.36 4.08
C GLY A 61 10.30 10.52 4.35
N LYS A 62 9.25 11.14 4.88
CA LYS A 62 8.01 10.44 5.19
C LYS A 62 7.40 9.85 3.92
N LYS A 63 6.22 9.25 4.06
CA LYS A 63 5.53 8.65 2.93
C LYS A 63 6.40 7.58 2.27
N ASN A 64 6.41 6.39 2.85
CA ASN A 64 7.19 5.28 2.32
C ASN A 64 6.31 4.32 1.53
N ILE A 65 6.46 4.33 0.22
CA ILE A 65 5.68 3.45 -0.65
C ILE A 65 6.45 2.19 -1.00
N THR A 66 5.95 1.04 -0.54
CA THR A 66 6.60 -0.24 -0.82
C THR A 66 5.81 -1.04 -1.85
N CYS A 67 6.47 -1.32 -2.97
CA CYS A 67 5.85 -2.09 -4.05
C CYS A 67 5.89 -3.58 -3.75
N CYS A 68 5.08 -4.35 -4.46
CA CYS A 68 5.03 -5.80 -4.29
C CYS A 68 4.13 -6.45 -5.33
N ASP A 69 4.52 -7.62 -5.81
CA ASP A 69 3.76 -8.35 -6.80
C ASP A 69 3.29 -9.69 -6.25
N THR A 70 2.38 -9.65 -5.27
CA THR A 70 1.86 -10.87 -4.66
C THR A 70 0.42 -10.68 -4.22
N ASP A 71 -0.36 -11.75 -4.29
CA ASP A 71 -1.77 -11.70 -3.89
C ASP A 71 -1.90 -11.22 -2.45
N LEU A 72 -2.52 -10.05 -2.27
CA LEU A 72 -2.72 -9.48 -0.94
C LEU A 72 -1.38 -9.12 -0.31
N CYS A 73 -0.46 -8.62 -1.13
CA CYS A 73 0.86 -8.23 -0.65
C CYS A 73 0.75 -7.07 0.34
N ASN A 74 -0.34 -6.30 0.24
CA ASN A 74 -0.55 -5.16 1.11
C ASN A 74 -1.38 -5.57 2.33
N ALA A 75 -1.24 -6.83 2.74
CA ALA A 75 -1.98 -7.34 3.89
C ALA A 75 -1.40 -6.79 5.19
N SER A 76 -0.08 -6.85 5.33
CA SER A 76 0.59 -6.36 6.52
C SER A 76 0.70 -4.84 6.50
N MET A 1 -6.11 -11.10 -12.98
CA MET A 1 -5.34 -9.98 -12.47
C MET A 1 -5.05 -10.14 -10.98
N LEU A 2 -4.29 -9.21 -10.42
CA LEU A 2 -3.95 -9.25 -9.01
C LEU A 2 -4.94 -8.43 -8.18
N LEU A 3 -5.15 -8.84 -6.93
CA LEU A 3 -6.06 -8.15 -6.04
C LEU A 3 -5.35 -7.71 -4.76
N CYS A 4 -5.68 -6.52 -4.29
CA CYS A 4 -5.08 -5.99 -3.07
C CYS A 4 -6.08 -5.12 -2.30
N TYR A 5 -5.73 -4.79 -1.06
CA TYR A 5 -6.60 -3.98 -0.21
C TYR A 5 -6.76 -2.58 -0.80
N SER A 6 -7.52 -1.73 -0.10
CA SER A 6 -7.76 -0.37 -0.55
C SER A 6 -7.77 0.59 0.63
N CYS A 7 -6.64 1.24 0.88
CA CYS A 7 -6.53 2.19 1.97
C CYS A 7 -5.62 3.36 1.59
N LYS A 8 -6.23 4.52 1.39
CA LYS A 8 -5.49 5.72 1.02
C LYS A 8 -5.56 6.77 2.12
N ALA A 9 -4.40 7.17 2.63
CA ALA A 9 -4.33 8.17 3.69
C ALA A 9 -5.26 7.81 4.85
N GLN A 10 -5.05 6.62 5.40
CA GLN A 10 -5.88 6.15 6.52
C GLN A 10 -5.37 6.71 7.84
N VAL A 11 -6.02 6.34 8.93
CA VAL A 11 -5.64 6.80 10.26
C VAL A 11 -5.18 5.64 11.14
N SER A 12 -5.61 4.43 10.78
CA SER A 12 -5.25 3.24 11.53
C SER A 12 -5.58 1.97 10.74
N ASN A 13 -4.98 0.85 11.15
CA ASN A 13 -5.21 -0.42 10.48
C ASN A 13 -6.67 -0.82 10.55
N GLU A 14 -7.32 -0.52 11.67
CA GLU A 14 -8.72 -0.85 11.86
C GLU A 14 -9.57 -0.38 10.67
N ASP A 15 -9.19 0.76 10.10
CA ASP A 15 -9.90 1.30 8.96
C ASP A 15 -9.39 0.71 7.65
N CYS A 16 -8.12 0.31 7.65
CA CYS A 16 -7.51 -0.29 6.46
C CYS A 16 -7.80 -1.78 6.40
N LEU A 17 -9.04 -2.13 6.12
CA LEU A 17 -9.45 -3.52 6.02
C LEU A 17 -10.39 -3.74 4.84
N GLN A 18 -10.18 -2.98 3.78
CA GLN A 18 -11.01 -3.08 2.58
C GLN A 18 -10.26 -3.80 1.47
N VAL A 19 -10.95 -4.73 0.80
CA VAL A 19 -10.35 -5.49 -0.29
C VAL A 19 -10.92 -5.07 -1.64
N GLU A 20 -10.04 -4.82 -2.60
CA GLU A 20 -10.48 -4.41 -3.93
C GLU A 20 -9.64 -5.10 -5.00
N ASN A 21 -10.08 -4.97 -6.26
CA ASN A 21 -9.38 -5.59 -7.37
C ASN A 21 -8.62 -4.54 -8.18
N CYS A 22 -7.41 -4.89 -8.62
CA CYS A 22 -6.59 -3.97 -9.40
C CYS A 22 -7.23 -3.68 -10.75
N THR A 23 -6.52 -2.94 -11.59
CA THR A 23 -7.02 -2.58 -12.91
C THR A 23 -6.77 -3.70 -13.91
N GLN A 24 -5.52 -3.83 -14.34
CA GLN A 24 -5.15 -4.86 -15.31
C GLN A 24 -4.30 -5.95 -14.64
N LEU A 25 -4.13 -7.06 -15.33
CA LEU A 25 -3.34 -8.17 -14.82
C LEU A 25 -1.85 -7.90 -14.94
N GLY A 26 -1.06 -8.49 -14.05
CA GLY A 26 0.37 -8.29 -14.08
C GLY A 26 0.81 -7.07 -13.28
N GLU A 27 -0.12 -6.48 -12.55
CA GLU A 27 0.17 -5.31 -11.73
C GLU A 27 0.43 -5.70 -10.29
N GLN A 28 1.52 -5.18 -9.73
CA GLN A 28 1.90 -5.47 -8.36
C GLN A 28 1.25 -4.49 -7.39
N CYS A 29 1.55 -4.63 -6.10
CA CYS A 29 0.99 -3.75 -5.08
C CYS A 29 2.05 -3.37 -4.06
N TRP A 30 1.73 -2.39 -3.22
CA TRP A 30 2.66 -1.92 -2.20
C TRP A 30 1.93 -1.17 -1.10
N THR A 31 2.50 -1.17 0.10
CA THR A 31 1.90 -0.49 1.24
C THR A 31 2.86 0.54 1.82
N ALA A 32 2.31 1.71 2.19
CA ALA A 32 3.11 2.77 2.77
C ALA A 32 2.84 2.92 4.26
N ARG A 33 3.91 3.04 5.04
CA ARG A 33 3.80 3.19 6.49
C ARG A 33 4.28 4.55 6.94
N ILE A 34 3.41 5.28 7.64
CA ILE A 34 3.74 6.62 8.12
C ILE A 34 3.62 6.69 9.64
N ARG A 35 4.74 6.93 10.31
CA ARG A 35 4.76 7.03 11.76
C ARG A 35 4.69 8.49 12.21
N ALA A 36 3.70 8.80 13.04
CA ALA A 36 3.53 10.16 13.55
C ALA A 36 3.38 10.16 15.07
N VAL A 37 3.84 11.24 15.70
CA VAL A 37 3.77 11.36 17.16
C VAL A 37 2.31 11.45 17.62
N GLY A 38 1.98 10.70 18.66
CA GLY A 38 0.64 10.72 19.19
C GLY A 38 -0.15 9.48 18.79
N LEU A 39 0.53 8.36 18.65
CA LEU A 39 -0.11 7.11 18.26
C LEU A 39 -0.76 7.24 16.88
N LEU A 40 -0.37 8.27 16.14
CA LEU A 40 -0.92 8.50 14.81
C LEU A 40 -0.17 7.69 13.76
N THR A 41 -0.90 7.21 12.76
CA THR A 41 -0.31 6.41 11.69
C THR A 41 -1.18 6.43 10.44
N VAL A 42 -0.55 6.33 9.28
CA VAL A 42 -1.27 6.33 8.01
C VAL A 42 -0.84 5.16 7.15
N ILE A 43 -1.75 4.70 6.29
CA ILE A 43 -1.47 3.59 5.40
C ILE A 43 -1.96 3.88 3.98
N SER A 44 -1.03 3.82 3.02
CA SER A 44 -1.37 4.07 1.63
C SER A 44 -1.26 2.80 0.79
N LYS A 45 -2.15 2.65 -0.18
CA LYS A 45 -2.15 1.48 -1.05
C LYS A 45 -1.99 1.89 -2.50
N GLY A 46 -1.21 1.11 -3.24
CA GLY A 46 -0.98 1.40 -4.65
C GLY A 46 -0.76 0.16 -5.48
N CYS A 47 -1.38 0.11 -6.66
CA CYS A 47 -1.24 -1.04 -7.55
C CYS A 47 -0.99 -0.59 -8.98
N SER A 48 0.15 -1.00 -9.53
CA SER A 48 0.51 -0.64 -10.91
C SER A 48 1.62 -1.54 -11.43
N LEU A 49 2.04 -1.29 -12.66
CA LEU A 49 3.10 -2.09 -13.29
C LEU A 49 4.45 -1.81 -12.65
N ASN A 50 4.69 -0.53 -12.32
CA ASN A 50 5.95 -0.13 -11.70
C ASN A 50 5.99 -0.56 -10.24
N CYS A 51 6.85 -1.54 -9.93
CA CYS A 51 6.98 -2.03 -8.57
C CYS A 51 8.12 -3.05 -8.48
N VAL A 52 9.32 -2.55 -8.15
CA VAL A 52 10.48 -3.41 -8.03
C VAL A 52 10.83 -3.66 -6.57
N ASP A 53 11.91 -4.41 -6.33
CA ASP A 53 12.35 -4.71 -4.98
C ASP A 53 12.46 -3.44 -4.14
N ASP A 54 12.76 -2.33 -4.80
CA ASP A 54 12.90 -1.05 -4.11
C ASP A 54 11.80 -0.08 -4.55
N SER A 55 10.91 0.25 -3.61
CA SER A 55 9.81 1.15 -3.88
C SER A 55 10.31 2.43 -4.54
N GLN A 56 10.11 2.54 -5.85
CA GLN A 56 10.53 3.72 -6.60
C GLN A 56 9.38 4.32 -7.39
N ASP A 57 8.39 4.83 -6.68
CA ASP A 57 7.22 5.43 -7.32
C ASP A 57 7.01 6.86 -6.84
N TYR A 58 6.60 7.00 -5.57
CA TYR A 58 6.36 8.31 -4.99
C TYR A 58 6.33 8.23 -3.46
N TYR A 59 6.92 9.24 -2.82
CA TYR A 59 6.97 9.28 -1.36
C TYR A 59 7.67 10.56 -0.88
N VAL A 60 7.08 11.19 0.13
CA VAL A 60 7.63 12.42 0.69
C VAL A 60 7.57 12.40 2.21
N GLY A 61 8.21 13.39 2.83
CA GLY A 61 8.22 13.48 4.27
C GLY A 61 8.66 12.19 4.93
N LYS A 62 7.87 11.71 5.88
CA LYS A 62 8.18 10.47 6.59
C LYS A 62 7.24 9.34 6.16
N LYS A 63 7.75 8.43 5.33
CA LYS A 63 6.97 7.31 4.86
C LYS A 63 7.83 6.32 4.09
N ASN A 64 7.48 5.05 4.14
CA ASN A 64 8.22 4.01 3.45
C ASN A 64 7.28 3.07 2.70
N ILE A 65 7.55 2.87 1.42
CA ILE A 65 6.73 1.98 0.59
C ILE A 65 7.41 0.63 0.39
N THR A 66 6.63 -0.43 0.52
CA THR A 66 7.14 -1.78 0.35
C THR A 66 6.43 -2.51 -0.78
N CYS A 67 7.21 -2.99 -1.76
CA CYS A 67 6.66 -3.69 -2.90
C CYS A 67 6.33 -5.14 -2.53
N CYS A 68 5.43 -5.75 -3.30
CA CYS A 68 5.03 -7.14 -3.06
C CYS A 68 4.28 -7.70 -4.26
N ASP A 69 4.49 -8.98 -4.53
CA ASP A 69 3.82 -9.64 -5.66
C ASP A 69 2.93 -10.76 -5.16
N THR A 70 2.15 -10.48 -4.11
CA THR A 70 1.24 -11.47 -3.55
C THR A 70 -0.17 -10.90 -3.40
N ASP A 71 -1.17 -11.76 -3.62
CA ASP A 71 -2.55 -11.33 -3.52
C ASP A 71 -2.87 -10.80 -2.13
N LEU A 72 -3.32 -9.56 -2.07
CA LEU A 72 -3.65 -8.92 -0.79
C LEU A 72 -2.41 -8.80 0.09
N CYS A 73 -1.27 -8.55 -0.54
CA CYS A 73 -0.01 -8.40 0.19
C CYS A 73 -0.08 -7.21 1.15
N ASN A 74 -0.91 -6.23 0.82
CA ASN A 74 -1.06 -5.04 1.65
C ASN A 74 -2.17 -5.24 2.68
N ALA A 75 -2.37 -6.49 3.10
CA ALA A 75 -3.39 -6.81 4.08
C ALA A 75 -3.01 -6.32 5.47
N SER A 76 -1.78 -6.66 5.89
CA SER A 76 -1.29 -6.25 7.20
C SER A 76 -0.64 -4.88 7.13
N MET A 1 -6.86 -9.10 -12.55
CA MET A 1 -6.62 -10.47 -12.13
C MET A 1 -6.12 -10.52 -10.69
N LEU A 2 -5.26 -9.57 -10.33
CA LEU A 2 -4.72 -9.51 -8.98
C LEU A 2 -5.64 -8.73 -8.05
N LEU A 3 -5.78 -9.21 -6.81
CA LEU A 3 -6.64 -8.56 -5.83
C LEU A 3 -5.83 -8.12 -4.61
N CYS A 4 -6.09 -6.91 -4.14
CA CYS A 4 -5.39 -6.38 -2.98
C CYS A 4 -6.29 -5.44 -2.19
N TYR A 5 -5.90 -5.17 -0.94
CA TYR A 5 -6.68 -4.29 -0.07
C TYR A 5 -6.65 -2.86 -0.59
N SER A 6 -7.51 -2.01 -0.02
CA SER A 6 -7.59 -0.62 -0.41
C SER A 6 -8.14 0.25 0.71
N CYS A 7 -7.37 1.24 1.13
CA CYS A 7 -7.78 2.14 2.20
C CYS A 7 -7.32 3.57 1.93
N LYS A 8 -7.44 4.43 2.93
CA LYS A 8 -7.05 5.82 2.79
C LYS A 8 -7.09 6.54 4.14
N ALA A 9 -5.91 6.84 4.68
CA ALA A 9 -5.82 7.52 5.96
C ALA A 9 -6.30 6.62 7.10
N GLN A 10 -5.90 5.36 7.07
CA GLN A 10 -6.29 4.40 8.09
C GLN A 10 -5.37 4.49 9.31
N VAL A 11 -5.95 4.35 10.49
CA VAL A 11 -5.19 4.42 11.73
C VAL A 11 -5.11 3.05 12.40
N SER A 12 -6.16 2.26 12.25
CA SER A 12 -6.20 0.93 12.84
C SER A 12 -6.47 -0.13 11.77
N ASN A 13 -5.85 -1.30 11.94
CA ASN A 13 -6.03 -2.40 10.99
C ASN A 13 -7.52 -2.68 10.75
N GLU A 14 -8.28 -2.71 11.83
CA GLU A 14 -9.71 -2.96 11.74
C GLU A 14 -10.37 -2.06 10.70
N ASP A 15 -9.89 -0.83 10.63
CA ASP A 15 -10.43 0.14 9.67
C ASP A 15 -9.92 -0.15 8.27
N CYS A 16 -8.67 -0.58 8.17
CA CYS A 16 -8.06 -0.89 6.88
C CYS A 16 -8.27 -2.36 6.52
N LEU A 17 -9.53 -2.77 6.46
CA LEU A 17 -9.88 -4.14 6.12
C LEU A 17 -10.74 -4.19 4.86
N GLN A 18 -10.47 -3.29 3.92
CA GLN A 18 -11.23 -3.22 2.68
C GLN A 18 -10.47 -3.93 1.55
N VAL A 19 -11.13 -4.90 0.93
CA VAL A 19 -10.52 -5.65 -0.17
C VAL A 19 -11.16 -5.29 -1.51
N GLU A 20 -10.32 -4.98 -2.49
CA GLU A 20 -10.81 -4.61 -3.82
C GLU A 20 -10.09 -5.42 -4.90
N ASN A 21 -10.68 -5.45 -6.09
CA ASN A 21 -10.10 -6.18 -7.21
C ASN A 21 -9.51 -5.23 -8.24
N CYS A 22 -8.39 -5.62 -8.83
CA CYS A 22 -7.72 -4.80 -9.83
C CYS A 22 -8.35 -4.99 -11.21
N THR A 23 -7.75 -4.39 -12.22
CA THR A 23 -8.25 -4.49 -13.58
C THR A 23 -7.93 -5.86 -14.18
N GLN A 24 -6.68 -6.06 -14.56
CA GLN A 24 -6.25 -7.32 -15.14
C GLN A 24 -4.82 -7.66 -14.73
N LEU A 25 -4.29 -8.75 -15.28
CA LEU A 25 -2.94 -9.18 -14.96
C LEU A 25 -1.91 -8.12 -15.36
N GLY A 26 -0.79 -8.09 -14.66
CA GLY A 26 0.24 -7.11 -14.95
C GLY A 26 0.39 -6.08 -13.85
N GLU A 27 -0.74 -5.55 -13.38
CA GLU A 27 -0.73 -4.55 -12.33
C GLU A 27 -0.45 -5.18 -10.97
N GLN A 28 0.58 -4.68 -10.30
CA GLN A 28 0.96 -5.20 -8.98
C GLN A 28 0.35 -4.35 -7.87
N CYS A 29 0.75 -4.64 -6.63
CA CYS A 29 0.24 -3.90 -5.48
C CYS A 29 1.39 -3.42 -4.60
N TRP A 30 1.14 -2.38 -3.82
CA TRP A 30 2.15 -1.82 -2.93
C TRP A 30 1.51 -1.26 -1.67
N THR A 31 2.27 -1.27 -0.57
CA THR A 31 1.77 -0.76 0.70
C THR A 31 2.73 0.28 1.29
N ALA A 32 2.28 1.52 1.35
CA ALA A 32 3.10 2.60 1.89
C ALA A 32 2.60 3.03 3.28
N ARG A 33 3.46 3.71 4.03
CA ARG A 33 3.11 4.18 5.35
C ARG A 33 3.68 5.57 5.62
N ILE A 34 2.99 6.34 6.44
CA ILE A 34 3.43 7.69 6.78
C ILE A 34 3.16 8.01 8.25
N ARG A 35 4.19 8.48 8.95
CA ARG A 35 4.05 8.82 10.36
C ARG A 35 3.20 10.08 10.53
N ALA A 36 2.97 10.46 11.78
CA ALA A 36 2.17 11.65 12.08
C ALA A 36 2.80 12.45 13.22
N VAL A 37 2.44 13.73 13.29
CA VAL A 37 2.97 14.61 14.32
C VAL A 37 2.79 14.01 15.71
N GLY A 38 1.69 13.29 15.90
CA GLY A 38 1.42 12.67 17.18
C GLY A 38 1.79 11.19 17.19
N LEU A 39 0.81 10.35 17.50
CA LEU A 39 1.03 8.91 17.56
C LEU A 39 0.30 8.21 16.41
N LEU A 40 -0.85 8.73 16.05
CA LEU A 40 -1.65 8.16 14.96
C LEU A 40 -0.80 7.96 13.71
N THR A 41 -1.31 7.18 12.77
CA THR A 41 -0.60 6.91 11.52
C THR A 41 -1.58 6.68 10.37
N VAL A 42 -1.10 6.90 9.15
CA VAL A 42 -1.93 6.71 7.96
C VAL A 42 -1.34 5.64 7.04
N ILE A 43 -2.19 4.76 6.54
CA ILE A 43 -1.76 3.69 5.65
C ILE A 43 -2.34 3.89 4.25
N SER A 44 -1.46 3.84 3.24
CA SER A 44 -1.88 4.01 1.86
C SER A 44 -1.46 2.81 1.01
N LYS A 45 -2.29 2.46 0.04
CA LYS A 45 -2.01 1.32 -0.84
C LYS A 45 -2.58 1.56 -2.23
N GLY A 46 -2.00 0.91 -3.23
CA GLY A 46 -2.47 1.06 -4.59
C GLY A 46 -2.24 -0.18 -5.43
N CYS A 47 -2.70 -0.15 -6.67
CA CYS A 47 -2.53 -1.28 -7.58
C CYS A 47 -2.06 -0.82 -8.95
N SER A 48 -0.77 -1.02 -9.23
CA SER A 48 -0.19 -0.62 -10.51
C SER A 48 1.12 -1.35 -10.76
N LEU A 49 1.75 -1.06 -11.89
CA LEU A 49 3.01 -1.69 -12.25
C LEU A 49 4.15 -0.67 -12.25
N ASN A 50 3.81 0.58 -12.00
CA ASN A 50 4.80 1.66 -11.97
C ASN A 50 5.31 1.88 -10.56
N CYS A 51 5.38 0.81 -9.78
CA CYS A 51 5.86 0.88 -8.40
C CYS A 51 7.37 0.70 -8.34
N VAL A 52 7.91 0.62 -7.13
CA VAL A 52 9.34 0.45 -6.93
C VAL A 52 9.62 -0.74 -6.02
N ASP A 53 10.55 -1.59 -6.44
CA ASP A 53 10.92 -2.77 -5.66
C ASP A 53 11.24 -2.39 -4.22
N ASP A 54 11.78 -1.19 -4.04
CA ASP A 54 12.14 -0.70 -2.71
C ASP A 54 12.16 0.82 -2.68
N SER A 55 11.61 1.40 -1.62
CA SER A 55 11.57 2.84 -1.47
C SER A 55 12.46 3.30 -0.31
N GLN A 56 13.66 2.75 -0.25
CA GLN A 56 14.61 3.10 0.81
C GLN A 56 15.39 4.36 0.47
N ASP A 57 15.71 4.51 -0.82
CA ASP A 57 16.45 5.67 -1.29
C ASP A 57 15.65 6.46 -2.33
N TYR A 58 14.90 5.72 -3.14
CA TYR A 58 14.09 6.35 -4.19
C TYR A 58 13.22 7.46 -3.61
N TYR A 59 12.23 7.08 -2.80
CA TYR A 59 11.34 8.05 -2.18
C TYR A 59 11.94 8.63 -0.91
N VAL A 60 12.52 9.82 -1.03
CA VAL A 60 13.13 10.48 0.11
C VAL A 60 12.09 10.89 1.14
N GLY A 61 10.93 11.32 0.66
CA GLY A 61 9.86 11.73 1.55
C GLY A 61 9.60 10.72 2.65
N LYS A 62 9.17 11.22 3.81
CA LYS A 62 8.89 10.35 4.94
C LYS A 62 8.05 9.15 4.52
N LYS A 63 7.16 9.37 3.56
CA LYS A 63 6.30 8.30 3.05
C LYS A 63 7.10 7.30 2.22
N ASN A 64 7.04 6.03 2.60
CA ASN A 64 7.76 4.98 1.88
C ASN A 64 6.79 3.98 1.26
N ILE A 65 6.97 3.70 -0.03
CA ILE A 65 6.11 2.77 -0.73
C ILE A 65 6.80 1.42 -0.93
N THR A 66 6.11 0.34 -0.58
CA THR A 66 6.65 -0.99 -0.72
C THR A 66 5.85 -1.82 -1.72
N CYS A 67 6.51 -2.24 -2.80
CA CYS A 67 5.85 -3.03 -3.83
C CYS A 67 5.79 -4.51 -3.42
N CYS A 68 4.94 -5.28 -4.11
CA CYS A 68 4.79 -6.69 -3.82
C CYS A 68 3.97 -7.38 -4.91
N ASP A 69 4.31 -8.63 -5.19
CA ASP A 69 3.61 -9.40 -6.21
C ASP A 69 2.92 -10.61 -5.60
N THR A 70 1.88 -10.35 -4.78
CA THR A 70 1.15 -11.42 -4.13
C THR A 70 -0.28 -10.99 -3.84
N ASP A 71 -1.21 -11.93 -3.94
CA ASP A 71 -2.62 -11.66 -3.69
C ASP A 71 -2.82 -11.10 -2.28
N LEU A 72 -3.41 -9.91 -2.19
CA LEU A 72 -3.65 -9.27 -0.91
C LEU A 72 -2.36 -9.10 -0.12
N CYS A 73 -1.26 -8.84 -0.84
CA CYS A 73 0.03 -8.66 -0.21
C CYS A 73 0.00 -7.52 0.80
N ASN A 74 -0.90 -6.56 0.58
CA ASN A 74 -1.03 -5.43 1.47
C ASN A 74 -2.09 -5.70 2.55
N ALA A 75 -2.18 -6.95 2.97
CA ALA A 75 -3.15 -7.35 3.99
C ALA A 75 -2.67 -6.94 5.38
N SER A 76 -1.36 -7.08 5.61
CA SER A 76 -0.78 -6.73 6.91
C SER A 76 -0.01 -5.42 6.82
N MET A 1 -7.56 -10.11 -12.70
CA MET A 1 -7.29 -8.87 -11.97
C MET A 1 -6.75 -9.18 -10.57
N LEU A 2 -5.49 -8.84 -10.34
CA LEU A 2 -4.85 -9.08 -9.05
C LEU A 2 -5.66 -8.43 -7.93
N LEU A 3 -5.99 -9.22 -6.90
CA LEU A 3 -6.75 -8.73 -5.77
C LEU A 3 -5.83 -8.11 -4.72
N CYS A 4 -6.19 -6.93 -4.24
CA CYS A 4 -5.40 -6.23 -3.24
C CYS A 4 -6.29 -5.43 -2.30
N TYR A 5 -5.85 -5.26 -1.06
CA TYR A 5 -6.61 -4.51 -0.07
C TYR A 5 -6.73 -3.04 -0.47
N SER A 6 -7.47 -2.28 0.33
CA SER A 6 -7.68 -0.86 0.06
C SER A 6 -7.87 -0.08 1.36
N CYS A 7 -6.87 0.72 1.71
CA CYS A 7 -6.92 1.52 2.93
C CYS A 7 -6.27 2.89 2.71
N LYS A 8 -7.10 3.90 2.49
CA LYS A 8 -6.60 5.26 2.27
C LYS A 8 -6.82 6.12 3.51
N ALA A 9 -5.72 6.62 4.07
CA ALA A 9 -5.78 7.46 5.25
C ALA A 9 -6.29 6.68 6.46
N GLN A 10 -6.11 5.37 6.41
CA GLN A 10 -6.56 4.50 7.50
C GLN A 10 -5.51 4.44 8.61
N VAL A 11 -5.97 4.52 9.85
CA VAL A 11 -5.07 4.48 11.01
C VAL A 11 -5.31 3.23 11.85
N SER A 12 -6.56 2.77 11.87
CA SER A 12 -6.94 1.59 12.64
C SER A 12 -7.01 0.35 11.74
N ASN A 13 -6.52 -0.77 12.24
CA ASN A 13 -6.54 -2.01 11.49
C ASN A 13 -7.96 -2.39 11.08
N GLU A 14 -8.89 -2.29 12.02
CA GLU A 14 -10.29 -2.62 11.77
C GLU A 14 -10.79 -1.90 10.52
N ASP A 15 -10.30 -0.67 10.31
CA ASP A 15 -10.70 0.12 9.16
C ASP A 15 -9.99 -0.37 7.89
N CYS A 16 -8.73 -0.77 8.04
CA CYS A 16 -7.95 -1.26 6.91
C CYS A 16 -8.17 -2.75 6.70
N LEU A 17 -9.37 -3.11 6.23
CA LEU A 17 -9.71 -4.50 5.99
C LEU A 17 -10.62 -4.64 4.77
N GLN A 18 -10.43 -3.74 3.81
CA GLN A 18 -11.24 -3.76 2.59
C GLN A 18 -10.47 -4.41 1.43
N VAL A 19 -11.11 -5.37 0.77
CA VAL A 19 -10.48 -6.06 -0.35
C VAL A 19 -11.13 -5.67 -1.67
N GLU A 20 -10.31 -5.14 -2.59
CA GLU A 20 -10.82 -4.72 -3.89
C GLU A 20 -9.94 -5.28 -5.01
N ASN A 21 -10.57 -5.63 -6.13
CA ASN A 21 -9.85 -6.18 -7.27
C ASN A 21 -9.22 -5.06 -8.10
N CYS A 22 -7.98 -5.29 -8.55
CA CYS A 22 -7.28 -4.31 -9.35
C CYS A 22 -7.96 -4.11 -10.70
N THR A 23 -7.35 -3.28 -11.55
CA THR A 23 -7.91 -3.01 -12.87
C THR A 23 -7.60 -4.14 -13.84
N GLN A 24 -6.32 -4.31 -14.17
CA GLN A 24 -5.90 -5.36 -15.09
C GLN A 24 -4.86 -6.27 -14.44
N LEU A 25 -4.58 -7.39 -15.09
CA LEU A 25 -3.60 -8.35 -14.58
C LEU A 25 -2.18 -7.88 -14.86
N GLY A 26 -1.25 -8.28 -14.00
CA GLY A 26 0.14 -7.90 -14.17
C GLY A 26 0.54 -6.78 -13.23
N GLU A 27 -0.38 -5.87 -12.96
CA GLU A 27 -0.12 -4.74 -12.09
C GLU A 27 0.28 -5.21 -10.69
N GLN A 28 1.35 -4.64 -10.15
CA GLN A 28 1.82 -5.01 -8.82
C GLN A 28 1.31 -4.04 -7.77
N CYS A 29 1.05 -4.56 -6.58
CA CYS A 29 0.55 -3.73 -5.48
C CYS A 29 1.65 -3.46 -4.46
N TRP A 30 1.44 -2.44 -3.63
CA TRP A 30 2.42 -2.07 -2.61
C TRP A 30 1.72 -1.48 -1.38
N THR A 31 2.41 -1.51 -0.25
CA THR A 31 1.87 -0.98 0.99
C THR A 31 2.81 0.05 1.61
N ALA A 32 2.33 1.28 1.72
CA ALA A 32 3.12 2.36 2.29
C ALA A 32 2.67 2.69 3.72
N ARG A 33 3.61 3.04 4.57
CA ARG A 33 3.30 3.37 5.96
C ARG A 33 3.80 4.77 6.30
N ILE A 34 2.87 5.67 6.64
CA ILE A 34 3.21 7.03 6.99
C ILE A 34 3.20 7.24 8.49
N ARG A 35 4.36 7.57 9.06
CA ARG A 35 4.48 7.79 10.50
C ARG A 35 4.32 9.27 10.84
N ALA A 36 4.26 9.57 12.12
CA ALA A 36 4.10 10.94 12.57
C ALA A 36 4.45 11.07 14.06
N VAL A 37 5.33 12.03 14.37
CA VAL A 37 5.75 12.26 15.75
C VAL A 37 4.66 12.95 16.55
N GLY A 38 3.91 13.83 15.88
CA GLY A 38 2.84 14.55 16.54
C GLY A 38 1.51 14.41 15.83
N LEU A 39 1.30 13.25 15.22
CA LEU A 39 0.06 12.98 14.50
C LEU A 39 -0.23 11.48 14.46
N LEU A 40 -1.36 11.13 13.83
CA LEU A 40 -1.74 9.73 13.71
C LEU A 40 -1.09 9.07 12.50
N THR A 41 -0.91 7.76 12.57
CA THR A 41 -0.31 7.02 11.48
C THR A 41 -1.35 6.60 10.44
N VAL A 42 -1.06 6.88 9.17
CA VAL A 42 -1.97 6.53 8.09
C VAL A 42 -1.36 5.48 7.17
N ILE A 43 -2.22 4.72 6.50
CA ILE A 43 -1.76 3.67 5.59
C ILE A 43 -2.25 3.94 4.17
N SER A 44 -1.47 3.52 3.19
CA SER A 44 -1.83 3.70 1.79
C SER A 44 -1.37 2.51 0.94
N LYS A 45 -2.15 2.19 -0.07
CA LYS A 45 -1.84 1.08 -0.96
C LYS A 45 -1.82 1.52 -2.42
N GLY A 46 -1.42 0.61 -3.30
CA GLY A 46 -1.37 0.93 -4.72
C GLY A 46 -1.43 -0.29 -5.60
N CYS A 47 -1.57 -0.09 -6.91
CA CYS A 47 -1.65 -1.19 -7.86
C CYS A 47 -1.37 -0.71 -9.27
N SER A 48 -0.16 -0.96 -9.76
CA SER A 48 0.22 -0.55 -11.11
C SER A 48 1.49 -1.27 -11.56
N LEU A 49 1.82 -1.11 -12.84
CA LEU A 49 3.01 -1.75 -13.39
C LEU A 49 4.28 -1.11 -12.84
N ASN A 50 4.29 0.22 -12.77
CA ASN A 50 5.43 0.95 -12.25
C ASN A 50 5.51 0.87 -10.74
N CYS A 51 5.82 -0.32 -10.23
CA CYS A 51 5.92 -0.53 -8.79
C CYS A 51 7.37 -0.44 -8.32
N VAL A 52 7.60 0.34 -7.27
CA VAL A 52 8.94 0.52 -6.72
C VAL A 52 9.56 -0.82 -6.35
N ASP A 53 10.80 -0.79 -5.87
CA ASP A 53 11.50 -2.00 -5.48
C ASP A 53 11.56 -2.12 -3.96
N ASP A 54 11.70 -0.99 -3.28
CA ASP A 54 11.76 -0.97 -1.82
C ASP A 54 11.51 0.43 -1.28
N SER A 55 11.56 0.57 0.03
CA SER A 55 11.33 1.86 0.68
C SER A 55 12.37 2.88 0.24
N GLN A 56 12.42 4.01 0.95
CA GLN A 56 13.38 5.06 0.64
C GLN A 56 13.54 5.21 -0.87
N ASP A 57 12.43 5.40 -1.57
CA ASP A 57 12.46 5.55 -3.02
C ASP A 57 12.51 7.03 -3.41
N TYR A 58 12.25 7.31 -4.68
CA TYR A 58 12.28 8.68 -5.18
C TYR A 58 11.44 9.59 -4.30
N TYR A 59 10.38 9.03 -3.72
CA TYR A 59 9.49 9.79 -2.85
C TYR A 59 10.29 10.57 -1.81
N VAL A 60 9.71 11.68 -1.35
CA VAL A 60 10.37 12.52 -0.35
C VAL A 60 10.85 11.68 0.83
N GLY A 61 9.92 11.29 1.69
CA GLY A 61 10.26 10.49 2.85
C GLY A 61 9.09 10.29 3.79
N LYS A 62 9.38 9.95 5.04
CA LYS A 62 8.35 9.72 6.04
C LYS A 62 7.29 8.75 5.51
N LYS A 63 7.73 7.81 4.68
CA LYS A 63 6.83 6.82 4.10
C LYS A 63 7.62 5.67 3.47
N ASN A 64 7.39 4.46 3.96
CA ASN A 64 8.08 3.29 3.44
C ASN A 64 7.15 2.47 2.54
N ILE A 65 7.44 2.48 1.25
CA ILE A 65 6.63 1.73 0.28
C ILE A 65 7.24 0.37 0.00
N THR A 66 6.43 -0.68 0.15
CA THR A 66 6.89 -2.04 -0.10
C THR A 66 6.15 -2.67 -1.28
N CYS A 67 6.91 -3.04 -2.31
CA CYS A 67 6.33 -3.65 -3.50
C CYS A 67 6.05 -5.13 -3.27
N CYS A 68 5.16 -5.69 -4.07
CA CYS A 68 4.80 -7.11 -3.96
C CYS A 68 3.85 -7.52 -5.09
N ASP A 69 4.01 -8.75 -5.55
CA ASP A 69 3.16 -9.28 -6.62
C ASP A 69 2.44 -10.55 -6.18
N THR A 70 1.54 -10.40 -5.21
CA THR A 70 0.77 -11.53 -4.69
C THR A 70 -0.63 -11.10 -4.28
N ASP A 71 -1.58 -12.02 -4.39
CA ASP A 71 -2.96 -11.74 -4.01
C ASP A 71 -3.06 -11.26 -2.57
N LEU A 72 -3.47 -10.01 -2.40
CA LEU A 72 -3.61 -9.43 -1.06
C LEU A 72 -2.25 -9.29 -0.40
N CYS A 73 -1.23 -8.98 -1.19
CA CYS A 73 0.13 -8.82 -0.67
C CYS A 73 0.19 -7.65 0.30
N ASN A 74 -0.72 -6.69 0.14
CA ASN A 74 -0.75 -5.52 1.00
C ASN A 74 -1.71 -5.73 2.17
N ALA A 75 -1.84 -6.98 2.60
CA ALA A 75 -2.72 -7.32 3.71
C ALA A 75 -2.12 -6.89 5.04
N SER A 76 -0.83 -7.15 5.21
CA SER A 76 -0.14 -6.78 6.44
C SER A 76 -0.81 -7.43 7.66
N MET A 1 -5.46 -10.72 -12.99
CA MET A 1 -6.11 -9.75 -12.10
C MET A 1 -5.68 -9.97 -10.65
N LEU A 2 -4.85 -9.06 -10.15
CA LEU A 2 -4.37 -9.14 -8.78
C LEU A 2 -5.34 -8.48 -7.82
N LEU A 3 -5.49 -9.05 -6.63
CA LEU A 3 -6.38 -8.51 -5.62
C LEU A 3 -5.59 -7.84 -4.50
N CYS A 4 -6.06 -6.66 -4.08
CA CYS A 4 -5.40 -5.91 -3.01
C CYS A 4 -6.42 -5.14 -2.18
N TYR A 5 -6.09 -4.94 -0.91
CA TYR A 5 -6.99 -4.22 0.00
C TYR A 5 -7.16 -2.77 -0.45
N SER A 6 -8.36 -2.24 -0.26
CA SER A 6 -8.66 -0.87 -0.64
C SER A 6 -8.75 0.02 0.58
N CYS A 7 -7.73 0.83 0.80
CA CYS A 7 -7.69 1.74 1.93
C CYS A 7 -7.04 3.07 1.56
N LYS A 8 -7.44 4.14 2.23
CA LYS A 8 -6.89 5.46 1.97
C LYS A 8 -6.93 6.33 3.23
N ALA A 9 -5.76 6.79 3.66
CA ALA A 9 -5.65 7.63 4.84
C ALA A 9 -6.40 7.01 6.02
N GLN A 10 -5.94 5.85 6.47
CA GLN A 10 -6.57 5.16 7.58
C GLN A 10 -5.53 4.61 8.56
N VAL A 11 -5.84 4.66 9.84
CA VAL A 11 -4.92 4.16 10.86
C VAL A 11 -5.46 2.89 11.51
N SER A 12 -6.78 2.81 11.63
CA SER A 12 -7.42 1.64 12.24
C SER A 12 -7.45 0.47 11.27
N ASN A 13 -6.75 -0.61 11.64
CA ASN A 13 -6.69 -1.80 10.79
C ASN A 13 -8.09 -2.25 10.39
N GLU A 14 -9.05 -2.10 11.31
CA GLU A 14 -10.42 -2.50 11.05
C GLU A 14 -10.98 -1.76 9.83
N ASP A 15 -10.54 -0.52 9.65
CA ASP A 15 -11.00 0.29 8.53
C ASP A 15 -10.35 -0.16 7.24
N CYS A 16 -9.12 -0.65 7.33
CA CYS A 16 -8.39 -1.13 6.17
C CYS A 16 -8.65 -2.61 5.92
N LEU A 17 -9.93 -2.99 5.97
CA LEU A 17 -10.32 -4.37 5.75
C LEU A 17 -11.04 -4.54 4.42
N GLN A 18 -11.11 -3.44 3.64
CA GLN A 18 -11.76 -3.46 2.35
C GLN A 18 -10.91 -4.18 1.31
N VAL A 19 -11.55 -4.97 0.46
CA VAL A 19 -10.84 -5.71 -0.58
C VAL A 19 -11.39 -5.37 -1.96
N GLU A 20 -10.49 -5.07 -2.89
CA GLU A 20 -10.87 -4.72 -4.25
C GLU A 20 -9.87 -5.25 -5.25
N ASN A 21 -10.36 -5.66 -6.43
CA ASN A 21 -9.51 -6.20 -7.47
C ASN A 21 -8.84 -5.08 -8.26
N CYS A 22 -7.59 -5.31 -8.68
CA CYS A 22 -6.85 -4.32 -9.44
C CYS A 22 -7.44 -4.14 -10.83
N THR A 23 -6.84 -3.26 -11.63
CA THR A 23 -7.30 -3.00 -12.99
C THR A 23 -6.91 -4.14 -13.92
N GLN A 24 -5.63 -4.22 -14.23
CA GLN A 24 -5.13 -5.26 -15.13
C GLN A 24 -4.29 -6.28 -14.36
N LEU A 25 -4.00 -7.41 -15.01
CA LEU A 25 -3.20 -8.46 -14.39
C LEU A 25 -1.71 -8.11 -14.41
N GLY A 26 -0.97 -8.62 -13.44
CA GLY A 26 0.45 -8.36 -13.38
C GLY A 26 0.78 -7.18 -12.48
N GLU A 27 -0.12 -6.20 -12.44
CA GLU A 27 0.08 -5.01 -11.62
C GLU A 27 0.32 -5.39 -10.17
N GLN A 28 1.38 -4.83 -9.58
CA GLN A 28 1.72 -5.11 -8.20
C GLN A 28 1.13 -4.06 -7.27
N CYS A 29 1.20 -4.32 -5.96
CA CYS A 29 0.67 -3.39 -4.97
C CYS A 29 1.75 -3.01 -3.96
N TRP A 30 1.50 -1.93 -3.22
CA TRP A 30 2.44 -1.46 -2.22
C TRP A 30 1.71 -0.89 -1.01
N THR A 31 2.41 -0.82 0.12
CA THR A 31 1.83 -0.30 1.35
C THR A 31 2.67 0.84 1.92
N ALA A 32 2.01 1.95 2.23
CA ALA A 32 2.69 3.11 2.77
C ALA A 32 2.41 3.26 4.27
N ARG A 33 3.43 3.62 5.02
CA ARG A 33 3.30 3.79 6.47
C ARG A 33 3.81 5.17 6.90
N ILE A 34 2.88 6.09 7.12
CA ILE A 34 3.22 7.44 7.54
C ILE A 34 3.14 7.58 9.05
N ARG A 35 4.25 7.97 9.67
CA ARG A 35 4.30 8.15 11.12
C ARG A 35 4.15 9.61 11.49
N ALA A 36 3.13 9.92 12.28
CA ALA A 36 2.87 11.28 12.72
C ALA A 36 3.87 11.72 13.78
N VAL A 37 3.97 13.03 14.00
CA VAL A 37 4.89 13.58 15.00
C VAL A 37 4.70 12.89 16.35
N GLY A 38 3.47 12.48 16.65
CA GLY A 38 3.19 11.82 17.91
C GLY A 38 3.18 10.31 17.77
N LEU A 39 1.99 9.72 17.84
CA LEU A 39 1.84 8.27 17.73
C LEU A 39 0.99 7.90 16.52
N LEU A 40 0.06 8.78 16.17
CA LEU A 40 -0.82 8.56 15.03
C LEU A 40 -0.03 8.06 13.82
N THR A 41 -0.62 7.15 13.06
CA THR A 41 0.02 6.60 11.88
C THR A 41 -1.01 6.20 10.82
N VAL A 42 -0.93 6.83 9.66
CA VAL A 42 -1.85 6.55 8.56
C VAL A 42 -1.30 5.44 7.66
N ILE A 43 -2.18 4.89 6.82
CA ILE A 43 -1.78 3.83 5.91
C ILE A 43 -2.44 4.00 4.55
N SER A 44 -1.67 3.76 3.49
CA SER A 44 -2.19 3.89 2.13
C SER A 44 -1.69 2.76 1.24
N LYS A 45 -2.52 2.35 0.29
CA LYS A 45 -2.17 1.27 -0.63
C LYS A 45 -2.17 1.76 -2.07
N GLY A 46 -1.67 0.92 -2.97
CA GLY A 46 -1.63 1.28 -4.38
C GLY A 46 -1.51 0.07 -5.28
N CYS A 47 -1.77 0.27 -6.57
CA CYS A 47 -1.70 -0.81 -7.54
C CYS A 47 -1.15 -0.31 -8.88
N SER A 48 0.05 -0.75 -9.23
CA SER A 48 0.69 -0.34 -10.47
C SER A 48 1.61 -1.43 -10.99
N LEU A 49 1.84 -1.42 -12.30
CA LEU A 49 2.71 -2.42 -12.93
C LEU A 49 4.18 -2.03 -12.77
N ASN A 50 4.45 -0.73 -12.81
CA ASN A 50 5.81 -0.23 -12.67
C ASN A 50 6.13 0.08 -11.21
N CYS A 51 5.77 -0.84 -10.32
CA CYS A 51 6.01 -0.66 -8.90
C CYS A 51 7.33 -1.31 -8.48
N VAL A 52 8.37 -0.51 -8.32
CA VAL A 52 9.67 -1.00 -7.93
C VAL A 52 9.59 -1.82 -6.65
N ASP A 53 10.22 -2.98 -6.65
CA ASP A 53 10.22 -3.87 -5.49
C ASP A 53 10.65 -3.11 -4.24
N ASP A 54 11.74 -2.36 -4.35
CA ASP A 54 12.25 -1.58 -3.23
C ASP A 54 12.30 -0.10 -3.56
N SER A 55 11.84 0.74 -2.64
CA SER A 55 11.82 2.18 -2.85
C SER A 55 13.24 2.71 -3.10
N GLN A 56 13.57 2.90 -4.37
CA GLN A 56 14.89 3.40 -4.75
C GLN A 56 14.78 4.67 -5.57
N ASP A 57 13.86 5.55 -5.16
CA ASP A 57 13.65 6.81 -5.86
C ASP A 57 13.45 7.96 -4.88
N TYR A 58 13.15 9.14 -5.40
CA TYR A 58 12.93 10.32 -4.56
C TYR A 58 11.45 10.54 -4.30
N TYR A 59 10.82 9.60 -3.61
CA TYR A 59 9.40 9.69 -3.30
C TYR A 59 9.11 9.15 -1.90
N VAL A 60 10.07 9.35 -0.99
CA VAL A 60 9.92 8.89 0.39
C VAL A 60 9.73 10.07 1.34
N GLY A 61 8.49 10.54 1.45
CA GLY A 61 8.20 11.66 2.33
C GLY A 61 7.49 11.23 3.60
N LYS A 62 8.25 10.98 4.66
CA LYS A 62 7.67 10.56 5.92
C LYS A 62 6.73 9.38 5.74
N LYS A 63 7.01 8.55 4.74
CA LYS A 63 6.20 7.38 4.45
C LYS A 63 7.02 6.29 3.79
N ASN A 64 6.89 5.07 4.30
CA ASN A 64 7.63 3.93 3.74
C ASN A 64 6.74 3.09 2.83
N ILE A 65 7.01 3.15 1.54
CA ILE A 65 6.24 2.39 0.56
C ILE A 65 6.93 1.09 0.19
N THR A 66 6.31 -0.03 0.58
CA THR A 66 6.87 -1.34 0.29
C THR A 66 6.04 -2.08 -0.76
N CYS A 67 6.67 -2.41 -1.88
CA CYS A 67 5.98 -3.10 -2.97
C CYS A 67 5.87 -4.60 -2.66
N CYS A 68 5.06 -5.30 -3.44
CA CYS A 68 4.88 -6.73 -3.26
C CYS A 68 4.13 -7.34 -4.44
N ASP A 69 4.53 -8.54 -4.83
CA ASP A 69 3.90 -9.24 -5.95
C ASP A 69 3.08 -10.43 -5.47
N THR A 70 2.24 -10.20 -4.45
CA THR A 70 1.41 -11.25 -3.90
C THR A 70 -0.01 -10.75 -3.65
N ASP A 71 -0.97 -11.66 -3.71
CA ASP A 71 -2.38 -11.32 -3.49
C ASP A 71 -2.58 -10.79 -2.08
N LEU A 72 -3.35 -9.70 -1.96
CA LEU A 72 -3.63 -9.10 -0.68
C LEU A 72 -2.35 -8.93 0.14
N CYS A 73 -1.25 -8.67 -0.56
CA CYS A 73 0.04 -8.49 0.10
C CYS A 73 0.01 -7.30 1.05
N ASN A 74 -0.85 -6.33 0.74
CA ASN A 74 -0.98 -5.13 1.57
C ASN A 74 -2.08 -5.31 2.62
N ALA A 75 -2.26 -6.55 3.07
CA ALA A 75 -3.27 -6.86 4.07
C ALA A 75 -2.85 -6.36 5.45
N SER A 76 -1.57 -6.51 5.75
CA SER A 76 -1.04 -6.08 7.05
C SER A 76 -0.37 -4.72 6.93
#